data_4E09
# 
_entry.id   4E09 
# 
_audit_conform.dict_name       mmcif_pdbx.dic 
_audit_conform.dict_version    5.387 
_audit_conform.dict_location   http://mmcif.pdb.org/dictionaries/ascii/mmcif_pdbx.dic 
# 
loop_
_database_2.database_id 
_database_2.database_code 
_database_2.pdbx_database_accession 
_database_2.pdbx_DOI 
PDB   4E09         pdb_00004e09 10.2210/pdb4e09/pdb 
RCSB  RCSB071005   ?            ?                   
WWPDB D_1000071005 ?            ?                   
# 
loop_
_pdbx_audit_revision_history.ordinal 
_pdbx_audit_revision_history.data_content_type 
_pdbx_audit_revision_history.major_revision 
_pdbx_audit_revision_history.minor_revision 
_pdbx_audit_revision_history.revision_date 
1 'Structure model' 1 0 2012-06-13 
2 'Structure model' 1 1 2012-06-20 
3 'Structure model' 1 2 2012-08-15 
4 'Structure model' 1 3 2024-02-28 
# 
_pdbx_audit_revision_details.ordinal             1 
_pdbx_audit_revision_details.revision_ordinal    1 
_pdbx_audit_revision_details.data_content_type   'Structure model' 
_pdbx_audit_revision_details.provider            repository 
_pdbx_audit_revision_details.type                'Initial release' 
_pdbx_audit_revision_details.description         ? 
_pdbx_audit_revision_details.details             ? 
# 
loop_
_pdbx_audit_revision_group.ordinal 
_pdbx_audit_revision_group.revision_ordinal 
_pdbx_audit_revision_group.data_content_type 
_pdbx_audit_revision_group.group 
1 2 'Structure model' 'Database references'  
2 3 'Structure model' 'Database references'  
3 4 'Structure model' 'Data collection'      
4 4 'Structure model' 'Database references'  
5 4 'Structure model' 'Derived calculations' 
# 
loop_
_pdbx_audit_revision_category.ordinal 
_pdbx_audit_revision_category.revision_ordinal 
_pdbx_audit_revision_category.data_content_type 
_pdbx_audit_revision_category.category 
1 4 'Structure model' chem_comp_atom     
2 4 'Structure model' chem_comp_bond     
3 4 'Structure model' database_2         
4 4 'Structure model' struct_ref_seq_dif 
5 4 'Structure model' struct_site        
# 
loop_
_pdbx_audit_revision_item.ordinal 
_pdbx_audit_revision_item.revision_ordinal 
_pdbx_audit_revision_item.data_content_type 
_pdbx_audit_revision_item.item 
1 4 'Structure model' '_database_2.pdbx_DOI'                
2 4 'Structure model' '_database_2.pdbx_database_accession' 
3 4 'Structure model' '_struct_ref_seq_dif.details'         
4 4 'Structure model' '_struct_site.pdbx_auth_asym_id'      
5 4 'Structure model' '_struct_site.pdbx_auth_comp_id'      
6 4 'Structure model' '_struct_site.pdbx_auth_seq_id'       
# 
_pdbx_database_status.status_code                     REL 
_pdbx_database_status.entry_id                        4E09 
_pdbx_database_status.recvd_initial_deposition_date   2012-03-02 
_pdbx_database_status.deposit_site                    RCSB 
_pdbx_database_status.process_site                    RCSB 
_pdbx_database_status.status_code_sf                  REL 
_pdbx_database_status.status_code_mr                  ? 
_pdbx_database_status.SG_entry                        ? 
_pdbx_database_status.status_code_cs                  ? 
_pdbx_database_status.methods_development_category    ? 
_pdbx_database_status.pdb_format_compatible           Y 
_pdbx_database_status.status_code_nmr_data            ? 
# 
loop_
_pdbx_database_related.db_name 
_pdbx_database_related.db_id 
_pdbx_database_related.details 
_pdbx_database_related.content_type 
PDB 4DZZ 'ParF-ADP form1'           unspecified 
PDB 4E03 'ParF-ADP form2'           unspecified 
PDB 4E07 'ParF-AMPPCP-C222(1) form' unspecified 
# 
loop_
_audit_author.name 
_audit_author.pdbx_ordinal 
'Schumacher, M.A.' 1 
'Ye, Q.'           2 
'Barge, M.R.'      3 
'Barilla, D.'      4 
'Hayes, F.'        5 
# 
_citation.id                        primary 
_citation.title                     
'Structural Mechanism of ATP-induced Polymerization of the Partition Factor ParF: IMPLICATIONS FOR DNA SEGREGATION.' 
_citation.journal_abbrev            J.Biol.Chem. 
_citation.journal_volume            287 
_citation.page_first                26146 
_citation.page_last                 26154 
_citation.year                      2012 
_citation.journal_id_ASTM           JBCHA3 
_citation.country                   US 
_citation.journal_id_ISSN           0021-9258 
_citation.journal_id_CSD            0071 
_citation.book_publisher            ? 
_citation.pdbx_database_id_PubMed   22674577 
_citation.pdbx_database_id_DOI      10.1074/jbc.M112.373696 
# 
loop_
_citation_author.citation_id 
_citation_author.name 
_citation_author.ordinal 
_citation_author.identifier_ORCID 
primary 'Schumacher, M.A.' 1 ? 
primary 'Ye, Q.'           2 ? 
primary 'Barge, M.T.'      3 ? 
primary 'Zampini, M.'      4 ? 
primary 'Barilla, D.'      5 ? 
primary 'Hayes, F.'        6 ? 
# 
loop_
_entity.id 
_entity.type 
_entity.src_method 
_entity.pdbx_description 
_entity.formula_weight 
_entity.pdbx_number_of_molecules 
_entity.pdbx_ec 
_entity.pdbx_mutation 
_entity.pdbx_fragment 
_entity.details 
1 polymer     man 'Plasmid partitioning protein ParF'            22061.303 1 ? ? ? ? 
2 non-polymer syn 'PHOSPHOMETHYLPHOSPHONIC ACID ADENYLATE ESTER' 505.208   1 ? ? ? ? 
3 non-polymer syn 'SULFATE ION'                                  96.063    1 ? ? ? ? 
# 
_entity_poly.entity_id                      1 
_entity_poly.type                           'polypeptide(L)' 
_entity_poly.nstd_linkage                   no 
_entity_poly.nstd_monomer                   no 
_entity_poly.pdbx_seq_one_letter_code       
;MKVISFLNPKGGSGKTTAVINIATALSRSGYNIAVVDTDPQMSLTNWSKAGKAAFDVFTAASEKDVYGIRKDLADYDFAI
VDGAGSLSVITSAAVMVSDLVIIPVTPSPLDFSAAGSVVTVLEAQAYSRKVEARFLITRKIEMATMLNVLKESIKDTGVK
AFRTAITQRQVYVKSILDGDSVFESSDGAAKGEIEILTKEIVRIFE
;
_entity_poly.pdbx_seq_one_letter_code_can   
;MKVISFLNPKGGSGKTTAVINIATALSRSGYNIAVVDTDPQMSLTNWSKAGKAAFDVFTAASEKDVYGIRKDLADYDFAI
VDGAGSLSVITSAAVMVSDLVIIPVTPSPLDFSAAGSVVTVLEAQAYSRKVEARFLITRKIEMATMLNVLKESIKDTGVK
AFRTAITQRQVYVKSILDGDSVFESSDGAAKGEIEILTKEIVRIFE
;
_entity_poly.pdbx_strand_id                 A 
_entity_poly.pdbx_target_identifier         ? 
# 
loop_
_pdbx_entity_nonpoly.entity_id 
_pdbx_entity_nonpoly.name 
_pdbx_entity_nonpoly.comp_id 
2 'PHOSPHOMETHYLPHOSPHONIC ACID ADENYLATE ESTER' ACP 
3 'SULFATE ION'                                  SO4 
# 
loop_
_entity_poly_seq.entity_id 
_entity_poly_seq.num 
_entity_poly_seq.mon_id 
_entity_poly_seq.hetero 
1 1   MET n 
1 2   LYS n 
1 3   VAL n 
1 4   ILE n 
1 5   SER n 
1 6   PHE n 
1 7   LEU n 
1 8   ASN n 
1 9   PRO n 
1 10  LYS n 
1 11  GLY n 
1 12  GLY n 
1 13  SER n 
1 14  GLY n 
1 15  LYS n 
1 16  THR n 
1 17  THR n 
1 18  ALA n 
1 19  VAL n 
1 20  ILE n 
1 21  ASN n 
1 22  ILE n 
1 23  ALA n 
1 24  THR n 
1 25  ALA n 
1 26  LEU n 
1 27  SER n 
1 28  ARG n 
1 29  SER n 
1 30  GLY n 
1 31  TYR n 
1 32  ASN n 
1 33  ILE n 
1 34  ALA n 
1 35  VAL n 
1 36  VAL n 
1 37  ASP n 
1 38  THR n 
1 39  ASP n 
1 40  PRO n 
1 41  GLN n 
1 42  MET n 
1 43  SER n 
1 44  LEU n 
1 45  THR n 
1 46  ASN n 
1 47  TRP n 
1 48  SER n 
1 49  LYS n 
1 50  ALA n 
1 51  GLY n 
1 52  LYS n 
1 53  ALA n 
1 54  ALA n 
1 55  PHE n 
1 56  ASP n 
1 57  VAL n 
1 58  PHE n 
1 59  THR n 
1 60  ALA n 
1 61  ALA n 
1 62  SER n 
1 63  GLU n 
1 64  LYS n 
1 65  ASP n 
1 66  VAL n 
1 67  TYR n 
1 68  GLY n 
1 69  ILE n 
1 70  ARG n 
1 71  LYS n 
1 72  ASP n 
1 73  LEU n 
1 74  ALA n 
1 75  ASP n 
1 76  TYR n 
1 77  ASP n 
1 78  PHE n 
1 79  ALA n 
1 80  ILE n 
1 81  VAL n 
1 82  ASP n 
1 83  GLY n 
1 84  ALA n 
1 85  GLY n 
1 86  SER n 
1 87  LEU n 
1 88  SER n 
1 89  VAL n 
1 90  ILE n 
1 91  THR n 
1 92  SER n 
1 93  ALA n 
1 94  ALA n 
1 95  VAL n 
1 96  MET n 
1 97  VAL n 
1 98  SER n 
1 99  ASP n 
1 100 LEU n 
1 101 VAL n 
1 102 ILE n 
1 103 ILE n 
1 104 PRO n 
1 105 VAL n 
1 106 THR n 
1 107 PRO n 
1 108 SER n 
1 109 PRO n 
1 110 LEU n 
1 111 ASP n 
1 112 PHE n 
1 113 SER n 
1 114 ALA n 
1 115 ALA n 
1 116 GLY n 
1 117 SER n 
1 118 VAL n 
1 119 VAL n 
1 120 THR n 
1 121 VAL n 
1 122 LEU n 
1 123 GLU n 
1 124 ALA n 
1 125 GLN n 
1 126 ALA n 
1 127 TYR n 
1 128 SER n 
1 129 ARG n 
1 130 LYS n 
1 131 VAL n 
1 132 GLU n 
1 133 ALA n 
1 134 ARG n 
1 135 PHE n 
1 136 LEU n 
1 137 ILE n 
1 138 THR n 
1 139 ARG n 
1 140 LYS n 
1 141 ILE n 
1 142 GLU n 
1 143 MET n 
1 144 ALA n 
1 145 THR n 
1 146 MET n 
1 147 LEU n 
1 148 ASN n 
1 149 VAL n 
1 150 LEU n 
1 151 LYS n 
1 152 GLU n 
1 153 SER n 
1 154 ILE n 
1 155 LYS n 
1 156 ASP n 
1 157 THR n 
1 158 GLY n 
1 159 VAL n 
1 160 LYS n 
1 161 ALA n 
1 162 PHE n 
1 163 ARG n 
1 164 THR n 
1 165 ALA n 
1 166 ILE n 
1 167 THR n 
1 168 GLN n 
1 169 ARG n 
1 170 GLN n 
1 171 VAL n 
1 172 TYR n 
1 173 VAL n 
1 174 LYS n 
1 175 SER n 
1 176 ILE n 
1 177 LEU n 
1 178 ASP n 
1 179 GLY n 
1 180 ASP n 
1 181 SER n 
1 182 VAL n 
1 183 PHE n 
1 184 GLU n 
1 185 SER n 
1 186 SER n 
1 187 ASP n 
1 188 GLY n 
1 189 ALA n 
1 190 ALA n 
1 191 LYS n 
1 192 GLY n 
1 193 GLU n 
1 194 ILE n 
1 195 GLU n 
1 196 ILE n 
1 197 LEU n 
1 198 THR n 
1 199 LYS n 
1 200 GLU n 
1 201 ILE n 
1 202 VAL n 
1 203 ARG n 
1 204 ILE n 
1 205 PHE n 
1 206 GLU n 
# 
_entity_src_gen.entity_id                          1 
_entity_src_gen.pdbx_src_id                        1 
_entity_src_gen.pdbx_alt_source_flag               sample 
_entity_src_gen.pdbx_seq_type                      ? 
_entity_src_gen.pdbx_beg_seq_num                   ? 
_entity_src_gen.pdbx_end_seq_num                   ? 
_entity_src_gen.gene_src_common_name               ? 
_entity_src_gen.gene_src_genus                     ? 
_entity_src_gen.pdbx_gene_src_gene                 'parF, pOLA52_52' 
_entity_src_gen.gene_src_species                   ? 
_entity_src_gen.gene_src_strain                    ? 
_entity_src_gen.gene_src_tissue                    ? 
_entity_src_gen.gene_src_tissue_fraction           ? 
_entity_src_gen.gene_src_details                   ? 
_entity_src_gen.pdbx_gene_src_fragment             ? 
_entity_src_gen.pdbx_gene_src_scientific_name      'Escherichia coli' 
_entity_src_gen.pdbx_gene_src_ncbi_taxonomy_id     562 
_entity_src_gen.pdbx_gene_src_variant              ? 
_entity_src_gen.pdbx_gene_src_cell_line            ? 
_entity_src_gen.pdbx_gene_src_atcc                 ? 
_entity_src_gen.pdbx_gene_src_organ                ? 
_entity_src_gen.pdbx_gene_src_organelle            ? 
_entity_src_gen.pdbx_gene_src_cell                 ? 
_entity_src_gen.pdbx_gene_src_cellular_location    ? 
_entity_src_gen.host_org_common_name               ? 
_entity_src_gen.pdbx_host_org_scientific_name      'Escherichia coli' 
_entity_src_gen.pdbx_host_org_ncbi_taxonomy_id     562 
_entity_src_gen.host_org_genus                     ? 
_entity_src_gen.pdbx_host_org_gene                 ? 
_entity_src_gen.pdbx_host_org_organ                ? 
_entity_src_gen.host_org_species                   ? 
_entity_src_gen.pdbx_host_org_tissue               ? 
_entity_src_gen.pdbx_host_org_tissue_fraction      ? 
_entity_src_gen.pdbx_host_org_strain               ? 
_entity_src_gen.pdbx_host_org_variant              ? 
_entity_src_gen.pdbx_host_org_cell_line            ? 
_entity_src_gen.pdbx_host_org_atcc                 ? 
_entity_src_gen.pdbx_host_org_culture_collection   ? 
_entity_src_gen.pdbx_host_org_cell                 ? 
_entity_src_gen.pdbx_host_org_organelle            ? 
_entity_src_gen.pdbx_host_org_cellular_location    ? 
_entity_src_gen.pdbx_host_org_vector_type          ? 
_entity_src_gen.pdbx_host_org_vector               ? 
_entity_src_gen.host_org_details                   ? 
_entity_src_gen.expression_system_id               ? 
_entity_src_gen.plasmid_name                       ? 
_entity_src_gen.plasmid_details                    ? 
_entity_src_gen.pdbx_description                   ? 
# 
loop_
_chem_comp.id 
_chem_comp.type 
_chem_comp.mon_nstd_flag 
_chem_comp.name 
_chem_comp.pdbx_synonyms 
_chem_comp.formula 
_chem_comp.formula_weight 
ACP non-polymer         . 'PHOSPHOMETHYLPHOSPHONIC ACID ADENYLATE ESTER' 
;ADENOSINE-5'-[BETA, GAMMA-METHYLENE]TRIPHOSPHATE
;
'C11 H18 N5 O12 P3' 505.208 
ALA 'L-peptide linking' y ALANINE                                        ?                                                  
'C3 H7 N O2'        89.093  
ARG 'L-peptide linking' y ARGININE                                       ?                                                  
'C6 H15 N4 O2 1'    175.209 
ASN 'L-peptide linking' y ASPARAGINE                                     ?                                                  
'C4 H8 N2 O3'       132.118 
ASP 'L-peptide linking' y 'ASPARTIC ACID'                                ?                                                  
'C4 H7 N O4'        133.103 
GLN 'L-peptide linking' y GLUTAMINE                                      ?                                                  
'C5 H10 N2 O3'      146.144 
GLU 'L-peptide linking' y 'GLUTAMIC ACID'                                ?                                                  
'C5 H9 N O4'        147.129 
GLY 'peptide linking'   y GLYCINE                                        ?                                                  
'C2 H5 N O2'        75.067  
ILE 'L-peptide linking' y ISOLEUCINE                                     ?                                                  
'C6 H13 N O2'       131.173 
LEU 'L-peptide linking' y LEUCINE                                        ?                                                  
'C6 H13 N O2'       131.173 
LYS 'L-peptide linking' y LYSINE                                         ?                                                  
'C6 H15 N2 O2 1'    147.195 
MET 'L-peptide linking' y METHIONINE                                     ?                                                  
'C5 H11 N O2 S'     149.211 
PHE 'L-peptide linking' y PHENYLALANINE                                  ?                                                  
'C9 H11 N O2'       165.189 
PRO 'L-peptide linking' y PROLINE                                        ?                                                  
'C5 H9 N O2'        115.130 
SER 'L-peptide linking' y SERINE                                         ?                                                  
'C3 H7 N O3'        105.093 
SO4 non-polymer         . 'SULFATE ION'                                  ?                                                  
'O4 S -2'           96.063  
THR 'L-peptide linking' y THREONINE                                      ?                                                  
'C4 H9 N O3'        119.119 
TRP 'L-peptide linking' y TRYPTOPHAN                                     ?                                                  
'C11 H12 N2 O2'     204.225 
TYR 'L-peptide linking' y TYROSINE                                       ?                                                  
'C9 H11 N O3'       181.189 
VAL 'L-peptide linking' y VALINE                                         ?                                                  
'C5 H11 N O2'       117.146 
# 
loop_
_pdbx_poly_seq_scheme.asym_id 
_pdbx_poly_seq_scheme.entity_id 
_pdbx_poly_seq_scheme.seq_id 
_pdbx_poly_seq_scheme.mon_id 
_pdbx_poly_seq_scheme.ndb_seq_num 
_pdbx_poly_seq_scheme.pdb_seq_num 
_pdbx_poly_seq_scheme.auth_seq_num 
_pdbx_poly_seq_scheme.pdb_mon_id 
_pdbx_poly_seq_scheme.auth_mon_id 
_pdbx_poly_seq_scheme.pdb_strand_id 
_pdbx_poly_seq_scheme.pdb_ins_code 
_pdbx_poly_seq_scheme.hetero 
A 1 1   MET 1   1   1   MET MET A . n 
A 1 2   LYS 2   2   2   LYS LYS A . n 
A 1 3   VAL 3   3   3   VAL VAL A . n 
A 1 4   ILE 4   4   4   ILE ILE A . n 
A 1 5   SER 5   5   5   SER SER A . n 
A 1 6   PHE 6   6   6   PHE PHE A . n 
A 1 7   LEU 7   7   7   LEU LEU A . n 
A 1 8   ASN 8   8   8   ASN ASN A . n 
A 1 9   PRO 9   9   9   PRO PRO A . n 
A 1 10  LYS 10  10  10  LYS LYS A . n 
A 1 11  GLY 11  11  11  GLY GLY A . n 
A 1 12  GLY 12  12  12  GLY GLY A . n 
A 1 13  SER 13  13  13  SER SER A . n 
A 1 14  GLY 14  14  14  GLY GLY A . n 
A 1 15  LYS 15  15  15  LYS LYS A . n 
A 1 16  THR 16  16  16  THR THR A . n 
A 1 17  THR 17  17  17  THR THR A . n 
A 1 18  ALA 18  18  18  ALA ALA A . n 
A 1 19  VAL 19  19  19  VAL VAL A . n 
A 1 20  ILE 20  20  20  ILE ILE A . n 
A 1 21  ASN 21  21  21  ASN ASN A . n 
A 1 22  ILE 22  22  22  ILE ILE A . n 
A 1 23  ALA 23  23  23  ALA ALA A . n 
A 1 24  THR 24  24  24  THR THR A . n 
A 1 25  ALA 25  25  25  ALA ALA A . n 
A 1 26  LEU 26  26  26  LEU LEU A . n 
A 1 27  SER 27  27  27  SER SER A . n 
A 1 28  ARG 28  28  28  ARG ARG A . n 
A 1 29  SER 29  29  29  SER SER A . n 
A 1 30  GLY 30  30  30  GLY GLY A . n 
A 1 31  TYR 31  31  31  TYR TYR A . n 
A 1 32  ASN 32  32  32  ASN ASN A . n 
A 1 33  ILE 33  33  33  ILE ILE A . n 
A 1 34  ALA 34  34  34  ALA ALA A . n 
A 1 35  VAL 35  35  35  VAL VAL A . n 
A 1 36  VAL 36  36  36  VAL VAL A . n 
A 1 37  ASP 37  37  37  ASP ASP A . n 
A 1 38  THR 38  38  38  THR THR A . n 
A 1 39  ASP 39  39  39  ASP ASP A . n 
A 1 40  PRO 40  40  40  PRO PRO A . n 
A 1 41  GLN 41  41  41  GLN GLN A . n 
A 1 42  MET 42  42  42  MET MET A . n 
A 1 43  SER 43  43  43  SER SER A . n 
A 1 44  LEU 44  44  44  LEU LEU A . n 
A 1 45  THR 45  45  45  THR THR A . n 
A 1 46  ASN 46  46  46  ASN ASN A . n 
A 1 47  TRP 47  47  47  TRP TRP A . n 
A 1 48  SER 48  48  48  SER SER A . n 
A 1 49  LYS 49  49  49  LYS LYS A . n 
A 1 50  ALA 50  50  50  ALA ALA A . n 
A 1 51  GLY 51  51  51  GLY GLY A . n 
A 1 52  LYS 52  52  52  LYS LYS A . n 
A 1 53  ALA 53  53  53  ALA ALA A . n 
A 1 54  ALA 54  54  54  ALA ALA A . n 
A 1 55  PHE 55  55  55  PHE PHE A . n 
A 1 56  ASP 56  56  56  ASP ASP A . n 
A 1 57  VAL 57  57  57  VAL VAL A . n 
A 1 58  PHE 58  58  58  PHE PHE A . n 
A 1 59  THR 59  59  59  THR THR A . n 
A 1 60  ALA 60  60  60  ALA ALA A . n 
A 1 61  ALA 61  61  61  ALA ALA A . n 
A 1 62  SER 62  62  62  SER SER A . n 
A 1 63  GLU 63  63  63  GLU GLU A . n 
A 1 64  LYS 64  64  64  LYS LYS A . n 
A 1 65  ASP 65  65  65  ASP ASP A . n 
A 1 66  VAL 66  66  66  VAL VAL A . n 
A 1 67  TYR 67  67  67  TYR TYR A . n 
A 1 68  GLY 68  68  68  GLY GLY A . n 
A 1 69  ILE 69  69  69  ILE ILE A . n 
A 1 70  ARG 70  70  70  ARG ARG A . n 
A 1 71  LYS 71  71  71  LYS LYS A . n 
A 1 72  ASP 72  72  72  ASP ASP A . n 
A 1 73  LEU 73  73  73  LEU LEU A . n 
A 1 74  ALA 74  74  74  ALA ALA A . n 
A 1 75  ASP 75  75  75  ASP ASP A . n 
A 1 76  TYR 76  76  76  TYR TYR A . n 
A 1 77  ASP 77  77  77  ASP ASP A . n 
A 1 78  PHE 78  78  78  PHE PHE A . n 
A 1 79  ALA 79  79  79  ALA ALA A . n 
A 1 80  ILE 80  80  80  ILE ILE A . n 
A 1 81  VAL 81  81  81  VAL VAL A . n 
A 1 82  ASP 82  82  82  ASP ASP A . n 
A 1 83  GLY 83  83  83  GLY GLY A . n 
A 1 84  ALA 84  84  84  ALA ALA A . n 
A 1 85  GLY 85  85  85  GLY GLY A . n 
A 1 86  SER 86  86  86  SER SER A . n 
A 1 87  LEU 87  87  87  LEU LEU A . n 
A 1 88  SER 88  88  88  SER SER A . n 
A 1 89  VAL 89  89  89  VAL VAL A . n 
A 1 90  ILE 90  90  90  ILE ILE A . n 
A 1 91  THR 91  91  91  THR THR A . n 
A 1 92  SER 92  92  92  SER SER A . n 
A 1 93  ALA 93  93  93  ALA ALA A . n 
A 1 94  ALA 94  94  94  ALA ALA A . n 
A 1 95  VAL 95  95  95  VAL VAL A . n 
A 1 96  MET 96  96  96  MET MET A . n 
A 1 97  VAL 97  97  97  VAL VAL A . n 
A 1 98  SER 98  98  98  SER SER A . n 
A 1 99  ASP 99  99  99  ASP ASP A . n 
A 1 100 LEU 100 100 100 LEU LEU A . n 
A 1 101 VAL 101 101 101 VAL VAL A . n 
A 1 102 ILE 102 102 102 ILE ILE A . n 
A 1 103 ILE 103 103 103 ILE ILE A . n 
A 1 104 PRO 104 104 104 PRO PRO A . n 
A 1 105 VAL 105 105 105 VAL VAL A . n 
A 1 106 THR 106 106 106 THR THR A . n 
A 1 107 PRO 107 107 107 PRO PRO A . n 
A 1 108 SER 108 108 108 SER SER A . n 
A 1 109 PRO 109 109 109 PRO PRO A . n 
A 1 110 LEU 110 110 110 LEU LEU A . n 
A 1 111 ASP 111 111 111 ASP ASP A . n 
A 1 112 PHE 112 112 112 PHE PHE A . n 
A 1 113 SER 113 113 113 SER SER A . n 
A 1 114 ALA 114 114 114 ALA ALA A . n 
A 1 115 ALA 115 115 115 ALA ALA A . n 
A 1 116 GLY 116 116 116 GLY GLY A . n 
A 1 117 SER 117 117 117 SER SER A . n 
A 1 118 VAL 118 118 118 VAL VAL A . n 
A 1 119 VAL 119 119 119 VAL VAL A . n 
A 1 120 THR 120 120 120 THR THR A . n 
A 1 121 VAL 121 121 121 VAL VAL A . n 
A 1 122 LEU 122 122 122 LEU LEU A . n 
A 1 123 GLU 123 123 123 GLU GLU A . n 
A 1 124 ALA 124 124 124 ALA ALA A . n 
A 1 125 GLN 125 125 125 GLN GLN A . n 
A 1 126 ALA 126 126 126 ALA ALA A . n 
A 1 127 TYR 127 127 ?   ?   ?   A . n 
A 1 128 SER 128 128 ?   ?   ?   A . n 
A 1 129 ARG 129 129 129 ARG ARG A . n 
A 1 130 LYS 130 130 130 LYS LYS A . n 
A 1 131 VAL 131 131 131 VAL VAL A . n 
A 1 132 GLU 132 132 132 GLU GLU A . n 
A 1 133 ALA 133 133 133 ALA ALA A . n 
A 1 134 ARG 134 134 134 ARG ARG A . n 
A 1 135 PHE 135 135 135 PHE PHE A . n 
A 1 136 LEU 136 136 136 LEU LEU A . n 
A 1 137 ILE 137 137 137 ILE ILE A . n 
A 1 138 THR 138 138 138 THR THR A . n 
A 1 139 ARG 139 139 139 ARG ARG A . n 
A 1 140 LYS 140 140 140 LYS LYS A . n 
A 1 141 ILE 141 141 141 ILE ILE A . n 
A 1 142 GLU 142 142 142 GLU GLU A . n 
A 1 143 MET 143 143 143 MET MET A . n 
A 1 144 ALA 144 144 144 ALA ALA A . n 
A 1 145 THR 145 145 145 THR THR A . n 
A 1 146 MET 146 146 146 MET MET A . n 
A 1 147 LEU 147 147 147 LEU LEU A . n 
A 1 148 ASN 148 148 148 ASN ASN A . n 
A 1 149 VAL 149 149 149 VAL VAL A . n 
A 1 150 LEU 150 150 150 LEU LEU A . n 
A 1 151 LYS 151 151 151 LYS LYS A . n 
A 1 152 GLU 152 152 152 GLU GLU A . n 
A 1 153 SER 153 153 153 SER SER A . n 
A 1 154 ILE 154 154 154 ILE ILE A . n 
A 1 155 LYS 155 155 155 LYS LYS A . n 
A 1 156 ASP 156 156 156 ASP ASP A . n 
A 1 157 THR 157 157 157 THR THR A . n 
A 1 158 GLY 158 158 158 GLY GLY A . n 
A 1 159 VAL 159 159 159 VAL VAL A . n 
A 1 160 LYS 160 160 160 LYS LYS A . n 
A 1 161 ALA 161 161 161 ALA ALA A . n 
A 1 162 PHE 162 162 162 PHE PHE A . n 
A 1 163 ARG 163 163 163 ARG ARG A . n 
A 1 164 THR 164 164 164 THR THR A . n 
A 1 165 ALA 165 165 165 ALA ALA A . n 
A 1 166 ILE 166 166 166 ILE ILE A . n 
A 1 167 THR 167 167 167 THR THR A . n 
A 1 168 GLN 168 168 168 GLN GLN A . n 
A 1 169 ARG 169 169 169 ARG ARG A . n 
A 1 170 GLN 170 170 170 GLN GLN A . n 
A 1 171 VAL 171 171 171 VAL VAL A . n 
A 1 172 TYR 172 172 172 TYR TYR A . n 
A 1 173 VAL 173 173 173 VAL VAL A . n 
A 1 174 LYS 174 174 174 LYS LYS A . n 
A 1 175 SER 175 175 175 SER SER A . n 
A 1 176 ILE 176 176 176 ILE ILE A . n 
A 1 177 LEU 177 177 177 LEU LEU A . n 
A 1 178 ASP 178 178 178 ASP ASP A . n 
A 1 179 GLY 179 179 179 GLY GLY A . n 
A 1 180 ASP 180 180 180 ASP ASP A . n 
A 1 181 SER 181 181 181 SER SER A . n 
A 1 182 VAL 182 182 182 VAL VAL A . n 
A 1 183 PHE 183 183 183 PHE PHE A . n 
A 1 184 GLU 184 184 184 GLU GLU A . n 
A 1 185 SER 185 185 185 SER SER A . n 
A 1 186 SER 186 186 186 SER SER A . n 
A 1 187 ASP 187 187 187 ASP ASP A . n 
A 1 188 GLY 188 188 188 GLY GLY A . n 
A 1 189 ALA 189 189 189 ALA ALA A . n 
A 1 190 ALA 190 190 190 ALA ALA A . n 
A 1 191 LYS 191 191 191 LYS LYS A . n 
A 1 192 GLY 192 192 192 GLY GLY A . n 
A 1 193 GLU 193 193 193 GLU GLU A . n 
A 1 194 ILE 194 194 194 ILE ILE A . n 
A 1 195 GLU 195 195 195 GLU GLU A . n 
A 1 196 ILE 196 196 196 ILE ILE A . n 
A 1 197 LEU 197 197 197 LEU LEU A . n 
A 1 198 THR 198 198 198 THR THR A . n 
A 1 199 LYS 199 199 199 LYS LYS A . n 
A 1 200 GLU 200 200 200 GLU GLU A . n 
A 1 201 ILE 201 201 201 ILE ILE A . n 
A 1 202 VAL 202 202 202 VAL VAL A . n 
A 1 203 ARG 203 203 203 ARG ARG A . n 
A 1 204 ILE 204 204 204 ILE ILE A . n 
A 1 205 PHE 205 205 205 PHE PHE A . n 
A 1 206 GLU 206 206 206 GLU GLU A . n 
# 
loop_
_pdbx_nonpoly_scheme.asym_id 
_pdbx_nonpoly_scheme.entity_id 
_pdbx_nonpoly_scheme.mon_id 
_pdbx_nonpoly_scheme.ndb_seq_num 
_pdbx_nonpoly_scheme.pdb_seq_num 
_pdbx_nonpoly_scheme.auth_seq_num 
_pdbx_nonpoly_scheme.pdb_mon_id 
_pdbx_nonpoly_scheme.auth_mon_id 
_pdbx_nonpoly_scheme.pdb_strand_id 
_pdbx_nonpoly_scheme.pdb_ins_code 
B 2 ACP 1 301 500 ACP ACP A . 
C 3 SO4 1 302 401 SO4 SO4 A . 
# 
loop_
_software.name 
_software.classification 
_software.version 
_software.citation_id 
_software.pdbx_ordinal 
ADSC   'data collection' Quantum ? 1 
MOLREP phasing           .       ? 2 
CNS    refinement        1.2     ? 3 
MOSFLM 'data reduction'  .       ? 4 
SCALA  'data scaling'    .       ? 5 
# 
_cell.entry_id           4E09 
_cell.length_a           87.600 
_cell.length_b           87.600 
_cell.length_c           150.000 
_cell.angle_alpha        90.00 
_cell.angle_beta         90.00 
_cell.angle_gamma        90.00 
_cell.Z_PDB              16 
_cell.pdbx_unique_axis   ? 
_cell.length_a_esd       ? 
_cell.length_b_esd       ? 
_cell.length_c_esd       ? 
_cell.angle_alpha_esd    ? 
_cell.angle_beta_esd     ? 
_cell.angle_gamma_esd    ? 
# 
_symmetry.entry_id                         4E09 
_symmetry.space_group_name_H-M             'I 4 2 2' 
_symmetry.pdbx_full_space_group_name_H-M   ? 
_symmetry.cell_setting                     ? 
_symmetry.Int_Tables_number                97 
_symmetry.space_group_name_Hall            ? 
# 
_exptl.entry_id          4E09 
_exptl.method            'X-RAY DIFFRACTION' 
_exptl.crystals_number   ? 
# 
_exptl_crystal.id                    1 
_exptl_crystal.density_meas          ? 
_exptl_crystal.density_Matthews      3.26 
_exptl_crystal.density_percent_sol   62.28 
_exptl_crystal.description           ? 
_exptl_crystal.F_000                 ? 
_exptl_crystal.preparation           ? 
# 
_exptl_crystal_grow.crystal_id      1 
_exptl_crystal_grow.method          'VAPOR DIFFUSION, HANGING DROP' 
_exptl_crystal_grow.temp            298 
_exptl_crystal_grow.temp_details    ? 
_exptl_crystal_grow.pH              7.0 
_exptl_crystal_grow.pdbx_details    'PEG 3000, kCl, pH 7.0, VAPOR DIFFUSION, HANGING DROP, temperature 298K' 
_exptl_crystal_grow.pdbx_pH_range   ? 
# 
_diffrn.id                     1 
_diffrn.ambient_temp           100 
_diffrn.ambient_temp_details   ? 
_diffrn.crystal_id             1 
# 
_diffrn_detector.diffrn_id              1 
_diffrn_detector.detector               CCD 
_diffrn_detector.type                   'ADSC QUANTUM 315r' 
_diffrn_detector.pdbx_collection_date   2011-04-12 
_diffrn_detector.details                ? 
# 
_diffrn_radiation.diffrn_id                        1 
_diffrn_radiation.wavelength_id                    1 
_diffrn_radiation.pdbx_monochromatic_or_laue_m_l   M 
_diffrn_radiation.monochromator                    mirrors 
_diffrn_radiation.pdbx_diffrn_protocol             'SINGLE WAVELENGTH' 
_diffrn_radiation.pdbx_scattering_type             x-ray 
# 
_diffrn_radiation_wavelength.id           1 
_diffrn_radiation_wavelength.wavelength   1.0 
_diffrn_radiation_wavelength.wt           1.0 
# 
_diffrn_source.diffrn_id                   1 
_diffrn_source.source                      SYNCHROTRON 
_diffrn_source.type                        'ALS BEAMLINE 8.3.1' 
_diffrn_source.pdbx_synchrotron_site       ALS 
_diffrn_source.pdbx_synchrotron_beamline   8.3.1 
_diffrn_source.pdbx_wavelength             ? 
_diffrn_source.pdbx_wavelength_list        1.0 
# 
_reflns.entry_id                     4E09 
_reflns.observed_criterion_sigma_I   0 
_reflns.observed_criterion_sigma_F   0 
_reflns.d_resolution_low             75.65 
_reflns.d_resolution_high            2.99 
_reflns.number_obs                   6763 
_reflns.number_all                   6770 
_reflns.percent_possible_obs         96 
_reflns.pdbx_Rmerge_I_obs            ? 
_reflns.pdbx_Rsym_value              ? 
_reflns.pdbx_netI_over_sigmaI        ? 
_reflns.B_iso_Wilson_estimate        4.7 
_reflns.pdbx_redundancy              ? 
_reflns.R_free_details               ? 
_reflns.limit_h_max                  ? 
_reflns.limit_h_min                  ? 
_reflns.limit_k_max                  ? 
_reflns.limit_k_min                  ? 
_reflns.limit_l_max                  ? 
_reflns.limit_l_min                  ? 
_reflns.observed_criterion_F_max     ? 
_reflns.observed_criterion_F_min     ? 
_reflns.pdbx_chi_squared             ? 
_reflns.pdbx_scaling_rejects         ? 
_reflns.pdbx_ordinal                 1 
_reflns.pdbx_diffrn_id               1 
# 
_refine.entry_id                                 4E09 
_refine.ls_number_reflns_obs                     6125 
_refine.ls_number_reflns_all                     ? 
_refine.pdbx_ls_sigma_I                          ? 
_refine.pdbx_ls_sigma_F                          0.0 
_refine.pdbx_data_cutoff_high_absF               2596360.60 
_refine.pdbx_data_cutoff_low_absF                0.000000 
_refine.pdbx_data_cutoff_high_rms_absF           ? 
_refine.ls_d_res_low                             75.6 
_refine.ls_d_res_high                            2.99 
_refine.ls_percent_reflns_obs                    98.2 
_refine.ls_R_factor_obs                          0.277 
_refine.ls_R_factor_all                          ? 
_refine.ls_R_factor_R_work                       0.277 
_refine.ls_R_factor_R_free                       0.299 
_refine.ls_R_factor_R_free_error                 0.013 
_refine.ls_R_factor_R_free_error_details         ? 
_refine.ls_percent_reflns_R_free                 10.9 
_refine.ls_number_reflns_R_free                  668 
_refine.ls_number_parameters                     ? 
_refine.ls_number_restraints                     ? 
_refine.occupancy_min                            ? 
_refine.occupancy_max                            ? 
_refine.correlation_coeff_Fo_to_Fc               ? 
_refine.correlation_coeff_Fo_to_Fc_free          ? 
_refine.B_iso_mean                               92.8 
_refine.aniso_B[1][1]                            -33.56 
_refine.aniso_B[2][2]                            -33.56 
_refine.aniso_B[3][3]                            67.12 
_refine.aniso_B[1][2]                            0.00 
_refine.aniso_B[1][3]                            0.00 
_refine.aniso_B[2][3]                            0.00 
_refine.solvent_model_details                    'FLAT MODEL' 
_refine.solvent_model_param_ksol                 0.4 
_refine.solvent_model_param_bsol                 76.7749 
_refine.pdbx_solvent_vdw_probe_radii             ? 
_refine.pdbx_solvent_ion_probe_radii             ? 
_refine.pdbx_solvent_shrinkage_radii             ? 
_refine.pdbx_ls_cross_valid_method               THROUGHOUT 
_refine.details                                  'BULK SOLVENT MODEL USED' 
_refine.pdbx_starting_model                      ? 
_refine.pdbx_method_to_determine_struct          'MOLECULAR REPLACEMENT' 
_refine.pdbx_isotropic_thermal_model             RESTRAINED 
_refine.pdbx_stereochemistry_target_values       ? 
_refine.pdbx_stereochem_target_val_spec_case     ? 
_refine.pdbx_R_Free_selection_details            RANDOM 
_refine.pdbx_overall_ESU_R                       ? 
_refine.pdbx_overall_ESU_R_Free                  ? 
_refine.overall_SU_ML                            ? 
_refine.pdbx_overall_phase_error                 ? 
_refine.overall_SU_B                             ? 
_refine.overall_SU_R_Cruickshank_DPI             ? 
_refine.ls_redundancy_reflns_obs                 ? 
_refine.B_iso_min                                ? 
_refine.B_iso_max                                ? 
_refine.overall_SU_R_free                        ? 
_refine.ls_wR_factor_R_free                      ? 
_refine.ls_wR_factor_R_work                      ? 
_refine.overall_FOM_free_R_set                   ? 
_refine.overall_FOM_work_R_set                   ? 
_refine.pdbx_diffrn_id                           1 
_refine.pdbx_refine_id                           'X-RAY DIFFRACTION' 
_refine.pdbx_TLS_residual_ADP_flag               ? 
_refine.pdbx_overall_SU_R_free_Cruickshank_DPI   ? 
_refine.pdbx_overall_SU_R_Blow_DPI               ? 
_refine.pdbx_overall_SU_R_free_Blow_DPI          ? 
# 
_refine_analyze.entry_id                        4E09 
_refine_analyze.Luzzati_coordinate_error_obs    0.53 
_refine_analyze.Luzzati_sigma_a_obs             0.98 
_refine_analyze.Luzzati_d_res_low_obs           5.00 
_refine_analyze.Luzzati_coordinate_error_free   0.61 
_refine_analyze.Luzzati_sigma_a_free            0.98 
_refine_analyze.Luzzati_d_res_low_free          ? 
_refine_analyze.number_disordered_residues      ? 
_refine_analyze.occupancy_sum_hydrogen          ? 
_refine_analyze.occupancy_sum_non_hydrogen      ? 
_refine_analyze.pdbx_Luzzati_d_res_high_obs     ? 
_refine_analyze.pdbx_refine_id                  'X-RAY DIFFRACTION' 
# 
_refine_hist.pdbx_refine_id                   'X-RAY DIFFRACTION' 
_refine_hist.cycle_id                         LAST 
_refine_hist.pdbx_number_atoms_protein        1531 
_refine_hist.pdbx_number_atoms_nucleic_acid   0 
_refine_hist.pdbx_number_atoms_ligand         36 
_refine_hist.number_atoms_solvent             0 
_refine_hist.number_atoms_total               1567 
_refine_hist.d_res_high                       2.99 
_refine_hist.d_res_low                        75.6 
# 
loop_
_refine_ls_restr.type 
_refine_ls_restr.dev_ideal 
_refine_ls_restr.dev_ideal_target 
_refine_ls_restr.weight 
_refine_ls_restr.number 
_refine_ls_restr.pdbx_restraint_function 
_refine_ls_restr.pdbx_refine_id 
c_bond_d           0.010 ? ? ? ? 'X-RAY DIFFRACTION' 
c_angle_deg        1.2   ? ? ? ? 'X-RAY DIFFRACTION' 
c_dihedral_angle_d 22.4  ? ? ? ? 'X-RAY DIFFRACTION' 
c_improper_angle_d 0.80  ? ? ? ? 'X-RAY DIFFRACTION' 
# 
_refine_ls_shell.pdbx_total_number_of_bins_used   6 
_refine_ls_shell.d_res_high                       2.99 
_refine_ls_shell.d_res_low                        3.18 
_refine_ls_shell.number_reflns_R_work             799 
_refine_ls_shell.R_factor_R_work                  0.479 
_refine_ls_shell.percent_reflns_obs               89.7 
_refine_ls_shell.R_factor_R_free                  0.453 
_refine_ls_shell.R_factor_R_free_error            0.045 
_refine_ls_shell.percent_reflns_R_free            11.4 
_refine_ls_shell.number_reflns_R_free             103 
_refine_ls_shell.number_reflns_all                ? 
_refine_ls_shell.R_factor_all                     ? 
_refine_ls_shell.number_reflns_obs                ? 
_refine_ls_shell.redundancy_reflns_obs            ? 
_refine_ls_shell.pdbx_refine_id                   'X-RAY DIFFRACTION' 
# 
loop_
_pdbx_xplor_file.serial_no 
_pdbx_xplor_file.param_file 
_pdbx_xplor_file.topol_file 
_pdbx_xplor_file.pdbx_refine_id 
1 protein_rep.param protein.top 'X-RAY DIFFRACTION' 
2 water_rep.param   water.top   'X-RAY DIFFRACTION' 
3 ion.param         ion.top     'X-RAY DIFFRACTION' 
4 dna-rna_rep.param dna-rna.top 'X-RAY DIFFRACTION' 
5 atp.param         atp-top.top 'X-RAY DIFFRACTION' 
# 
_struct.entry_id                  4E09 
_struct.title                     'Structure of ParF-AMPPCP, I422 form' 
_struct.pdbx_model_details        ? 
_struct.pdbx_CASP_flag            ? 
_struct.pdbx_model_type_details   ? 
# 
_struct_keywords.entry_id        4E09 
_struct_keywords.pdbx_keywords   'UNKNOWN FUNCTION' 
_struct_keywords.text            'Deviant Walker box, DNA segregation, UNKNOWN FUNCTION' 
# 
loop_
_struct_asym.id 
_struct_asym.pdbx_blank_PDB_chainid_flag 
_struct_asym.pdbx_modified 
_struct_asym.entity_id 
_struct_asym.details 
A N N 1 ? 
B N N 2 ? 
C N N 3 ? 
# 
_struct_ref.id                         1 
_struct_ref.db_name                    UNP 
_struct_ref.db_code                    B0ZE06_ECOLX 
_struct_ref.pdbx_db_accession          B0ZE06 
_struct_ref.entity_id                  1 
_struct_ref.pdbx_seq_one_letter_code   
;MKVISFLNPKGGSGKTTAVINIATALSRSGYNIAVVDTDPQMSLTNWSKAGKAAFDVFTAASEKDVYGIRKDLADYDFAI
VDGAGSLSVITSAAVMVSDLVIIPVTPSPLDFSAAGSVVTVLEAQAYSRKVEARFLITRKIEMATMLNVLKESIKDTGVK
AFRTAITQRQVYVKSILDGDSVFESSDGAAKGEIEILTKEIVRMFE
;
_struct_ref.pdbx_align_begin           1 
_struct_ref.pdbx_db_isoform            ? 
# 
_struct_ref_seq.align_id                      1 
_struct_ref_seq.ref_id                        1 
_struct_ref_seq.pdbx_PDB_id_code              4E09 
_struct_ref_seq.pdbx_strand_id                A 
_struct_ref_seq.seq_align_beg                 1 
_struct_ref_seq.pdbx_seq_align_beg_ins_code   ? 
_struct_ref_seq.seq_align_end                 206 
_struct_ref_seq.pdbx_seq_align_end_ins_code   ? 
_struct_ref_seq.pdbx_db_accession             B0ZE06 
_struct_ref_seq.db_align_beg                  1 
_struct_ref_seq.pdbx_db_align_beg_ins_code    ? 
_struct_ref_seq.db_align_end                  206 
_struct_ref_seq.pdbx_db_align_end_ins_code    ? 
_struct_ref_seq.pdbx_auth_seq_align_beg       1 
_struct_ref_seq.pdbx_auth_seq_align_end       206 
# 
_struct_ref_seq_dif.align_id                     1 
_struct_ref_seq_dif.pdbx_pdb_id_code             4E09 
_struct_ref_seq_dif.mon_id                       ILE 
_struct_ref_seq_dif.pdbx_pdb_strand_id           A 
_struct_ref_seq_dif.seq_num                      204 
_struct_ref_seq_dif.pdbx_pdb_ins_code            ? 
_struct_ref_seq_dif.pdbx_seq_db_name             UNP 
_struct_ref_seq_dif.pdbx_seq_db_accession_code   B0ZE06 
_struct_ref_seq_dif.db_mon_id                    MET 
_struct_ref_seq_dif.pdbx_seq_db_seq_num          204 
_struct_ref_seq_dif.details                      conflict 
_struct_ref_seq_dif.pdbx_auth_seq_num            204 
_struct_ref_seq_dif.pdbx_ordinal                 1 
# 
_pdbx_struct_assembly.id                   1 
_pdbx_struct_assembly.details              author_and_software_defined_assembly 
_pdbx_struct_assembly.method_details       PISA 
_pdbx_struct_assembly.oligomeric_details   dimeric 
_pdbx_struct_assembly.oligomeric_count     2 
# 
loop_
_pdbx_struct_assembly_prop.biol_id 
_pdbx_struct_assembly_prop.type 
_pdbx_struct_assembly_prop.value 
_pdbx_struct_assembly_prop.details 
1 'ABSA (A^2)' 4330  ? 
1 MORE         -25   ? 
1 'SSA (A^2)'  16630 ? 
# 
_pdbx_struct_assembly_gen.assembly_id       1 
_pdbx_struct_assembly_gen.oper_expression   1,2 
_pdbx_struct_assembly_gen.asym_id_list      A,B,C 
# 
loop_
_pdbx_struct_oper_list.id 
_pdbx_struct_oper_list.type 
_pdbx_struct_oper_list.name 
_pdbx_struct_oper_list.symmetry_operation 
_pdbx_struct_oper_list.matrix[1][1] 
_pdbx_struct_oper_list.matrix[1][2] 
_pdbx_struct_oper_list.matrix[1][3] 
_pdbx_struct_oper_list.vector[1] 
_pdbx_struct_oper_list.matrix[2][1] 
_pdbx_struct_oper_list.matrix[2][2] 
_pdbx_struct_oper_list.matrix[2][3] 
_pdbx_struct_oper_list.vector[2] 
_pdbx_struct_oper_list.matrix[3][1] 
_pdbx_struct_oper_list.matrix[3][2] 
_pdbx_struct_oper_list.matrix[3][3] 
_pdbx_struct_oper_list.vector[3] 
1 'identity operation'         1_555  x,y,z                1.0000000000  0.0000000000 0.0000000000  0.0000000000  0.0000000000 1.0000000000  0.0000000000  0.0000000000 0.0000000000  0.0000000000  1.0000000000  0.0000000000  
2 'crystal symmetry operation' 16_555 -y+1/2,-x+1/2,-z+1/2 -0.3426860278 0.6598239620 -0.6687291122 18.2685287221 0.6598239620 -0.3376564637 -0.6712826914 3.2907576077 -0.6687291122 -0.6712826914 -0.3196575085 21.2036228771 
# 
_struct_biol.id        1 
_struct_biol.details   ? 
# 
loop_
_struct_conf.conf_type_id 
_struct_conf.id 
_struct_conf.pdbx_PDB_helix_id 
_struct_conf.beg_label_comp_id 
_struct_conf.beg_label_asym_id 
_struct_conf.beg_label_seq_id 
_struct_conf.pdbx_beg_PDB_ins_code 
_struct_conf.end_label_comp_id 
_struct_conf.end_label_asym_id 
_struct_conf.end_label_seq_id 
_struct_conf.pdbx_end_PDB_ins_code 
_struct_conf.beg_auth_comp_id 
_struct_conf.beg_auth_asym_id 
_struct_conf.beg_auth_seq_id 
_struct_conf.end_auth_comp_id 
_struct_conf.end_auth_asym_id 
_struct_conf.end_auth_seq_id 
_struct_conf.pdbx_PDB_helix_class 
_struct_conf.details 
_struct_conf.pdbx_PDB_helix_length 
HELX_P HELX_P1 1 GLY A 14  ? ARG A 28  ? GLY A 14  ARG A 28  1 ? 15 
HELX_P HELX_P2 2 MET A 42  ? GLY A 51  ? MET A 42  GLY A 51  1 ? 10 
HELX_P HELX_P3 3 SER A 62  ? TYR A 67  ? SER A 62  TYR A 67  1 ? 6  
HELX_P HELX_P4 4 ILE A 90  ? SER A 98  ? ILE A 90  SER A 98  1 ? 9  
HELX_P HELX_P5 5 ALA A 115 ? ALA A 124 ? ALA A 115 ALA A 124 1 ? 10 
HELX_P HELX_P6 6 MET A 143 ? ASP A 156 ? MET A 143 ASP A 156 1 ? 14 
HELX_P HELX_P7 7 GLN A 170 ? GLY A 179 ? GLN A 170 GLY A 179 1 ? 10 
HELX_P HELX_P8 8 ASP A 187 ? ILE A 204 ? ASP A 187 ILE A 204 1 ? 18 
# 
_struct_conf_type.id          HELX_P 
_struct_conf_type.criteria    ? 
_struct_conf_type.reference   ? 
# 
_struct_sheet.id               A 
_struct_sheet.type             ? 
_struct_sheet.number_strands   6 
_struct_sheet.details          ? 
# 
loop_
_struct_sheet_order.sheet_id 
_struct_sheet_order.range_id_1 
_struct_sheet_order.range_id_2 
_struct_sheet_order.offset 
_struct_sheet_order.sense 
A 1 2 ? parallel 
A 2 3 ? parallel 
A 3 4 ? parallel 
A 4 5 ? parallel 
A 5 6 ? parallel 
# 
loop_
_struct_sheet_range.sheet_id 
_struct_sheet_range.id 
_struct_sheet_range.beg_label_comp_id 
_struct_sheet_range.beg_label_asym_id 
_struct_sheet_range.beg_label_seq_id 
_struct_sheet_range.pdbx_beg_PDB_ins_code 
_struct_sheet_range.end_label_comp_id 
_struct_sheet_range.end_label_asym_id 
_struct_sheet_range.end_label_seq_id 
_struct_sheet_range.pdbx_end_PDB_ins_code 
_struct_sheet_range.beg_auth_comp_id 
_struct_sheet_range.beg_auth_asym_id 
_struct_sheet_range.beg_auth_seq_id 
_struct_sheet_range.end_auth_comp_id 
_struct_sheet_range.end_auth_asym_id 
_struct_sheet_range.end_auth_seq_id 
A 1 ASP A 56  ? THR A 59  ? ASP A 56  THR A 59  
A 2 ALA A 34  ? ASP A 37  ? ALA A 34  ASP A 37  
A 3 PHE A 78  ? ASP A 82  ? PHE A 78  ASP A 82  
A 4 LYS A 2   ? PHE A 6   ? LYS A 2   PHE A 6   
A 5 LEU A 100 ? VAL A 105 ? LEU A 100 VAL A 105 
A 6 GLU A 132 ? ILE A 137 ? GLU A 132 ILE A 137 
# 
loop_
_pdbx_struct_sheet_hbond.sheet_id 
_pdbx_struct_sheet_hbond.range_id_1 
_pdbx_struct_sheet_hbond.range_id_2 
_pdbx_struct_sheet_hbond.range_1_label_atom_id 
_pdbx_struct_sheet_hbond.range_1_label_comp_id 
_pdbx_struct_sheet_hbond.range_1_label_asym_id 
_pdbx_struct_sheet_hbond.range_1_label_seq_id 
_pdbx_struct_sheet_hbond.range_1_PDB_ins_code 
_pdbx_struct_sheet_hbond.range_1_auth_atom_id 
_pdbx_struct_sheet_hbond.range_1_auth_comp_id 
_pdbx_struct_sheet_hbond.range_1_auth_asym_id 
_pdbx_struct_sheet_hbond.range_1_auth_seq_id 
_pdbx_struct_sheet_hbond.range_2_label_atom_id 
_pdbx_struct_sheet_hbond.range_2_label_comp_id 
_pdbx_struct_sheet_hbond.range_2_label_asym_id 
_pdbx_struct_sheet_hbond.range_2_label_seq_id 
_pdbx_struct_sheet_hbond.range_2_PDB_ins_code 
_pdbx_struct_sheet_hbond.range_2_auth_atom_id 
_pdbx_struct_sheet_hbond.range_2_auth_comp_id 
_pdbx_struct_sheet_hbond.range_2_auth_asym_id 
_pdbx_struct_sheet_hbond.range_2_auth_seq_id 
A 1 2 O PHE A 58  ? O PHE A 58  N ASP A 37  ? N ASP A 37  
A 2 3 N VAL A 36  ? N VAL A 36  O ILE A 80  ? O ILE A 80  
A 3 4 O VAL A 81  ? O VAL A 81  N PHE A 6   ? N PHE A 6   
A 4 5 N SER A 5   ? N SER A 5   O LEU A 100 ? O LEU A 100 
A 5 6 N ILE A 103 ? N ILE A 103 O LEU A 136 ? O LEU A 136 
# 
loop_
_struct_site.id 
_struct_site.pdbx_evidence_code 
_struct_site.pdbx_auth_asym_id 
_struct_site.pdbx_auth_comp_id 
_struct_site.pdbx_auth_seq_id 
_struct_site.pdbx_auth_ins_code 
_struct_site.pdbx_num_residues 
_struct_site.details 
AC1 Software A ACP 301 ? 20 'BINDING SITE FOR RESIDUE ACP A 301' 
AC2 Software A SO4 302 ? 3  'BINDING SITE FOR RESIDUE SO4 A 302' 
# 
loop_
_struct_site_gen.id 
_struct_site_gen.site_id 
_struct_site_gen.pdbx_num_res 
_struct_site_gen.label_comp_id 
_struct_site_gen.label_asym_id 
_struct_site_gen.label_seq_id 
_struct_site_gen.pdbx_auth_ins_code 
_struct_site_gen.auth_comp_id 
_struct_site_gen.auth_asym_id 
_struct_site_gen.auth_seq_id 
_struct_site_gen.label_atom_id 
_struct_site_gen.label_alt_id 
_struct_site_gen.symmetry 
_struct_site_gen.details 
1  AC1 20 LYS A 10  ? LYS A 10  . ? 16_555 ? 
2  AC1 20 GLY A 11  ? GLY A 11  . ? 1_555  ? 
3  AC1 20 GLY A 12  ? GLY A 12  . ? 1_555  ? 
4  AC1 20 GLY A 14  ? GLY A 14  . ? 1_555  ? 
5  AC1 20 LYS A 15  ? LYS A 15  . ? 1_555  ? 
6  AC1 20 THR A 16  ? THR A 16  . ? 1_555  ? 
7  AC1 20 THR A 17  ? THR A 17  . ? 1_555  ? 
8  AC1 20 ASP A 39  ? ASP A 39  . ? 1_555  ? 
9  AC1 20 SER A 43  ? SER A 43  . ? 1_555  ? 
10 AC1 20 ASP A 82  ? ASP A 82  . ? 1_555  ? 
11 AC1 20 GLY A 83  ? GLY A 83  . ? 1_555  ? 
12 AC1 20 SER A 108 ? SER A 108 . ? 16_555 ? 
13 AC1 20 ASP A 111 ? ASP A 111 . ? 16_555 ? 
14 AC1 20 ARG A 139 ? ARG A 139 . ? 1_555  ? 
15 AC1 20 ILE A 166 ? ILE A 166 . ? 1_555  ? 
16 AC1 20 THR A 167 ? THR A 167 . ? 1_555  ? 
17 AC1 20 GLN A 168 ? GLN A 168 . ? 1_555  ? 
18 AC1 20 ARG A 169 ? ARG A 169 . ? 1_555  ? 
19 AC1 20 TYR A 172 ? TYR A 172 . ? 1_555  ? 
20 AC1 20 VAL A 173 ? VAL A 173 . ? 1_555  ? 
21 AC2 3  ARG A 28  ? ARG A 28  . ? 4_555  ? 
22 AC2 3  LYS A 52  ? LYS A 52  . ? 1_555  ? 
23 AC2 3  GLU A 184 ? GLU A 184 . ? 4_555  ? 
# 
_pdbx_validate_symm_contact.id                1 
_pdbx_validate_symm_contact.PDB_model_num     1 
_pdbx_validate_symm_contact.auth_atom_id_1    NH1 
_pdbx_validate_symm_contact.auth_asym_id_1    A 
_pdbx_validate_symm_contact.auth_comp_id_1    ARG 
_pdbx_validate_symm_contact.auth_seq_id_1     28 
_pdbx_validate_symm_contact.PDB_ins_code_1    ? 
_pdbx_validate_symm_contact.label_alt_id_1    ? 
_pdbx_validate_symm_contact.site_symmetry_1   1_555 
_pdbx_validate_symm_contact.auth_atom_id_2    O2 
_pdbx_validate_symm_contact.auth_asym_id_2    A 
_pdbx_validate_symm_contact.auth_comp_id_2    SO4 
_pdbx_validate_symm_contact.auth_seq_id_2     302 
_pdbx_validate_symm_contact.PDB_ins_code_2    ? 
_pdbx_validate_symm_contact.label_alt_id_2    ? 
_pdbx_validate_symm_contact.site_symmetry_2   3_555 
_pdbx_validate_symm_contact.dist              2.10 
# 
_pdbx_validate_rmsd_bond.id                        1 
_pdbx_validate_rmsd_bond.PDB_model_num             1 
_pdbx_validate_rmsd_bond.auth_atom_id_1            CD 
_pdbx_validate_rmsd_bond.auth_asym_id_1            A 
_pdbx_validate_rmsd_bond.auth_comp_id_1            GLU 
_pdbx_validate_rmsd_bond.auth_seq_id_1             184 
_pdbx_validate_rmsd_bond.PDB_ins_code_1            ? 
_pdbx_validate_rmsd_bond.label_alt_id_1            ? 
_pdbx_validate_rmsd_bond.auth_atom_id_2            OE2 
_pdbx_validate_rmsd_bond.auth_asym_id_2            A 
_pdbx_validate_rmsd_bond.auth_comp_id_2            GLU 
_pdbx_validate_rmsd_bond.auth_seq_id_2             184 
_pdbx_validate_rmsd_bond.PDB_ins_code_2            ? 
_pdbx_validate_rmsd_bond.label_alt_id_2            ? 
_pdbx_validate_rmsd_bond.bond_value                1.332 
_pdbx_validate_rmsd_bond.bond_target_value         1.252 
_pdbx_validate_rmsd_bond.bond_deviation            0.080 
_pdbx_validate_rmsd_bond.bond_standard_deviation   0.011 
_pdbx_validate_rmsd_bond.linker_flag               N 
# 
loop_
_pdbx_validate_torsion.id 
_pdbx_validate_torsion.PDB_model_num 
_pdbx_validate_torsion.auth_comp_id 
_pdbx_validate_torsion.auth_asym_id 
_pdbx_validate_torsion.auth_seq_id 
_pdbx_validate_torsion.PDB_ins_code 
_pdbx_validate_torsion.label_alt_id 
_pdbx_validate_torsion.phi 
_pdbx_validate_torsion.psi 
1  1 ASN A 8   ? ? 164.37  104.09  
2  1 LYS A 10  ? ? -52.50  108.88  
3  1 ALA A 50  ? ? -56.79  -78.82  
4  1 LEU A 87  ? ? -47.15  17.51   
5  1 SER A 88  ? ? -63.65  -147.04 
6  1 VAL A 89  ? ? -73.06  31.18   
7  1 SER A 113 ? ? -69.64  12.33   
8  1 GLU A 132 ? ? -47.43  156.67  
9  1 ARG A 139 ? ? 50.68   17.96   
10 1 ALA A 144 ? ? -35.35  -70.46  
11 1 SER A 181 ? ? -78.73  -161.11 
12 1 PHE A 183 ? ? -65.37  3.39    
13 1 SER A 185 ? ? -123.25 -165.95 
14 1 PHE A 205 ? ? -98.06  31.16   
# 
loop_
_pdbx_unobs_or_zero_occ_residues.id 
_pdbx_unobs_or_zero_occ_residues.PDB_model_num 
_pdbx_unobs_or_zero_occ_residues.polymer_flag 
_pdbx_unobs_or_zero_occ_residues.occupancy_flag 
_pdbx_unobs_or_zero_occ_residues.auth_asym_id 
_pdbx_unobs_or_zero_occ_residues.auth_comp_id 
_pdbx_unobs_or_zero_occ_residues.auth_seq_id 
_pdbx_unobs_or_zero_occ_residues.PDB_ins_code 
_pdbx_unobs_or_zero_occ_residues.label_asym_id 
_pdbx_unobs_or_zero_occ_residues.label_comp_id 
_pdbx_unobs_or_zero_occ_residues.label_seq_id 
1 1 Y 1 A TYR 127 ? A TYR 127 
2 1 Y 1 A SER 128 ? A SER 128 
# 
loop_
_chem_comp_atom.comp_id 
_chem_comp_atom.atom_id 
_chem_comp_atom.type_symbol 
_chem_comp_atom.pdbx_aromatic_flag 
_chem_comp_atom.pdbx_stereo_config 
_chem_comp_atom.pdbx_ordinal 
ACP PG     P N N 1   
ACP O1G    O N N 2   
ACP O2G    O N N 3   
ACP O3G    O N N 4   
ACP PB     P N S 5   
ACP O1B    O N N 6   
ACP O2B    O N N 7   
ACP C3B    C N N 8   
ACP PA     P N R 9   
ACP O1A    O N N 10  
ACP O2A    O N N 11  
ACP O3A    O N N 12  
ACP "O5'"  O N N 13  
ACP "C5'"  C N N 14  
ACP "C4'"  C N R 15  
ACP "O4'"  O N N 16  
ACP "C3'"  C N S 17  
ACP "O3'"  O N N 18  
ACP "C2'"  C N R 19  
ACP "O2'"  O N N 20  
ACP "C1'"  C N R 21  
ACP N9     N Y N 22  
ACP C8     C Y N 23  
ACP N7     N Y N 24  
ACP C5     C Y N 25  
ACP C6     C Y N 26  
ACP N6     N N N 27  
ACP N1     N Y N 28  
ACP C2     C Y N 29  
ACP N3     N Y N 30  
ACP C4     C Y N 31  
ACP HOG2   H N N 32  
ACP HOG3   H N N 33  
ACP HOB2   H N N 34  
ACP H3B1   H N N 35  
ACP H3B2   H N N 36  
ACP HOA2   H N N 37  
ACP "H5'1" H N N 38  
ACP "H5'2" H N N 39  
ACP "H4'"  H N N 40  
ACP "H3'"  H N N 41  
ACP "HO3'" H N N 42  
ACP "H2'"  H N N 43  
ACP "HO2'" H N N 44  
ACP "H1'"  H N N 45  
ACP H8     H N N 46  
ACP HN61   H N N 47  
ACP HN62   H N N 48  
ACP H2     H N N 49  
ALA N      N N N 50  
ALA CA     C N S 51  
ALA C      C N N 52  
ALA O      O N N 53  
ALA CB     C N N 54  
ALA OXT    O N N 55  
ALA H      H N N 56  
ALA H2     H N N 57  
ALA HA     H N N 58  
ALA HB1    H N N 59  
ALA HB2    H N N 60  
ALA HB3    H N N 61  
ALA HXT    H N N 62  
ARG N      N N N 63  
ARG CA     C N S 64  
ARG C      C N N 65  
ARG O      O N N 66  
ARG CB     C N N 67  
ARG CG     C N N 68  
ARG CD     C N N 69  
ARG NE     N N N 70  
ARG CZ     C N N 71  
ARG NH1    N N N 72  
ARG NH2    N N N 73  
ARG OXT    O N N 74  
ARG H      H N N 75  
ARG H2     H N N 76  
ARG HA     H N N 77  
ARG HB2    H N N 78  
ARG HB3    H N N 79  
ARG HG2    H N N 80  
ARG HG3    H N N 81  
ARG HD2    H N N 82  
ARG HD3    H N N 83  
ARG HE     H N N 84  
ARG HH11   H N N 85  
ARG HH12   H N N 86  
ARG HH21   H N N 87  
ARG HH22   H N N 88  
ARG HXT    H N N 89  
ASN N      N N N 90  
ASN CA     C N S 91  
ASN C      C N N 92  
ASN O      O N N 93  
ASN CB     C N N 94  
ASN CG     C N N 95  
ASN OD1    O N N 96  
ASN ND2    N N N 97  
ASN OXT    O N N 98  
ASN H      H N N 99  
ASN H2     H N N 100 
ASN HA     H N N 101 
ASN HB2    H N N 102 
ASN HB3    H N N 103 
ASN HD21   H N N 104 
ASN HD22   H N N 105 
ASN HXT    H N N 106 
ASP N      N N N 107 
ASP CA     C N S 108 
ASP C      C N N 109 
ASP O      O N N 110 
ASP CB     C N N 111 
ASP CG     C N N 112 
ASP OD1    O N N 113 
ASP OD2    O N N 114 
ASP OXT    O N N 115 
ASP H      H N N 116 
ASP H2     H N N 117 
ASP HA     H N N 118 
ASP HB2    H N N 119 
ASP HB3    H N N 120 
ASP HD2    H N N 121 
ASP HXT    H N N 122 
GLN N      N N N 123 
GLN CA     C N S 124 
GLN C      C N N 125 
GLN O      O N N 126 
GLN CB     C N N 127 
GLN CG     C N N 128 
GLN CD     C N N 129 
GLN OE1    O N N 130 
GLN NE2    N N N 131 
GLN OXT    O N N 132 
GLN H      H N N 133 
GLN H2     H N N 134 
GLN HA     H N N 135 
GLN HB2    H N N 136 
GLN HB3    H N N 137 
GLN HG2    H N N 138 
GLN HG3    H N N 139 
GLN HE21   H N N 140 
GLN HE22   H N N 141 
GLN HXT    H N N 142 
GLU N      N N N 143 
GLU CA     C N S 144 
GLU C      C N N 145 
GLU O      O N N 146 
GLU CB     C N N 147 
GLU CG     C N N 148 
GLU CD     C N N 149 
GLU OE1    O N N 150 
GLU OE2    O N N 151 
GLU OXT    O N N 152 
GLU H      H N N 153 
GLU H2     H N N 154 
GLU HA     H N N 155 
GLU HB2    H N N 156 
GLU HB3    H N N 157 
GLU HG2    H N N 158 
GLU HG3    H N N 159 
GLU HE2    H N N 160 
GLU HXT    H N N 161 
GLY N      N N N 162 
GLY CA     C N N 163 
GLY C      C N N 164 
GLY O      O N N 165 
GLY OXT    O N N 166 
GLY H      H N N 167 
GLY H2     H N N 168 
GLY HA2    H N N 169 
GLY HA3    H N N 170 
GLY HXT    H N N 171 
ILE N      N N N 172 
ILE CA     C N S 173 
ILE C      C N N 174 
ILE O      O N N 175 
ILE CB     C N S 176 
ILE CG1    C N N 177 
ILE CG2    C N N 178 
ILE CD1    C N N 179 
ILE OXT    O N N 180 
ILE H      H N N 181 
ILE H2     H N N 182 
ILE HA     H N N 183 
ILE HB     H N N 184 
ILE HG12   H N N 185 
ILE HG13   H N N 186 
ILE HG21   H N N 187 
ILE HG22   H N N 188 
ILE HG23   H N N 189 
ILE HD11   H N N 190 
ILE HD12   H N N 191 
ILE HD13   H N N 192 
ILE HXT    H N N 193 
LEU N      N N N 194 
LEU CA     C N S 195 
LEU C      C N N 196 
LEU O      O N N 197 
LEU CB     C N N 198 
LEU CG     C N N 199 
LEU CD1    C N N 200 
LEU CD2    C N N 201 
LEU OXT    O N N 202 
LEU H      H N N 203 
LEU H2     H N N 204 
LEU HA     H N N 205 
LEU HB2    H N N 206 
LEU HB3    H N N 207 
LEU HG     H N N 208 
LEU HD11   H N N 209 
LEU HD12   H N N 210 
LEU HD13   H N N 211 
LEU HD21   H N N 212 
LEU HD22   H N N 213 
LEU HD23   H N N 214 
LEU HXT    H N N 215 
LYS N      N N N 216 
LYS CA     C N S 217 
LYS C      C N N 218 
LYS O      O N N 219 
LYS CB     C N N 220 
LYS CG     C N N 221 
LYS CD     C N N 222 
LYS CE     C N N 223 
LYS NZ     N N N 224 
LYS OXT    O N N 225 
LYS H      H N N 226 
LYS H2     H N N 227 
LYS HA     H N N 228 
LYS HB2    H N N 229 
LYS HB3    H N N 230 
LYS HG2    H N N 231 
LYS HG3    H N N 232 
LYS HD2    H N N 233 
LYS HD3    H N N 234 
LYS HE2    H N N 235 
LYS HE3    H N N 236 
LYS HZ1    H N N 237 
LYS HZ2    H N N 238 
LYS HZ3    H N N 239 
LYS HXT    H N N 240 
MET N      N N N 241 
MET CA     C N S 242 
MET C      C N N 243 
MET O      O N N 244 
MET CB     C N N 245 
MET CG     C N N 246 
MET SD     S N N 247 
MET CE     C N N 248 
MET OXT    O N N 249 
MET H      H N N 250 
MET H2     H N N 251 
MET HA     H N N 252 
MET HB2    H N N 253 
MET HB3    H N N 254 
MET HG2    H N N 255 
MET HG3    H N N 256 
MET HE1    H N N 257 
MET HE2    H N N 258 
MET HE3    H N N 259 
MET HXT    H N N 260 
PHE N      N N N 261 
PHE CA     C N S 262 
PHE C      C N N 263 
PHE O      O N N 264 
PHE CB     C N N 265 
PHE CG     C Y N 266 
PHE CD1    C Y N 267 
PHE CD2    C Y N 268 
PHE CE1    C Y N 269 
PHE CE2    C Y N 270 
PHE CZ     C Y N 271 
PHE OXT    O N N 272 
PHE H      H N N 273 
PHE H2     H N N 274 
PHE HA     H N N 275 
PHE HB2    H N N 276 
PHE HB3    H N N 277 
PHE HD1    H N N 278 
PHE HD2    H N N 279 
PHE HE1    H N N 280 
PHE HE2    H N N 281 
PHE HZ     H N N 282 
PHE HXT    H N N 283 
PRO N      N N N 284 
PRO CA     C N S 285 
PRO C      C N N 286 
PRO O      O N N 287 
PRO CB     C N N 288 
PRO CG     C N N 289 
PRO CD     C N N 290 
PRO OXT    O N N 291 
PRO H      H N N 292 
PRO HA     H N N 293 
PRO HB2    H N N 294 
PRO HB3    H N N 295 
PRO HG2    H N N 296 
PRO HG3    H N N 297 
PRO HD2    H N N 298 
PRO HD3    H N N 299 
PRO HXT    H N N 300 
SER N      N N N 301 
SER CA     C N S 302 
SER C      C N N 303 
SER O      O N N 304 
SER CB     C N N 305 
SER OG     O N N 306 
SER OXT    O N N 307 
SER H      H N N 308 
SER H2     H N N 309 
SER HA     H N N 310 
SER HB2    H N N 311 
SER HB3    H N N 312 
SER HG     H N N 313 
SER HXT    H N N 314 
SO4 S      S N N 315 
SO4 O1     O N N 316 
SO4 O2     O N N 317 
SO4 O3     O N N 318 
SO4 O4     O N N 319 
THR N      N N N 320 
THR CA     C N S 321 
THR C      C N N 322 
THR O      O N N 323 
THR CB     C N R 324 
THR OG1    O N N 325 
THR CG2    C N N 326 
THR OXT    O N N 327 
THR H      H N N 328 
THR H2     H N N 329 
THR HA     H N N 330 
THR HB     H N N 331 
THR HG1    H N N 332 
THR HG21   H N N 333 
THR HG22   H N N 334 
THR HG23   H N N 335 
THR HXT    H N N 336 
TRP N      N N N 337 
TRP CA     C N S 338 
TRP C      C N N 339 
TRP O      O N N 340 
TRP CB     C N N 341 
TRP CG     C Y N 342 
TRP CD1    C Y N 343 
TRP CD2    C Y N 344 
TRP NE1    N Y N 345 
TRP CE2    C Y N 346 
TRP CE3    C Y N 347 
TRP CZ2    C Y N 348 
TRP CZ3    C Y N 349 
TRP CH2    C Y N 350 
TRP OXT    O N N 351 
TRP H      H N N 352 
TRP H2     H N N 353 
TRP HA     H N N 354 
TRP HB2    H N N 355 
TRP HB3    H N N 356 
TRP HD1    H N N 357 
TRP HE1    H N N 358 
TRP HE3    H N N 359 
TRP HZ2    H N N 360 
TRP HZ3    H N N 361 
TRP HH2    H N N 362 
TRP HXT    H N N 363 
TYR N      N N N 364 
TYR CA     C N S 365 
TYR C      C N N 366 
TYR O      O N N 367 
TYR CB     C N N 368 
TYR CG     C Y N 369 
TYR CD1    C Y N 370 
TYR CD2    C Y N 371 
TYR CE1    C Y N 372 
TYR CE2    C Y N 373 
TYR CZ     C Y N 374 
TYR OH     O N N 375 
TYR OXT    O N N 376 
TYR H      H N N 377 
TYR H2     H N N 378 
TYR HA     H N N 379 
TYR HB2    H N N 380 
TYR HB3    H N N 381 
TYR HD1    H N N 382 
TYR HD2    H N N 383 
TYR HE1    H N N 384 
TYR HE2    H N N 385 
TYR HH     H N N 386 
TYR HXT    H N N 387 
VAL N      N N N 388 
VAL CA     C N S 389 
VAL C      C N N 390 
VAL O      O N N 391 
VAL CB     C N N 392 
VAL CG1    C N N 393 
VAL CG2    C N N 394 
VAL OXT    O N N 395 
VAL H      H N N 396 
VAL H2     H N N 397 
VAL HA     H N N 398 
VAL HB     H N N 399 
VAL HG11   H N N 400 
VAL HG12   H N N 401 
VAL HG13   H N N 402 
VAL HG21   H N N 403 
VAL HG22   H N N 404 
VAL HG23   H N N 405 
VAL HXT    H N N 406 
# 
loop_
_chem_comp_bond.comp_id 
_chem_comp_bond.atom_id_1 
_chem_comp_bond.atom_id_2 
_chem_comp_bond.value_order 
_chem_comp_bond.pdbx_aromatic_flag 
_chem_comp_bond.pdbx_stereo_config 
_chem_comp_bond.pdbx_ordinal 
ACP PG    O1G    doub N N 1   
ACP PG    O2G    sing N N 2   
ACP PG    O3G    sing N N 3   
ACP PG    C3B    sing N N 4   
ACP O2G   HOG2   sing N N 5   
ACP O3G   HOG3   sing N N 6   
ACP PB    O1B    doub N N 7   
ACP PB    O2B    sing N N 8   
ACP PB    C3B    sing N N 9   
ACP PB    O3A    sing N N 10  
ACP O2B   HOB2   sing N N 11  
ACP C3B   H3B1   sing N N 12  
ACP C3B   H3B2   sing N N 13  
ACP PA    O1A    doub N N 14  
ACP PA    O2A    sing N N 15  
ACP PA    O3A    sing N N 16  
ACP PA    "O5'"  sing N N 17  
ACP O2A   HOA2   sing N N 18  
ACP "O5'" "C5'"  sing N N 19  
ACP "C5'" "C4'"  sing N N 20  
ACP "C5'" "H5'1" sing N N 21  
ACP "C5'" "H5'2" sing N N 22  
ACP "C4'" "O4'"  sing N N 23  
ACP "C4'" "C3'"  sing N N 24  
ACP "C4'" "H4'"  sing N N 25  
ACP "O4'" "C1'"  sing N N 26  
ACP "C3'" "O3'"  sing N N 27  
ACP "C3'" "C2'"  sing N N 28  
ACP "C3'" "H3'"  sing N N 29  
ACP "O3'" "HO3'" sing N N 30  
ACP "C2'" "O2'"  sing N N 31  
ACP "C2'" "C1'"  sing N N 32  
ACP "C2'" "H2'"  sing N N 33  
ACP "O2'" "HO2'" sing N N 34  
ACP "C1'" N9     sing N N 35  
ACP "C1'" "H1'"  sing N N 36  
ACP N9    C8     sing Y N 37  
ACP N9    C4     sing Y N 38  
ACP C8    N7     doub Y N 39  
ACP C8    H8     sing N N 40  
ACP N7    C5     sing Y N 41  
ACP C5    C6     sing Y N 42  
ACP C5    C4     doub Y N 43  
ACP C6    N6     sing N N 44  
ACP C6    N1     doub Y N 45  
ACP N6    HN61   sing N N 46  
ACP N6    HN62   sing N N 47  
ACP N1    C2     sing Y N 48  
ACP C2    N3     doub Y N 49  
ACP C2    H2     sing N N 50  
ACP N3    C4     sing Y N 51  
ALA N     CA     sing N N 52  
ALA N     H      sing N N 53  
ALA N     H2     sing N N 54  
ALA CA    C      sing N N 55  
ALA CA    CB     sing N N 56  
ALA CA    HA     sing N N 57  
ALA C     O      doub N N 58  
ALA C     OXT    sing N N 59  
ALA CB    HB1    sing N N 60  
ALA CB    HB2    sing N N 61  
ALA CB    HB3    sing N N 62  
ALA OXT   HXT    sing N N 63  
ARG N     CA     sing N N 64  
ARG N     H      sing N N 65  
ARG N     H2     sing N N 66  
ARG CA    C      sing N N 67  
ARG CA    CB     sing N N 68  
ARG CA    HA     sing N N 69  
ARG C     O      doub N N 70  
ARG C     OXT    sing N N 71  
ARG CB    CG     sing N N 72  
ARG CB    HB2    sing N N 73  
ARG CB    HB3    sing N N 74  
ARG CG    CD     sing N N 75  
ARG CG    HG2    sing N N 76  
ARG CG    HG3    sing N N 77  
ARG CD    NE     sing N N 78  
ARG CD    HD2    sing N N 79  
ARG CD    HD3    sing N N 80  
ARG NE    CZ     sing N N 81  
ARG NE    HE     sing N N 82  
ARG CZ    NH1    sing N N 83  
ARG CZ    NH2    doub N N 84  
ARG NH1   HH11   sing N N 85  
ARG NH1   HH12   sing N N 86  
ARG NH2   HH21   sing N N 87  
ARG NH2   HH22   sing N N 88  
ARG OXT   HXT    sing N N 89  
ASN N     CA     sing N N 90  
ASN N     H      sing N N 91  
ASN N     H2     sing N N 92  
ASN CA    C      sing N N 93  
ASN CA    CB     sing N N 94  
ASN CA    HA     sing N N 95  
ASN C     O      doub N N 96  
ASN C     OXT    sing N N 97  
ASN CB    CG     sing N N 98  
ASN CB    HB2    sing N N 99  
ASN CB    HB3    sing N N 100 
ASN CG    OD1    doub N N 101 
ASN CG    ND2    sing N N 102 
ASN ND2   HD21   sing N N 103 
ASN ND2   HD22   sing N N 104 
ASN OXT   HXT    sing N N 105 
ASP N     CA     sing N N 106 
ASP N     H      sing N N 107 
ASP N     H2     sing N N 108 
ASP CA    C      sing N N 109 
ASP CA    CB     sing N N 110 
ASP CA    HA     sing N N 111 
ASP C     O      doub N N 112 
ASP C     OXT    sing N N 113 
ASP CB    CG     sing N N 114 
ASP CB    HB2    sing N N 115 
ASP CB    HB3    sing N N 116 
ASP CG    OD1    doub N N 117 
ASP CG    OD2    sing N N 118 
ASP OD2   HD2    sing N N 119 
ASP OXT   HXT    sing N N 120 
GLN N     CA     sing N N 121 
GLN N     H      sing N N 122 
GLN N     H2     sing N N 123 
GLN CA    C      sing N N 124 
GLN CA    CB     sing N N 125 
GLN CA    HA     sing N N 126 
GLN C     O      doub N N 127 
GLN C     OXT    sing N N 128 
GLN CB    CG     sing N N 129 
GLN CB    HB2    sing N N 130 
GLN CB    HB3    sing N N 131 
GLN CG    CD     sing N N 132 
GLN CG    HG2    sing N N 133 
GLN CG    HG3    sing N N 134 
GLN CD    OE1    doub N N 135 
GLN CD    NE2    sing N N 136 
GLN NE2   HE21   sing N N 137 
GLN NE2   HE22   sing N N 138 
GLN OXT   HXT    sing N N 139 
GLU N     CA     sing N N 140 
GLU N     H      sing N N 141 
GLU N     H2     sing N N 142 
GLU CA    C      sing N N 143 
GLU CA    CB     sing N N 144 
GLU CA    HA     sing N N 145 
GLU C     O      doub N N 146 
GLU C     OXT    sing N N 147 
GLU CB    CG     sing N N 148 
GLU CB    HB2    sing N N 149 
GLU CB    HB3    sing N N 150 
GLU CG    CD     sing N N 151 
GLU CG    HG2    sing N N 152 
GLU CG    HG3    sing N N 153 
GLU CD    OE1    doub N N 154 
GLU CD    OE2    sing N N 155 
GLU OE2   HE2    sing N N 156 
GLU OXT   HXT    sing N N 157 
GLY N     CA     sing N N 158 
GLY N     H      sing N N 159 
GLY N     H2     sing N N 160 
GLY CA    C      sing N N 161 
GLY CA    HA2    sing N N 162 
GLY CA    HA3    sing N N 163 
GLY C     O      doub N N 164 
GLY C     OXT    sing N N 165 
GLY OXT   HXT    sing N N 166 
ILE N     CA     sing N N 167 
ILE N     H      sing N N 168 
ILE N     H2     sing N N 169 
ILE CA    C      sing N N 170 
ILE CA    CB     sing N N 171 
ILE CA    HA     sing N N 172 
ILE C     O      doub N N 173 
ILE C     OXT    sing N N 174 
ILE CB    CG1    sing N N 175 
ILE CB    CG2    sing N N 176 
ILE CB    HB     sing N N 177 
ILE CG1   CD1    sing N N 178 
ILE CG1   HG12   sing N N 179 
ILE CG1   HG13   sing N N 180 
ILE CG2   HG21   sing N N 181 
ILE CG2   HG22   sing N N 182 
ILE CG2   HG23   sing N N 183 
ILE CD1   HD11   sing N N 184 
ILE CD1   HD12   sing N N 185 
ILE CD1   HD13   sing N N 186 
ILE OXT   HXT    sing N N 187 
LEU N     CA     sing N N 188 
LEU N     H      sing N N 189 
LEU N     H2     sing N N 190 
LEU CA    C      sing N N 191 
LEU CA    CB     sing N N 192 
LEU CA    HA     sing N N 193 
LEU C     O      doub N N 194 
LEU C     OXT    sing N N 195 
LEU CB    CG     sing N N 196 
LEU CB    HB2    sing N N 197 
LEU CB    HB3    sing N N 198 
LEU CG    CD1    sing N N 199 
LEU CG    CD2    sing N N 200 
LEU CG    HG     sing N N 201 
LEU CD1   HD11   sing N N 202 
LEU CD1   HD12   sing N N 203 
LEU CD1   HD13   sing N N 204 
LEU CD2   HD21   sing N N 205 
LEU CD2   HD22   sing N N 206 
LEU CD2   HD23   sing N N 207 
LEU OXT   HXT    sing N N 208 
LYS N     CA     sing N N 209 
LYS N     H      sing N N 210 
LYS N     H2     sing N N 211 
LYS CA    C      sing N N 212 
LYS CA    CB     sing N N 213 
LYS CA    HA     sing N N 214 
LYS C     O      doub N N 215 
LYS C     OXT    sing N N 216 
LYS CB    CG     sing N N 217 
LYS CB    HB2    sing N N 218 
LYS CB    HB3    sing N N 219 
LYS CG    CD     sing N N 220 
LYS CG    HG2    sing N N 221 
LYS CG    HG3    sing N N 222 
LYS CD    CE     sing N N 223 
LYS CD    HD2    sing N N 224 
LYS CD    HD3    sing N N 225 
LYS CE    NZ     sing N N 226 
LYS CE    HE2    sing N N 227 
LYS CE    HE3    sing N N 228 
LYS NZ    HZ1    sing N N 229 
LYS NZ    HZ2    sing N N 230 
LYS NZ    HZ3    sing N N 231 
LYS OXT   HXT    sing N N 232 
MET N     CA     sing N N 233 
MET N     H      sing N N 234 
MET N     H2     sing N N 235 
MET CA    C      sing N N 236 
MET CA    CB     sing N N 237 
MET CA    HA     sing N N 238 
MET C     O      doub N N 239 
MET C     OXT    sing N N 240 
MET CB    CG     sing N N 241 
MET CB    HB2    sing N N 242 
MET CB    HB3    sing N N 243 
MET CG    SD     sing N N 244 
MET CG    HG2    sing N N 245 
MET CG    HG3    sing N N 246 
MET SD    CE     sing N N 247 
MET CE    HE1    sing N N 248 
MET CE    HE2    sing N N 249 
MET CE    HE3    sing N N 250 
MET OXT   HXT    sing N N 251 
PHE N     CA     sing N N 252 
PHE N     H      sing N N 253 
PHE N     H2     sing N N 254 
PHE CA    C      sing N N 255 
PHE CA    CB     sing N N 256 
PHE CA    HA     sing N N 257 
PHE C     O      doub N N 258 
PHE C     OXT    sing N N 259 
PHE CB    CG     sing N N 260 
PHE CB    HB2    sing N N 261 
PHE CB    HB3    sing N N 262 
PHE CG    CD1    doub Y N 263 
PHE CG    CD2    sing Y N 264 
PHE CD1   CE1    sing Y N 265 
PHE CD1   HD1    sing N N 266 
PHE CD2   CE2    doub Y N 267 
PHE CD2   HD2    sing N N 268 
PHE CE1   CZ     doub Y N 269 
PHE CE1   HE1    sing N N 270 
PHE CE2   CZ     sing Y N 271 
PHE CE2   HE2    sing N N 272 
PHE CZ    HZ     sing N N 273 
PHE OXT   HXT    sing N N 274 
PRO N     CA     sing N N 275 
PRO N     CD     sing N N 276 
PRO N     H      sing N N 277 
PRO CA    C      sing N N 278 
PRO CA    CB     sing N N 279 
PRO CA    HA     sing N N 280 
PRO C     O      doub N N 281 
PRO C     OXT    sing N N 282 
PRO CB    CG     sing N N 283 
PRO CB    HB2    sing N N 284 
PRO CB    HB3    sing N N 285 
PRO CG    CD     sing N N 286 
PRO CG    HG2    sing N N 287 
PRO CG    HG3    sing N N 288 
PRO CD    HD2    sing N N 289 
PRO CD    HD3    sing N N 290 
PRO OXT   HXT    sing N N 291 
SER N     CA     sing N N 292 
SER N     H      sing N N 293 
SER N     H2     sing N N 294 
SER CA    C      sing N N 295 
SER CA    CB     sing N N 296 
SER CA    HA     sing N N 297 
SER C     O      doub N N 298 
SER C     OXT    sing N N 299 
SER CB    OG     sing N N 300 
SER CB    HB2    sing N N 301 
SER CB    HB3    sing N N 302 
SER OG    HG     sing N N 303 
SER OXT   HXT    sing N N 304 
SO4 S     O1     doub N N 305 
SO4 S     O2     doub N N 306 
SO4 S     O3     sing N N 307 
SO4 S     O4     sing N N 308 
THR N     CA     sing N N 309 
THR N     H      sing N N 310 
THR N     H2     sing N N 311 
THR CA    C      sing N N 312 
THR CA    CB     sing N N 313 
THR CA    HA     sing N N 314 
THR C     O      doub N N 315 
THR C     OXT    sing N N 316 
THR CB    OG1    sing N N 317 
THR CB    CG2    sing N N 318 
THR CB    HB     sing N N 319 
THR OG1   HG1    sing N N 320 
THR CG2   HG21   sing N N 321 
THR CG2   HG22   sing N N 322 
THR CG2   HG23   sing N N 323 
THR OXT   HXT    sing N N 324 
TRP N     CA     sing N N 325 
TRP N     H      sing N N 326 
TRP N     H2     sing N N 327 
TRP CA    C      sing N N 328 
TRP CA    CB     sing N N 329 
TRP CA    HA     sing N N 330 
TRP C     O      doub N N 331 
TRP C     OXT    sing N N 332 
TRP CB    CG     sing N N 333 
TRP CB    HB2    sing N N 334 
TRP CB    HB3    sing N N 335 
TRP CG    CD1    doub Y N 336 
TRP CG    CD2    sing Y N 337 
TRP CD1   NE1    sing Y N 338 
TRP CD1   HD1    sing N N 339 
TRP CD2   CE2    doub Y N 340 
TRP CD2   CE3    sing Y N 341 
TRP NE1   CE2    sing Y N 342 
TRP NE1   HE1    sing N N 343 
TRP CE2   CZ2    sing Y N 344 
TRP CE3   CZ3    doub Y N 345 
TRP CE3   HE3    sing N N 346 
TRP CZ2   CH2    doub Y N 347 
TRP CZ2   HZ2    sing N N 348 
TRP CZ3   CH2    sing Y N 349 
TRP CZ3   HZ3    sing N N 350 
TRP CH2   HH2    sing N N 351 
TRP OXT   HXT    sing N N 352 
TYR N     CA     sing N N 353 
TYR N     H      sing N N 354 
TYR N     H2     sing N N 355 
TYR CA    C      sing N N 356 
TYR CA    CB     sing N N 357 
TYR CA    HA     sing N N 358 
TYR C     O      doub N N 359 
TYR C     OXT    sing N N 360 
TYR CB    CG     sing N N 361 
TYR CB    HB2    sing N N 362 
TYR CB    HB3    sing N N 363 
TYR CG    CD1    doub Y N 364 
TYR CG    CD2    sing Y N 365 
TYR CD1   CE1    sing Y N 366 
TYR CD1   HD1    sing N N 367 
TYR CD2   CE2    doub Y N 368 
TYR CD2   HD2    sing N N 369 
TYR CE1   CZ     doub Y N 370 
TYR CE1   HE1    sing N N 371 
TYR CE2   CZ     sing Y N 372 
TYR CE2   HE2    sing N N 373 
TYR CZ    OH     sing N N 374 
TYR OH    HH     sing N N 375 
TYR OXT   HXT    sing N N 376 
VAL N     CA     sing N N 377 
VAL N     H      sing N N 378 
VAL N     H2     sing N N 379 
VAL CA    C      sing N N 380 
VAL CA    CB     sing N N 381 
VAL CA    HA     sing N N 382 
VAL C     O      doub N N 383 
VAL C     OXT    sing N N 384 
VAL CB    CG1    sing N N 385 
VAL CB    CG2    sing N N 386 
VAL CB    HB     sing N N 387 
VAL CG1   HG11   sing N N 388 
VAL CG1   HG12   sing N N 389 
VAL CG1   HG13   sing N N 390 
VAL CG2   HG21   sing N N 391 
VAL CG2   HG22   sing N N 392 
VAL CG2   HG23   sing N N 393 
VAL OXT   HXT    sing N N 394 
# 
_atom_sites.entry_id                    4E09 
_atom_sites.fract_transf_matrix[1][1]   0.00113197 
_atom_sites.fract_transf_matrix[1][2]   -0.01030064 
_atom_sites.fract_transf_matrix[1][3]   0.00478962 
_atom_sites.fract_transf_matrix[2][1]   0.01038748 
_atom_sites.fract_transf_matrix[2][2]   -0.00100979 
_atom_sites.fract_transf_matrix[2][3]   -0.00462662 
_atom_sites.fract_transf_matrix[3][1]   0.00268540 
_atom_sites.fract_transf_matrix[3][2]   0.00281307 
_atom_sites.fract_transf_matrix[3][3]   0.00541518 
_atom_sites.fract_transf_vector[1]      0.310442 
_atom_sites.fract_transf_vector[2]      0.101239 
_atom_sites.fract_transf_vector[3]      0.163444 
# 
loop_
_atom_type.symbol 
C 
N 
O 
P 
S 
# 
loop_
_atom_site.group_PDB 
_atom_site.id 
_atom_site.type_symbol 
_atom_site.label_atom_id 
_atom_site.label_alt_id 
_atom_site.label_comp_id 
_atom_site.label_asym_id 
_atom_site.label_entity_id 
_atom_site.label_seq_id 
_atom_site.pdbx_PDB_ins_code 
_atom_site.Cartn_x 
_atom_site.Cartn_y 
_atom_site.Cartn_z 
_atom_site.occupancy 
_atom_site.B_iso_or_equiv 
_atom_site.pdbx_formal_charge 
_atom_site.auth_seq_id 
_atom_site.auth_comp_id 
_atom_site.auth_asym_id 
_atom_site.auth_atom_id 
_atom_site.pdbx_PDB_model_num 
ATOM   1    N N     . MET A 1 1   ? -16.349 -5.179  -6.812  1.00 102.63 ? 1   MET A N     1 
ATOM   2    C CA    . MET A 1 1   ? -15.738 -4.501  -5.632  1.00 99.20  ? 1   MET A CA    1 
ATOM   3    C C     . MET A 1 1   ? -14.400 -5.196  -5.338  1.00 97.16  ? 1   MET A C     1 
ATOM   4    O O     . MET A 1 1   ? -14.353 -6.179  -4.593  1.00 100.89 ? 1   MET A O     1 
ATOM   5    C CB    . MET A 1 1   ? -16.695 -4.611  -4.433  1.00 104.99 ? 1   MET A CB    1 
ATOM   6    C CG    . MET A 1 1   ? -16.501 -3.584  -3.298  1.00 107.64 ? 1   MET A CG    1 
ATOM   7    S SD    . MET A 1 1   ? -14.963 -3.694  -2.338  1.00 107.55 ? 1   MET A SD    1 
ATOM   8    C CE    . MET A 1 1   ? -13.924 -2.605  -3.296  1.00 99.90  ? 1   MET A CE    1 
ATOM   9    N N     . LYS A 1 2   ? -13.326 -4.691  -5.942  1.00 89.09  ? 2   LYS A N     1 
ATOM   10   C CA    . LYS A 1 2   ? -11.978 -5.244  -5.774  1.00 83.09  ? 2   LYS A CA    1 
ATOM   11   C C     . LYS A 1 2   ? -11.292 -4.605  -4.555  1.00 84.04  ? 2   LYS A C     1 
ATOM   12   O O     . LYS A 1 2   ? -11.397 -3.401  -4.344  1.00 84.09  ? 2   LYS A O     1 
ATOM   13   C CB    . LYS A 1 2   ? -11.149 -4.975  -7.033  1.00 82.49  ? 2   LYS A CB    1 
ATOM   14   C CG    . LYS A 1 2   ? -11.780 -5.443  -8.361  1.00 88.14  ? 2   LYS A CG    1 
ATOM   15   C CD    . LYS A 1 2   ? -11.650 -6.959  -8.614  1.00 93.77  ? 2   LYS A CD    1 
ATOM   16   C CE    . LYS A 1 2   ? -12.815 -7.791  -8.056  1.00 96.58  ? 2   LYS A CE    1 
ATOM   17   N NZ    . LYS A 1 2   ? -14.091 -7.641  -8.817  1.00 90.89  ? 2   LYS A NZ    1 
ATOM   18   N N     . VAL A 1 3   ? -10.592 -5.404  -3.749  1.00 81.79  ? 3   VAL A N     1 
ATOM   19   C CA    . VAL A 1 3   ? -9.922  -4.870  -2.556  1.00 76.73  ? 3   VAL A CA    1 
ATOM   20   C C     . VAL A 1 3   ? -8.400  -4.982  -2.648  1.00 76.17  ? 3   VAL A C     1 
ATOM   21   O O     . VAL A 1 3   ? -7.877  -6.056  -2.917  1.00 82.55  ? 3   VAL A O     1 
ATOM   22   C CB    . VAL A 1 3   ? -10.390 -5.607  -1.260  1.00 71.41  ? 3   VAL A CB    1 
ATOM   23   C CG1   . VAL A 1 3   ? -9.668  -5.046  -0.068  1.00 72.38  ? 3   VAL A CG1   1 
ATOM   24   C CG2   . VAL A 1 3   ? -11.889 -5.450  -1.054  1.00 65.10  ? 3   VAL A CG2   1 
ATOM   25   N N     . ILE A 1 4   ? -7.693  -3.877  -2.436  1.00 74.22  ? 4   ILE A N     1 
ATOM   26   C CA    . ILE A 1 4   ? -6.222  -3.862  -2.474  1.00 73.09  ? 4   ILE A CA    1 
ATOM   27   C C     . ILE A 1 4   ? -5.752  -3.575  -1.047  1.00 77.92  ? 4   ILE A C     1 
ATOM   28   O O     . ILE A 1 4   ? -6.175  -2.593  -0.439  1.00 83.70  ? 4   ILE A O     1 
ATOM   29   C CB    . ILE A 1 4   ? -5.660  -2.744  -3.440  1.00 67.95  ? 4   ILE A CB    1 
ATOM   30   C CG1   . ILE A 1 4   ? -6.010  -3.073  -4.885  1.00 67.84  ? 4   ILE A CG1   1 
ATOM   31   C CG2   . ILE A 1 4   ? -4.134  -2.615  -3.329  1.00 58.56  ? 4   ILE A CG2   1 
ATOM   32   C CD1   . ILE A 1 4   ? -7.396  -2.680  -5.280  1.00 75.32  ? 4   ILE A CD1   1 
ATOM   33   N N     . SER A 1 5   ? -4.900  -4.433  -0.497  1.00 76.34  ? 5   SER A N     1 
ATOM   34   C CA    . SER A 1 5   ? -4.415  -4.218  0.855   1.00 72.07  ? 5   SER A CA    1 
ATOM   35   C C     . SER A 1 5   ? -2.926  -4.133  0.953   1.00 76.73  ? 5   SER A C     1 
ATOM   36   O O     . SER A 1 5   ? -2.213  -5.043  0.543   1.00 73.75  ? 5   SER A O     1 
ATOM   37   C CB    . SER A 1 5   ? -4.907  -5.316  1.775   1.00 68.04  ? 5   SER A CB    1 
ATOM   38   O OG    . SER A 1 5   ? -6.286  -5.143  2.020   1.00 79.78  ? 5   SER A OG    1 
ATOM   39   N N     . PHE A 1 6   ? -2.456  -3.024  1.505   1.00 81.80  ? 6   PHE A N     1 
ATOM   40   C CA    . PHE A 1 6   ? -1.027  -2.823  1.692   1.00 82.85  ? 6   PHE A CA    1 
ATOM   41   C C     . PHE A 1 6   ? -0.654  -3.328  3.076   1.00 85.83  ? 6   PHE A C     1 
ATOM   42   O O     . PHE A 1 6   ? -0.950  -2.668  4.081   1.00 80.61  ? 6   PHE A O     1 
ATOM   43   C CB    . PHE A 1 6   ? -0.668  -1.353  1.569   1.00 71.27  ? 6   PHE A CB    1 
ATOM   44   C CG    . PHE A 1 6   ? -0.841  -0.819  0.197   1.00 63.27  ? 6   PHE A CG    1 
ATOM   45   C CD1   . PHE A 1 6   ? -2.109  -0.683  -0.358  1.00 63.81  ? 6   PHE A CD1   1 
ATOM   46   C CD2   . PHE A 1 6   ? 0.267   -0.472  -0.561  1.00 66.94  ? 6   PHE A CD2   1 
ATOM   47   C CE1   . PHE A 1 6   ? -2.270  -0.207  -1.652  1.00 67.64  ? 6   PHE A CE1   1 
ATOM   48   C CE2   . PHE A 1 6   ? 0.123   0.008   -1.858  1.00 68.19  ? 6   PHE A CE2   1 
ATOM   49   C CZ    . PHE A 1 6   ? -1.150  0.139   -2.405  1.00 72.60  ? 6   PHE A CZ    1 
ATOM   50   N N     . LEU A 1 7   ? -0.007  -4.499  3.105   1.00 88.23  ? 7   LEU A N     1 
ATOM   51   C CA    . LEU A 1 7   ? 0.411   -5.155  4.338   1.00 86.37  ? 7   LEU A CA    1 
ATOM   52   C C     . LEU A 1 7   ? 1.928   -5.289  4.506   1.00 88.42  ? 7   LEU A C     1 
ATOM   53   O O     . LEU A 1 7   ? 2.682   -5.517  3.558   1.00 83.93  ? 7   LEU A O     1 
ATOM   54   C CB    . LEU A 1 7   ? -0.237  -6.539  4.431   1.00 78.43  ? 7   LEU A CB    1 
ATOM   55   C CG    . LEU A 1 7   ? -1.758  -6.566  4.232   1.00 77.31  ? 7   LEU A CG    1 
ATOM   56   C CD1   . LEU A 1 7   ? -2.231  -7.983  3.937   1.00 78.02  ? 7   LEU A CD1   1 
ATOM   57   C CD2   . LEU A 1 7   ? -2.463  -6.006  5.450   1.00 70.82  ? 7   LEU A CD2   1 
ATOM   58   N N     . ASN A 1 8   ? 2.359   -5.148  5.749   1.00 97.61  ? 8   ASN A N     1 
ATOM   59   C CA    . ASN A 1 8   ? 3.759   -5.250  6.095   1.00 106.51 ? 8   ASN A CA    1 
ATOM   60   C C     . ASN A 1 8   ? 3.885   -4.657  7.475   1.00 114.14 ? 8   ASN A C     1 
ATOM   61   O O     . ASN A 1 8   ? 3.848   -3.433  7.644   1.00 117.59 ? 8   ASN A O     1 
ATOM   62   C CB    . ASN A 1 8   ? 4.620   -4.464  5.127   1.00 105.51 ? 8   ASN A CB    1 
ATOM   63   C CG    . ASN A 1 8   ? 6.080   -4.753  5.309   1.00 105.51 ? 8   ASN A CG    1 
ATOM   64   O OD1   . ASN A 1 8   ? 6.631   -4.551  6.386   1.00 101.75 ? 8   ASN A OD1   1 
ATOM   65   N ND2   . ASN A 1 8   ? 6.718   -5.241  4.258   1.00 107.87 ? 8   ASN A ND2   1 
ATOM   66   N N     . PRO A 1 9   ? 4.029   -5.519  8.485   1.00 118.45 ? 9   PRO A N     1 
ATOM   67   C CA    . PRO A 1 9   ? 4.164   -5.130  9.888   1.00 121.04 ? 9   PRO A CA    1 
ATOM   68   C C     . PRO A 1 9   ? 5.363   -4.214  10.173  1.00 121.79 ? 9   PRO A C     1 
ATOM   69   O O     . PRO A 1 9   ? 5.221   -3.205  10.866  1.00 124.70 ? 9   PRO A O     1 
ATOM   70   C CB    . PRO A 1 9   ? 4.252   -6.472  10.597  1.00 119.97 ? 9   PRO A CB    1 
ATOM   71   C CG    . PRO A 1 9   ? 4.959   -7.318  9.582   1.00 123.34 ? 9   PRO A CG    1 
ATOM   72   C CD    . PRO A 1 9   ? 4.216   -6.970  8.329   1.00 119.00 ? 9   PRO A CD    1 
ATOM   73   N N     . LYS A 1 10  ? 6.534   -4.549  9.638   1.00 119.13 ? 10  LYS A N     1 
ATOM   74   C CA    . LYS A 1 10  ? 7.721   -3.720  9.861   1.00 120.53 ? 10  LYS A CA    1 
ATOM   75   C C     . LYS A 1 10  ? 7.388   -2.269  9.489   1.00 121.55 ? 10  LYS A C     1 
ATOM   76   O O     . LYS A 1 10  ? 7.221   -1.948  8.313   1.00 126.11 ? 10  LYS A O     1 
ATOM   77   C CB    . LYS A 1 10  ? 8.895   -4.219  8.996   1.00 119.56 ? 10  LYS A CB    1 
ATOM   78   C CG    . LYS A 1 10  ? 10.295  -3.830  9.486   1.00 110.83 ? 10  LYS A CG    1 
ATOM   79   C CD    . LYS A 1 10  ? 10.705  -4.646  10.710  1.00 105.93 ? 10  LYS A CD    1 
ATOM   80   C CE    . LYS A 1 10  ? 11.986  -4.130  11.351  1.00 103.62 ? 10  LYS A CE    1 
ATOM   81   N NZ    . LYS A 1 10  ? 11.834  -2.765  11.931  1.00 92.89  ? 10  LYS A NZ    1 
ATOM   82   N N     . GLY A 1 11  ? 7.279   -1.393  10.484  1.00 119.46 ? 11  GLY A N     1 
ATOM   83   C CA    . GLY A 1 11  ? 6.977   -0.004  10.188  1.00 117.65 ? 11  GLY A CA    1 
ATOM   84   C C     . GLY A 1 11  ? 8.075   0.669   9.374   1.00 118.24 ? 11  GLY A C     1 
ATOM   85   O O     . GLY A 1 11  ? 9.095   0.049   9.036   1.00 117.76 ? 11  GLY A O     1 
ATOM   86   N N     . GLY A 1 12  ? 7.870   1.945   9.064   1.00 117.76 ? 12  GLY A N     1 
ATOM   87   C CA    . GLY A 1 12  ? 8.853   2.685   8.289   1.00 117.82 ? 12  GLY A CA    1 
ATOM   88   C C     . GLY A 1 12  ? 9.154   1.989   6.977   1.00 116.10 ? 12  GLY A C     1 
ATOM   89   O O     . GLY A 1 12  ? 10.301  1.974   6.528   1.00 109.91 ? 12  GLY A O     1 
ATOM   90   N N     . SER A 1 13  ? 8.113   1.407   6.376   1.00 116.28 ? 13  SER A N     1 
ATOM   91   C CA    . SER A 1 13  ? 8.210   0.684   5.103   1.00 112.64 ? 13  SER A CA    1 
ATOM   92   C C     . SER A 1 13  ? 7.677   1.541   3.958   1.00 106.74 ? 13  SER A C     1 
ATOM   93   O O     . SER A 1 13  ? 8.298   1.629   2.900   1.00 104.93 ? 13  SER A O     1 
ATOM   94   C CB    . SER A 1 13  ? 7.409   -0.619  5.174   1.00 114.98 ? 13  SER A CB    1 
ATOM   95   O OG    . SER A 1 13  ? 6.046   -0.370  5.510   1.00 119.77 ? 13  SER A OG    1 
ATOM   96   N N     . GLY A 1 14  ? 6.514   2.157   4.173   1.00 101.31 ? 14  GLY A N     1 
ATOM   97   C CA    . GLY A 1 14  ? 5.939   3.015   3.146   1.00 90.40  ? 14  GLY A CA    1 
ATOM   98   C C     . GLY A 1 14  ? 4.448   2.869   2.906   1.00 81.86  ? 14  GLY A C     1 
ATOM   99   O O     . GLY A 1 14  ? 3.879   3.611   2.116   1.00 74.29  ? 14  GLY A O     1 
ATOM   100  N N     . LYS A 1 15  ? 3.827   1.915   3.592   1.00 79.76  ? 15  LYS A N     1 
ATOM   101  C CA    . LYS A 1 15  ? 2.399   1.650   3.449   1.00 83.37  ? 15  LYS A CA    1 
ATOM   102  C C     . LYS A 1 15  ? 1.528   2.894   3.290   1.00 84.82  ? 15  LYS A C     1 
ATOM   103  O O     . LYS A 1 15  ? 0.946   3.111   2.223   1.00 87.13  ? 15  LYS A O     1 
ATOM   104  C CB    . LYS A 1 15  ? 1.897   0.828   4.640   1.00 83.02  ? 15  LYS A CB    1 
ATOM   105  C CG    . LYS A 1 15  ? 2.693   -0.444  4.890   1.00 92.36  ? 15  LYS A CG    1 
ATOM   106  C CD    . LYS A 1 15  ? 2.053   -1.316  5.966   1.00 94.42  ? 15  LYS A CD    1 
ATOM   107  C CE    . LYS A 1 15  ? 1.875   -0.581  7.289   1.00 95.20  ? 15  LYS A CE    1 
ATOM   108  N NZ    . LYS A 1 15  ? 3.152   -0.064  7.882   1.00 101.55 ? 15  LYS A NZ    1 
ATOM   109  N N     . THR A 1 16  ? 1.433   3.701   4.345   1.00 88.46  ? 16  THR A N     1 
ATOM   110  C CA    . THR A 1 16  ? 0.619   4.924   4.335   1.00 86.30  ? 16  THR A CA    1 
ATOM   111  C C     . THR A 1 16  ? 1.026   5.887   3.203   1.00 81.64  ? 16  THR A C     1 
ATOM   112  O O     . THR A 1 16  ? 0.181   6.305   2.397   1.00 76.25  ? 16  THR A O     1 
ATOM   113  C CB    . THR A 1 16  ? 0.692   5.691   5.712   1.00 87.99  ? 16  THR A CB    1 
ATOM   114  O OG1   . THR A 1 16  ? 0.156   4.881   6.769   1.00 92.87  ? 16  THR A OG1   1 
ATOM   115  C CG2   . THR A 1 16  ? -0.135  6.958   5.663   1.00 87.33  ? 16  THR A CG2   1 
ATOM   116  N N     . THR A 1 17  ? 2.310   6.246   3.134   1.00 71.28  ? 17  THR A N     1 
ATOM   117  C CA    . THR A 1 17  ? 2.754   7.149   2.080   1.00 67.38  ? 17  THR A CA    1 
ATOM   118  C C     . THR A 1 17  ? 2.421   6.607   0.709   1.00 70.20  ? 17  THR A C     1 
ATOM   119  O O     . THR A 1 17  ? 2.181   7.365   -0.223  1.00 72.12  ? 17  THR A O     1 
ATOM   120  C CB    . THR A 1 17  ? 4.248   7.376   2.076   1.00 60.00  ? 17  THR A CB    1 
ATOM   121  O OG1   . THR A 1 17  ? 4.612   8.275   3.131   1.00 62.10  ? 17  THR A OG1   1 
ATOM   122  C CG2   . THR A 1 17  ? 4.662   7.979   0.744   1.00 55.47  ? 17  THR A CG2   1 
ATOM   123  N N     . ALA A 1 18  ? 2.459   5.286   0.582   1.00 75.91  ? 18  ALA A N     1 
ATOM   124  C CA    . ALA A 1 18  ? 2.143   4.613   -0.681  1.00 70.79  ? 18  ALA A CA    1 
ATOM   125  C C     . ALA A 1 18  ? 0.630   4.688   -0.889  1.00 66.73  ? 18  ALA A C     1 
ATOM   126  O O     . ALA A 1 18  ? 0.173   5.227   -1.888  1.00 67.30  ? 18  ALA A O     1 
ATOM   127  C CB    . ALA A 1 18  ? 2.625   3.151   -0.650  1.00 63.33  ? 18  ALA A CB    1 
ATOM   128  N N     . VAL A 1 19  ? -0.144  4.175   0.066   1.00 62.84  ? 19  VAL A N     1 
ATOM   129  C CA    . VAL A 1 19  ? -1.602  4.215   -0.029  1.00 65.15  ? 19  VAL A CA    1 
ATOM   130  C C     . VAL A 1 19  ? -2.159  5.599   -0.415  1.00 69.66  ? 19  VAL A C     1 
ATOM   131  O O     . VAL A 1 19  ? -3.071  5.705   -1.228  1.00 71.34  ? 19  VAL A O     1 
ATOM   132  C CB    . VAL A 1 19  ? -2.264  3.800   1.309   1.00 66.93  ? 19  VAL A CB    1 
ATOM   133  C CG1   . VAL A 1 19  ? -3.804  3.842   1.180   1.00 58.74  ? 19  VAL A CG1   1 
ATOM   134  C CG2   . VAL A 1 19  ? -1.773  2.422   1.732   1.00 66.77  ? 19  VAL A CG2   1 
ATOM   135  N N     . ILE A 1 20  ? -1.628  6.666   0.170   1.00 72.24  ? 20  ILE A N     1 
ATOM   136  C CA    . ILE A 1 20  ? -2.141  7.995   -0.147  1.00 71.23  ? 20  ILE A CA    1 
ATOM   137  C C     . ILE A 1 20  ? -1.945  8.344   -1.618  1.00 73.05  ? 20  ILE A C     1 
ATOM   138  O O     . ILE A 1 20  ? -2.907  8.527   -2.365  1.00 69.11  ? 20  ILE A O     1 
ATOM   139  C CB    . ILE A 1 20  ? -1.460  9.085   0.716   1.00 70.55  ? 20  ILE A CB    1 
ATOM   140  C CG1   . ILE A 1 20  ? -1.918  8.957   2.175   1.00 59.91  ? 20  ILE A CG1   1 
ATOM   141  C CG2   . ILE A 1 20  ? -1.745  10.474  0.120   1.00 63.09  ? 20  ILE A CG2   1 
ATOM   142  C CD1   . ILE A 1 20  ? -1.254  9.941   3.104   1.00 47.64  ? 20  ILE A CD1   1 
ATOM   143  N N     . ASN A 1 21  ? -0.683  8.428   -2.021  1.00 70.82  ? 21  ASN A N     1 
ATOM   144  C CA    . ASN A 1 21  ? -0.325  8.776   -3.382  1.00 71.01  ? 21  ASN A CA    1 
ATOM   145  C C     . ASN A 1 21  ? -0.897  7.865   -4.476  1.00 70.15  ? 21  ASN A C     1 
ATOM   146  O O     . ASN A 1 21  ? -1.316  8.339   -5.527  1.00 69.91  ? 21  ASN A O     1 
ATOM   147  C CB    . ASN A 1 21  ? 1.192   8.853   -3.465  1.00 63.12  ? 21  ASN A CB    1 
ATOM   148  C CG    . ASN A 1 21  ? 1.741   10.052  -2.728  1.00 65.66  ? 21  ASN A CG    1 
ATOM   149  O OD1   . ASN A 1 21  ? 1.689   11.161  -3.231  1.00 65.69  ? 21  ASN A OD1   1 
ATOM   150  N ND2   . ASN A 1 21  ? 2.258   9.838   -1.522  1.00 70.31  ? 21  ASN A ND2   1 
ATOM   151  N N     . ILE A 1 22  ? -0.914  6.564   -4.229  1.00 68.42  ? 22  ILE A N     1 
ATOM   152  C CA    . ILE A 1 22  ? -1.437  5.615   -5.209  1.00 61.97  ? 22  ILE A CA    1 
ATOM   153  C C     . ILE A 1 22  ? -2.950  5.731   -5.342  1.00 62.98  ? 22  ILE A C     1 
ATOM   154  O O     . ILE A 1 22  ? -3.459  5.865   -6.449  1.00 75.56  ? 22  ILE A O     1 
ATOM   155  C CB    . ILE A 1 22  ? -1.059  4.157   -4.846  1.00 57.93  ? 22  ILE A CB    1 
ATOM   156  C CG1   . ILE A 1 22  ? 0.455   3.952   -5.021  1.00 56.70  ? 22  ILE A CG1   1 
ATOM   157  C CG2   . ILE A 1 22  ? -1.840  3.189   -5.706  1.00 54.95  ? 22  ILE A CG2   1 
ATOM   158  C CD1   . ILE A 1 22  ? 0.956   2.648   -4.426  1.00 56.65  ? 22  ILE A CD1   1 
ATOM   159  N N     . ALA A 1 23  ? -3.685  5.675   -4.247  1.00 51.56  ? 23  ALA A N     1 
ATOM   160  C CA    . ALA A 1 23  ? -5.129  5.814   -4.357  1.00 54.95  ? 23  ALA A CA    1 
ATOM   161  C C     . ALA A 1 23  ? -5.463  7.200   -4.928  1.00 58.79  ? 23  ALA A C     1 
ATOM   162  O O     . ALA A 1 23  ? -6.385  7.370   -5.713  1.00 61.48  ? 23  ALA A O     1 
ATOM   163  C CB    . ALA A 1 23  ? -5.788  5.631   -2.998  1.00 52.07  ? 23  ALA A CB    1 
ATOM   164  N N     . THR A 1 24  ? -4.696  8.200   -4.533  1.00 62.04  ? 24  THR A N     1 
ATOM   165  C CA    . THR A 1 24  ? -4.930  9.552   -5.017  1.00 56.88  ? 24  THR A CA    1 
ATOM   166  C C     . THR A 1 24  ? -4.952  9.539   -6.533  1.00 55.51  ? 24  THR A C     1 
ATOM   167  O O     . THR A 1 24  ? -5.758  10.207  -7.157  1.00 59.61  ? 24  THR A O     1 
ATOM   168  C CB    . THR A 1 24  ? -3.832  10.516  -4.451  1.00 48.94  ? 24  THR A CB    1 
ATOM   169  O OG1   . THR A 1 24  ? -4.223  10.888  -3.128  1.00 45.87  ? 24  THR A OG1   1 
ATOM   170  C CG2   . THR A 1 24  ? -3.669  11.781  -5.295  1.00 35.81  ? 24  THR A CG2   1 
ATOM   171  N N     . ALA A 1 25  ? -4.070  8.726   -7.099  1.00 54.49  ? 25  ALA A N     1 
ATOM   172  C CA    . ALA A 1 25  ? -3.903  8.566   -8.537  1.00 57.98  ? 25  ALA A CA    1 
ATOM   173  C C     . ALA A 1 25  ? -5.097  7.825   -9.164  1.00 62.24  ? 25  ALA A C     1 
ATOM   174  O O     . ALA A 1 25  ? -5.566  8.184   -10.259 1.00 51.18  ? 25  ALA A O     1 
ATOM   175  C CB    . ALA A 1 25  ? -2.586  7.806   -8.803  1.00 56.04  ? 25  ALA A CB    1 
ATOM   176  N N     . LEU A 1 26  ? -5.577  6.808   -8.445  1.00 61.73  ? 26  LEU A N     1 
ATOM   177  C CA    . LEU A 1 26  ? -6.708  6.001   -8.857  1.00 64.36  ? 26  LEU A CA    1 
ATOM   178  C C     . LEU A 1 26  ? -7.967  6.857   -8.882  1.00 71.68  ? 26  LEU A C     1 
ATOM   179  O O     . LEU A 1 26  ? -8.880  6.632   -9.678  1.00 80.01  ? 26  LEU A O     1 
ATOM   180  C CB    . LEU A 1 26  ? -6.880  4.855   -7.874  1.00 56.48  ? 26  LEU A CB    1 
ATOM   181  C CG    . LEU A 1 26  ? -5.774  3.803   -7.907  1.00 54.34  ? 26  LEU A CG    1 
ATOM   182  C CD1   . LEU A 1 26  ? -5.890  2.908   -6.697  1.00 56.16  ? 26  LEU A CD1   1 
ATOM   183  C CD2   . LEU A 1 26  ? -5.889  2.978   -9.173  1.00 59.98  ? 26  LEU A CD2   1 
ATOM   184  N N     . SER A 1 27  ? -8.012  7.845   -7.997  1.00 75.59  ? 27  SER A N     1 
ATOM   185  C CA    . SER A 1 27  ? -9.158  8.742   -7.915  1.00 77.39  ? 27  SER A CA    1 
ATOM   186  C C     . SER A 1 27  ? -9.150  9.653   -9.125  1.00 77.06  ? 27  SER A C     1 
ATOM   187  O O     . SER A 1 27  ? -10.192 9.980   -9.676  1.00 85.45  ? 27  SER A O     1 
ATOM   188  C CB    . SER A 1 27  ? -9.087  9.593   -6.646  1.00 71.49  ? 27  SER A CB    1 
ATOM   189  O OG    . SER A 1 27  ? -10.322 9.573   -5.956  1.00 76.12  ? 27  SER A OG    1 
ATOM   190  N N     . ARG A 1 28  ? -7.954  10.058  -9.535  1.00 76.30  ? 28  ARG A N     1 
ATOM   191  C CA    . ARG A 1 28  ? -7.779  10.952  -10.667 1.00 73.10  ? 28  ARG A CA    1 
ATOM   192  C C     . ARG A 1 28  ? -7.974  10.230  -11.998 1.00 75.82  ? 28  ARG A C     1 
ATOM   193  O O     . ARG A 1 28  ? -7.588  10.741  -13.036 1.00 79.84  ? 28  ARG A O     1 
ATOM   194  C CB    . ARG A 1 28  ? -6.382  11.576  -10.609 1.00 73.97  ? 28  ARG A CB    1 
ATOM   195  C CG    . ARG A 1 28  ? -6.086  12.420  -9.356  1.00 71.08  ? 28  ARG A CG    1 
ATOM   196  C CD    . ARG A 1 28  ? -4.586  12.579  -9.108  1.00 78.67  ? 28  ARG A CD    1 
ATOM   197  N NE    . ARG A 1 28  ? -3.870  13.189  -10.234 1.00 82.22  ? 28  ARG A NE    1 
ATOM   198  C CZ    . ARG A 1 28  ? -3.893  14.481  -10.528 1.00 82.65  ? 28  ARG A CZ    1 
ATOM   199  N NH1   . ARG A 1 28  ? -4.588  15.316  -9.779  1.00 88.23  ? 28  ARG A NH1   1 
ATOM   200  N NH2   . ARG A 1 28  ? -3.229  14.930  -11.579 1.00 79.47  ? 28  ARG A NH2   1 
ATOM   201  N N     . SER A 1 29  ? -8.581  9.048   -11.965 1.00 75.81  ? 29  SER A N     1 
ATOM   202  C CA    . SER A 1 29  ? -8.814  8.266   -13.177 1.00 74.32  ? 29  SER A CA    1 
ATOM   203  C C     . SER A 1 29  ? -10.277 7.873   -13.261 1.00 76.66  ? 29  SER A C     1 
ATOM   204  O O     . SER A 1 29  ? -10.675 7.055   -14.105 1.00 78.67  ? 29  SER A O     1 
ATOM   205  C CB    . SER A 1 29  ? -7.942  7.000   -13.176 1.00 76.50  ? 29  SER A CB    1 
ATOM   206  O OG    . SER A 1 29  ? -6.592  7.290   -13.474 1.00 71.30  ? 29  SER A OG    1 
ATOM   207  N N     . GLY A 1 30  ? -11.076 8.444   -12.366 1.00 73.69  ? 30  GLY A N     1 
ATOM   208  C CA    . GLY A 1 30  ? -12.493 8.149   -12.365 1.00 78.28  ? 30  GLY A CA    1 
ATOM   209  C C     . GLY A 1 30  ? -12.919 7.084   -11.382 1.00 85.13  ? 30  GLY A C     1 
ATOM   210  O O     . GLY A 1 30  ? -14.117 6.871   -11.196 1.00 91.32  ? 30  GLY A O     1 
ATOM   211  N N     . TYR A 1 31  ? -11.964 6.410   -10.746 1.00 84.82  ? 31  TYR A N     1 
ATOM   212  C CA    . TYR A 1 31  ? -12.312 5.375   -9.782  1.00 81.62  ? 31  TYR A CA    1 
ATOM   213  C C     . TYR A 1 31  ? -12.768 5.951   -8.445  1.00 82.10  ? 31  TYR A C     1 
ATOM   214  O O     . TYR A 1 31  ? -12.165 6.888   -7.910  1.00 74.28  ? 31  TYR A O     1 
ATOM   215  C CB    . TYR A 1 31  ? -11.128 4.441   -9.539  1.00 81.26  ? 31  TYR A CB    1 
ATOM   216  C CG    . TYR A 1 31  ? -10.676 3.669   -10.752 1.00 78.78  ? 31  TYR A CG    1 
ATOM   217  C CD1   . TYR A 1 31  ? -9.456  3.954   -11.361 1.00 81.01  ? 31  TYR A CD1   1 
ATOM   218  C CD2   . TYR A 1 31  ? -11.450 2.633   -11.271 1.00 75.03  ? 31  TYR A CD2   1 
ATOM   219  C CE1   . TYR A 1 31  ? -9.014  3.226   -12.452 1.00 85.67  ? 31  TYR A CE1   1 
ATOM   220  C CE2   . TYR A 1 31  ? -11.017 1.897   -12.366 1.00 79.80  ? 31  TYR A CE2   1 
ATOM   221  C CZ    . TYR A 1 31  ? -9.794  2.200   -12.949 1.00 86.98  ? 31  TYR A CZ    1 
ATOM   222  O OH    . TYR A 1 31  ? -9.341  1.479   -14.032 1.00 96.36  ? 31  TYR A OH    1 
ATOM   223  N N     . ASN A 1 32  ? -13.842 5.379   -7.917  1.00 84.64  ? 32  ASN A N     1 
ATOM   224  C CA    . ASN A 1 32  ? -14.389 5.790   -6.629  1.00 85.98  ? 32  ASN A CA    1 
ATOM   225  C C     . ASN A 1 32  ? -13.646 4.983   -5.573  1.00 82.90  ? 32  ASN A C     1 
ATOM   226  O O     . ASN A 1 32  ? -14.038 3.866   -5.225  1.00 81.10  ? 32  ASN A O     1 
ATOM   227  C CB    . ASN A 1 32  ? -15.897 5.502   -6.549  1.00 93.15  ? 32  ASN A CB    1 
ATOM   228  C CG    . ASN A 1 32  ? -16.673 6.085   -7.725  1.00 104.85 ? 32  ASN A CG    1 
ATOM   229  O OD1   . ASN A 1 32  ? -16.658 7.294   -7.961  1.00 109.69 ? 32  ASN A OD1   1 
ATOM   230  N ND2   . ASN A 1 32  ? -17.357 5.217   -8.471  1.00 109.46 ? 32  ASN A ND2   1 
ATOM   231  N N     . ILE A 1 33  ? -12.558 5.562   -5.082  1.00 79.77  ? 33  ILE A N     1 
ATOM   232  C CA    . ILE A 1 33  ? -11.727 4.936   -4.076  1.00 73.30  ? 33  ILE A CA    1 
ATOM   233  C C     . ILE A 1 33  ? -12.305 5.108   -2.662  1.00 71.03  ? 33  ILE A C     1 
ATOM   234  O O     . ILE A 1 33  ? -13.132 5.989   -2.403  1.00 61.35  ? 33  ILE A O     1 
ATOM   235  C CB    . ILE A 1 33  ? -10.300 5.538   -4.139  1.00 74.20  ? 33  ILE A CB    1 
ATOM   236  C CG1   . ILE A 1 33  ? -9.812  5.518   -5.581  1.00 76.45  ? 33  ILE A CG1   1 
ATOM   237  C CG2   . ILE A 1 33  ? -9.328  4.735   -3.304  1.00 84.32  ? 33  ILE A CG2   1 
ATOM   238  C CD1   . ILE A 1 33  ? -9.969  4.176   -6.260  1.00 72.96  ? 33  ILE A CD1   1 
ATOM   239  N N     . ALA A 1 34  ? -11.875 4.229   -1.762  1.00 76.39  ? 34  ALA A N     1 
ATOM   240  C CA    . ALA A 1 34  ? -12.261 4.255   -0.350  1.00 76.14  ? 34  ALA A CA    1 
ATOM   241  C C     . ALA A 1 34  ? -11.127 3.617   0.451   1.00 71.95  ? 34  ALA A C     1 
ATOM   242  O O     . ALA A 1 34  ? -11.035 2.405   0.517   1.00 72.55  ? 34  ALA A O     1 
ATOM   243  C CB    . ALA A 1 34  ? -13.563 3.486   -0.122  1.00 70.51  ? 34  ALA A CB    1 
ATOM   244  N N     . VAL A 1 35  ? -10.254 4.443   1.026   1.00 71.03  ? 35  VAL A N     1 
ATOM   245  C CA    . VAL A 1 35  ? -9.119  3.978   1.831   1.00 70.96  ? 35  VAL A CA    1 
ATOM   246  C C     . VAL A 1 35  ? -9.547  3.686   3.276   1.00 71.36  ? 35  VAL A C     1 
ATOM   247  O O     . VAL A 1 35  ? -10.238 4.487   3.897   1.00 72.96  ? 35  VAL A O     1 
ATOM   248  C CB    . VAL A 1 35  ? -7.992  5.039   1.849   1.00 70.12  ? 35  VAL A CB    1 
ATOM   249  C CG1   . VAL A 1 35  ? -6.803  4.556   2.656   1.00 70.58  ? 35  VAL A CG1   1 
ATOM   250  C CG2   . VAL A 1 35  ? -7.562  5.338   0.441   1.00 81.95  ? 35  VAL A CG2   1 
ATOM   251  N N     . VAL A 1 36  ? -9.136  2.531   3.795   1.00 71.71  ? 36  VAL A N     1 
ATOM   252  C CA    . VAL A 1 36  ? -9.451  2.115   5.162   1.00 73.24  ? 36  VAL A CA    1 
ATOM   253  C C     . VAL A 1 36  ? -8.200  2.196   6.035   1.00 79.51  ? 36  VAL A C     1 
ATOM   254  O O     . VAL A 1 36  ? -7.182  1.561   5.743   1.00 82.55  ? 36  VAL A O     1 
ATOM   255  C CB    . VAL A 1 36  ? -9.992  0.672   5.194   1.00 69.25  ? 36  VAL A CB    1 
ATOM   256  C CG1   . VAL A 1 36  ? -10.066 0.166   6.617   1.00 54.34  ? 36  VAL A CG1   1 
ATOM   257  C CG2   . VAL A 1 36  ? -11.371 0.632   4.552   1.00 77.35  ? 36  VAL A CG2   1 
ATOM   258  N N     . ASP A 1 37  ? -8.274  2.994   7.096   1.00 82.21  ? 37  ASP A N     1 
ATOM   259  C CA    . ASP A 1 37  ? -7.149  3.155   7.999   1.00 84.99  ? 37  ASP A CA    1 
ATOM   260  C C     . ASP A 1 37  ? -7.380  2.251   9.177   1.00 86.41  ? 37  ASP A C     1 
ATOM   261  O O     . ASP A 1 37  ? -8.415  2.339   9.847   1.00 82.11  ? 37  ASP A O     1 
ATOM   262  C CB    . ASP A 1 37  ? -7.033  4.599   8.484   1.00 89.50  ? 37  ASP A CB    1 
ATOM   263  C CG    . ASP A 1 37  ? -5.662  4.915   9.078   1.00 92.70  ? 37  ASP A CG    1 
ATOM   264  O OD1   . ASP A 1 37  ? -4.699  4.146   8.862   1.00 91.05  ? 37  ASP A OD1   1 
ATOM   265  O OD2   . ASP A 1 37  ? -5.543  5.958   9.748   1.00 99.41  ? 37  ASP A OD2   1 
ATOM   266  N N     . THR A 1 38  ? -6.410  1.374   9.406   1.00 88.34  ? 38  THR A N     1 
ATOM   267  C CA    . THR A 1 38  ? -6.458  0.425   10.499  1.00 93.41  ? 38  THR A CA    1 
ATOM   268  C C     . THR A 1 38  ? -5.391  0.749   11.552  1.00 99.51  ? 38  THR A C     1 
ATOM   269  O O     . THR A 1 38  ? -5.520  0.335   12.702  1.00 106.98 ? 38  THR A O     1 
ATOM   270  C CB    . THR A 1 38  ? -6.227  -1.029  10.004  1.00 92.25  ? 38  THR A CB    1 
ATOM   271  O OG1   . THR A 1 38  ? -4.944  -1.114  9.358   1.00 95.32  ? 38  THR A OG1   1 
ATOM   272  C CG2   . THR A 1 38  ? -7.334  -1.469  9.040   1.00 86.84  ? 38  THR A CG2   1 
ATOM   273  N N     . ASP A 1 39  ? -4.337  1.471   11.171  1.00 97.82  ? 39  ASP A N     1 
ATOM   274  C CA    . ASP A 1 39  ? -3.281  1.816   12.122  1.00 96.11  ? 39  ASP A CA    1 
ATOM   275  C C     . ASP A 1 39  ? -3.953  2.324   13.405  1.00 101.86 ? 39  ASP A C     1 
ATOM   276  O O     . ASP A 1 39  ? -4.913  3.110   13.355  1.00 100.46 ? 39  ASP A O     1 
ATOM   277  C CB    . ASP A 1 39  ? -2.352  2.879   11.510  1.00 90.27  ? 39  ASP A CB    1 
ATOM   278  C CG    . ASP A 1 39  ? -1.112  3.152   12.360  1.00 90.83  ? 39  ASP A CG    1 
ATOM   279  O OD1   . ASP A 1 39  ? -1.204  3.934   13.331  1.00 80.60  ? 39  ASP A OD1   1 
ATOM   280  O OD2   . ASP A 1 39  ? -0.038  2.586   12.052  1.00 94.69  ? 39  ASP A OD2   1 
ATOM   281  N N     . PRO A 1 40  ? -3.485  1.841   14.573  1.00 102.76 ? 40  PRO A N     1 
ATOM   282  C CA    . PRO A 1 40  ? -4.011  2.218   15.892  1.00 101.54 ? 40  PRO A CA    1 
ATOM   283  C C     . PRO A 1 40  ? -3.939  3.719   16.140  1.00 104.61 ? 40  PRO A C     1 
ATOM   284  O O     . PRO A 1 40  ? -4.670  4.251   16.967  1.00 107.55 ? 40  PRO A O     1 
ATOM   285  C CB    . PRO A 1 40  ? -3.112  1.448   16.849  1.00 99.87  ? 40  PRO A CB    1 
ATOM   286  C CG    . PRO A 1 40  ? -2.797  0.220   16.081  1.00 102.67 ? 40  PRO A CG    1 
ATOM   287  C CD    . PRO A 1 40  ? -2.484  0.771   14.709  1.00 101.58 ? 40  PRO A CD    1 
ATOM   288  N N     . GLN A 1 41  ? -3.053  4.396   15.416  1.00 105.87 ? 41  GLN A N     1 
ATOM   289  C CA    . GLN A 1 41  ? -2.877  5.835   15.568  1.00 102.58 ? 41  GLN A CA    1 
ATOM   290  C C     . GLN A 1 41  ? -3.506  6.622   14.434  1.00 101.12 ? 41  GLN A C     1 
ATOM   291  O O     . GLN A 1 41  ? -3.266  7.821   14.294  1.00 104.30 ? 41  GLN A O     1 
ATOM   292  C CB    . GLN A 1 41  ? -1.389  6.165   15.661  1.00 104.10 ? 41  GLN A CB    1 
ATOM   293  C CG    . GLN A 1 41  ? -0.713  5.497   16.843  1.00 100.38 ? 41  GLN A CG    1 
ATOM   294  C CD    . GLN A 1 41  ? 0.791   5.686   16.861  1.00 103.61 ? 41  GLN A CD    1 
ATOM   295  O OE1   . GLN A 1 41  ? 1.486   5.013   17.623  1.00 101.85 ? 41  GLN A OE1   1 
ATOM   296  N NE2   . GLN A 1 41  ? 1.305   6.600   16.032  1.00 106.73 ? 41  GLN A NE2   1 
ATOM   297  N N     . MET A 1 42  ? -4.305  5.932   13.627  1.00 95.97  ? 42  MET A N     1 
ATOM   298  C CA    . MET A 1 42  ? -4.994  6.539   12.496  1.00 89.28  ? 42  MET A CA    1 
ATOM   299  C C     . MET A 1 42  ? -4.145  7.548   11.726  1.00 86.51  ? 42  MET A C     1 
ATOM   300  O O     . MET A 1 42  ? -4.662  8.569   11.271  1.00 80.18  ? 42  MET A O     1 
ATOM   301  C CB    . MET A 1 42  ? -6.265  7.220   12.987  1.00 86.50  ? 42  MET A CB    1 
ATOM   302  C CG    . MET A 1 42  ? -7.227  6.260   13.660  1.00 93.09  ? 42  MET A CG    1 
ATOM   303  S SD    . MET A 1 42  ? -8.468  7.076   14.695  1.00 89.94  ? 42  MET A SD    1 
ATOM   304  C CE    . MET A 1 42  ? -9.351  8.028   13.500  1.00 85.14  ? 42  MET A CE    1 
ATOM   305  N N     . SER A 1 43  ? -2.853  7.264   11.559  1.00 85.36  ? 43  SER A N     1 
ATOM   306  C CA    . SER A 1 43  ? -1.982  8.201   10.852  1.00 82.13  ? 43  SER A CA    1 
ATOM   307  C C     . SER A 1 43  ? -2.641  8.755   9.586   1.00 80.86  ? 43  SER A C     1 
ATOM   308  O O     . SER A 1 43  ? -2.861  9.954   9.482   1.00 80.58  ? 43  SER A O     1 
ATOM   309  C CB    . SER A 1 43  ? -0.642  7.553   10.487  1.00 77.21  ? 43  SER A CB    1 
ATOM   310  O OG    . SER A 1 43  ? 0.067   7.115   11.630  1.00 80.24  ? 43  SER A OG    1 
ATOM   311  N N     . LEU A 1 44  ? -2.963  7.883   8.628   1.00 82.35  ? 44  LEU A N     1 
ATOM   312  C CA    . LEU A 1 44  ? -3.577  8.326   7.374   1.00 77.61  ? 44  LEU A CA    1 
ATOM   313  C C     . LEU A 1 44  ? -4.845  9.098   7.635   1.00 74.35  ? 44  LEU A C     1 
ATOM   314  O O     . LEU A 1 44  ? -5.115  10.070  6.942   1.00 78.19  ? 44  LEU A O     1 
ATOM   315  C CB    . LEU A 1 44  ? -3.874  7.142   6.427   1.00 83.70  ? 44  LEU A CB    1 
ATOM   316  C CG    . LEU A 1 44  ? -4.509  7.370   5.032   1.00 80.03  ? 44  LEU A CG    1 
ATOM   317  C CD1   . LEU A 1 44  ? -4.007  6.306   4.059   1.00 75.76  ? 44  LEU A CD1   1 
ATOM   318  C CD2   . LEU A 1 44  ? -6.035  7.324   5.103   1.00 70.25  ? 44  LEU A CD2   1 
ATOM   319  N N     . THR A 1 45  ? -5.620  8.686   8.640   1.00 74.88  ? 45  THR A N     1 
ATOM   320  C CA    . THR A 1 45  ? -6.874  9.382   8.968   1.00 78.12  ? 45  THR A CA    1 
ATOM   321  C C     . THR A 1 45  ? -6.607  10.847  9.372   1.00 77.66  ? 45  THR A C     1 
ATOM   322  O O     . THR A 1 45  ? -7.350  11.746  8.972   1.00 66.49  ? 45  THR A O     1 
ATOM   323  C CB    . THR A 1 45  ? -7.672  8.678   10.121  1.00 77.80  ? 45  THR A CB    1 
ATOM   324  O OG1   . THR A 1 45  ? -7.911  7.294   9.808   1.00 77.94  ? 45  THR A OG1   1 
ATOM   325  C CG2   . THR A 1 45  ? -9.011  9.357   10.301  1.00 67.82  ? 45  THR A CG2   1 
ATOM   326  N N     . ASN A 1 46  ? -5.548  11.076  10.154  1.00 80.95  ? 46  ASN A N     1 
ATOM   327  C CA    . ASN A 1 46  ? -5.179  12.424  10.571  1.00 82.12  ? 46  ASN A CA    1 
ATOM   328  C C     . ASN A 1 46  ? -4.839  13.225  9.318   1.00 86.55  ? 46  ASN A C     1 
ATOM   329  O O     . ASN A 1 46  ? -5.468  14.248  9.036   1.00 92.98  ? 46  ASN A O     1 
ATOM   330  C CB    . ASN A 1 46  ? -3.964  12.399  11.508  1.00 82.61  ? 46  ASN A CB    1 
ATOM   331  C CG    . ASN A 1 46  ? -4.321  11.955  12.913  1.00 88.90  ? 46  ASN A CG    1 
ATOM   332  O OD1   . ASN A 1 46  ? -5.397  12.279  13.419  1.00 84.28  ? 46  ASN A OD1   1 
ATOM   333  N ND2   . ASN A 1 46  ? -3.406  11.227  13.563  1.00 91.82  ? 46  ASN A ND2   1 
ATOM   334  N N     . TRP A 1 47  ? -3.848  12.755  8.568   1.00 84.35  ? 47  TRP A N     1 
ATOM   335  C CA    . TRP A 1 47  ? -3.455  13.415  7.335   1.00 78.40  ? 47  TRP A CA    1 
ATOM   336  C C     . TRP A 1 47  ? -4.691  13.819  6.533   1.00 80.43  ? 47  TRP A C     1 
ATOM   337  O O     . TRP A 1 47  ? -4.691  14.857  5.871   1.00 86.56  ? 47  TRP A O     1 
ATOM   338  C CB    . TRP A 1 47  ? -2.604  12.477  6.485   1.00 74.73  ? 47  TRP A CB    1 
ATOM   339  C CG    . TRP A 1 47  ? -2.454  12.933  5.061   1.00 73.20  ? 47  TRP A CG    1 
ATOM   340  C CD1   . TRP A 1 47  ? -1.545  13.827  4.578   1.00 73.75  ? 47  TRP A CD1   1 
ATOM   341  C CD2   . TRP A 1 47  ? -3.279  12.577  3.951   1.00 72.97  ? 47  TRP A CD2   1 
ATOM   342  N NE1   . TRP A 1 47  ? -1.755  14.054  3.241   1.00 71.22  ? 47  TRP A NE1   1 
ATOM   343  C CE2   . TRP A 1 47  ? -2.831  13.287  2.823   1.00 75.14  ? 47  TRP A CE2   1 
ATOM   344  C CE3   . TRP A 1 47  ? -4.383  11.716  3.788   1.00 74.54  ? 47  TRP A CE3   1 
ATOM   345  C CZ2   . TRP A 1 47  ? -3.416  13.187  1.561   1.00 78.73  ? 47  TRP A CZ2   1 
ATOM   346  C CZ3   . TRP A 1 47  ? -4.979  11.607  2.527   1.00 73.37  ? 47  TRP A CZ3   1 
ATOM   347  C CH2   . TRP A 1 47  ? -4.493  12.337  1.436   1.00 75.84  ? 47  TRP A CH2   1 
ATOM   348  N N     . SER A 1 48  ? -5.745  13.008  6.587   1.00 77.62  ? 48  SER A N     1 
ATOM   349  C CA    . SER A 1 48  ? -6.963  13.305  5.827   1.00 80.44  ? 48  SER A CA    1 
ATOM   350  C C     . SER A 1 48  ? -7.798  14.389  6.409   1.00 81.33  ? 48  SER A C     1 
ATOM   351  O O     . SER A 1 48  ? -8.706  14.896  5.741   1.00 80.41  ? 48  SER A O     1 
ATOM   352  C CB    . SER A 1 48  ? -7.853  12.086  5.715   1.00 81.76  ? 48  SER A CB    1 
ATOM   353  O OG    . SER A 1 48  ? -7.257  11.140  4.860   1.00 97.52  ? 48  SER A OG    1 
ATOM   354  N N     . LYS A 1 49  ? -7.509  14.708  7.669   1.00 81.91  ? 49  LYS A N     1 
ATOM   355  C CA    . LYS A 1 49  ? -8.238  15.735  8.388   1.00 80.40  ? 49  LYS A CA    1 
ATOM   356  C C     . LYS A 1 49  ? -7.919  17.097  7.831   1.00 78.29  ? 49  LYS A C     1 
ATOM   357  O O     . LYS A 1 49  ? -8.797  17.967  7.785   1.00 78.31  ? 49  LYS A O     1 
ATOM   358  C CB    . LYS A 1 49  ? -7.909  15.695  9.879   1.00 86.51  ? 49  LYS A CB    1 
ATOM   359  C CG    . LYS A 1 49  ? -8.898  14.880  10.720  1.00 91.51  ? 49  LYS A CG    1 
ATOM   360  C CD    . LYS A 1 49  ? -10.315 15.469  10.713  1.00 98.44  ? 49  LYS A CD    1 
ATOM   361  C CE    . LYS A 1 49  ? -10.425 16.778  11.512  1.00 107.81 ? 49  LYS A CE    1 
ATOM   362  N NZ    . LYS A 1 49  ? -10.190 16.638  12.986  1.00 111.21 ? 49  LYS A NZ    1 
ATOM   363  N N     . ALA A 1 50  ? -6.674  17.279  7.388   1.00 73.75  ? 50  ALA A N     1 
ATOM   364  C CA    . ALA A 1 50  ? -6.237  18.557  6.828   1.00 71.02  ? 50  ALA A CA    1 
ATOM   365  C C     . ALA A 1 50  ? -7.088  19.006  5.652   1.00 73.65  ? 50  ALA A C     1 
ATOM   366  O O     . ALA A 1 50  ? -7.961  19.857  5.785   1.00 71.78  ? 50  ALA A O     1 
ATOM   367  C CB    . ALA A 1 50  ? -4.786  18.475  6.399   1.00 61.61  ? 50  ALA A CB    1 
ATOM   368  N N     . GLY A 1 51  ? -6.841  18.432  4.490   1.00 79.68  ? 51  GLY A N     1 
ATOM   369  C CA    . GLY A 1 51  ? -7.613  18.850  3.343   1.00 83.74  ? 51  GLY A CA    1 
ATOM   370  C C     . GLY A 1 51  ? -8.410  17.722  2.774   1.00 82.27  ? 51  GLY A C     1 
ATOM   371  O O     . GLY A 1 51  ? -8.150  16.568  3.095   1.00 88.81  ? 51  GLY A O     1 
ATOM   372  N N     . LYS A 1 52  ? -9.381  18.048  1.933   1.00 80.40  ? 52  LYS A N     1 
ATOM   373  C CA    . LYS A 1 52  ? -10.194 17.012  1.322   1.00 87.55  ? 52  LYS A CA    1 
ATOM   374  C C     . LYS A 1 52  ? -9.310  16.123  0.451   1.00 91.22  ? 52  LYS A C     1 
ATOM   375  O O     . LYS A 1 52  ? -8.814  16.568  -0.584  1.00 95.65  ? 52  LYS A O     1 
ATOM   376  C CB    . LYS A 1 52  ? -11.300 17.627  0.459   1.00 82.55  ? 52  LYS A CB    1 
ATOM   377  C CG    . LYS A 1 52  ? -12.330 16.611  -0.062  1.00 81.26  ? 52  LYS A CG    1 
ATOM   378  C CD    . LYS A 1 52  ? -13.399 17.294  -0.926  1.00 85.99  ? 52  LYS A CD    1 
ATOM   379  C CE    . LYS A 1 52  ? -14.472 16.320  -1.432  1.00 83.16  ? 52  LYS A CE    1 
ATOM   380  N NZ    . LYS A 1 52  ? -15.301 16.902  -2.534  1.00 79.88  ? 52  LYS A NZ    1 
ATOM   381  N N     . ALA A 1 53  ? -9.105  14.872  0.879   1.00 90.42  ? 53  ALA A N     1 
ATOM   382  C CA    . ALA A 1 53  ? -8.302  13.926  0.117   1.00 85.24  ? 53  ALA A CA    1 
ATOM   383  C C     . ALA A 1 53  ? -9.088  13.516  -1.119  1.00 85.38  ? 53  ALA A C     1 
ATOM   384  O O     . ALA A 1 53  ? -10.320 13.520  -1.121  1.00 82.99  ? 53  ALA A O     1 
ATOM   385  C CB    . ALA A 1 53  ? -7.998  12.703  0.953   1.00 88.84  ? 53  ALA A CB    1 
ATOM   386  N N     . ALA A 1 54  ? -8.370  13.152  -2.172  1.00 82.61  ? 54  ALA A N     1 
ATOM   387  C CA    . ALA A 1 54  ? -8.997  12.736  -3.416  1.00 80.19  ? 54  ALA A CA    1 
ATOM   388  C C     . ALA A 1 54  ? -9.926  11.543  -3.225  1.00 85.09  ? 54  ALA A C     1 
ATOM   389  O O     . ALA A 1 54  ? -10.872 11.364  -3.994  1.00 90.36  ? 54  ALA A O     1 
ATOM   390  C CB    . ALA A 1 54  ? -7.938  12.393  -4.415  1.00 87.01  ? 54  ALA A CB    1 
ATOM   391  N N     . PHE A 1 55  ? -9.646  10.724  -2.211  1.00 84.48  ? 55  PHE A N     1 
ATOM   392  C CA    . PHE A 1 55  ? -10.450 9.537   -1.897  1.00 82.65  ? 55  PHE A CA    1 
ATOM   393  C C     . PHE A 1 55  ? -11.249 9.734   -0.594  1.00 83.14  ? 55  PHE A C     1 
ATOM   394  O O     . PHE A 1 55  ? -11.084 10.750  0.096   1.00 81.76  ? 55  PHE A O     1 
ATOM   395  C CB    . PHE A 1 55  ? -9.542  8.295   -1.774  1.00 79.03  ? 55  PHE A CB    1 
ATOM   396  C CG    . PHE A 1 55  ? -8.307  8.524   -0.946  1.00 82.41  ? 55  PHE A CG    1 
ATOM   397  C CD1   . PHE A 1 55  ? -7.092  8.821   -1.552  1.00 84.54  ? 55  PHE A CD1   1 
ATOM   398  C CD2   . PHE A 1 55  ? -8.376  8.525   0.449   1.00 83.36  ? 55  PHE A CD2   1 
ATOM   399  C CE1   . PHE A 1 55  ? -5.961  9.126   -0.777  1.00 87.27  ? 55  PHE A CE1   1 
ATOM   400  C CE2   . PHE A 1 55  ? -7.254  8.828   1.231   1.00 73.14  ? 55  PHE A CE2   1 
ATOM   401  C CZ    . PHE A 1 55  ? -6.051  9.130   0.618   1.00 80.56  ? 55  PHE A CZ    1 
ATOM   402  N N     . ASP A 1 56  ? -12.117 8.767   -0.277  1.00 78.14  ? 56  ASP A N     1 
ATOM   403  C CA    . ASP A 1 56  ? -12.929 8.802   0.934   1.00 71.49  ? 56  ASP A CA    1 
ATOM   404  C C     . ASP A 1 56  ? -12.230 7.951   1.977   1.00 71.73  ? 56  ASP A C     1 
ATOM   405  O O     . ASP A 1 56  ? -11.833 6.827   1.683   1.00 71.97  ? 56  ASP A O     1 
ATOM   406  C CB    . ASP A 1 56  ? -14.333 8.243   0.663   1.00 71.40  ? 56  ASP A CB    1 
ATOM   407  C CG    . ASP A 1 56  ? -15.306 9.304   0.153   1.00 75.26  ? 56  ASP A CG    1 
ATOM   408  O OD1   . ASP A 1 56  ? -15.543 10.293  0.874   1.00 82.79  ? 56  ASP A OD1   1 
ATOM   409  O OD2   . ASP A 1 56  ? -15.850 9.149   -0.962  1.00 81.25  ? 56  ASP A OD2   1 
ATOM   410  N N     . VAL A 1 57  ? -12.074 8.490   3.190   1.00 69.49  ? 57  VAL A N     1 
ATOM   411  C CA    . VAL A 1 57  ? -11.395 7.776   4.265   1.00 72.22  ? 57  VAL A CA    1 
ATOM   412  C C     . VAL A 1 57  ? -12.356 7.146   5.267   1.00 76.34  ? 57  VAL A C     1 
ATOM   413  O O     . VAL A 1 57  ? -13.398 7.719   5.592   1.00 79.60  ? 57  VAL A O     1 
ATOM   414  C CB    . VAL A 1 57  ? -10.457 8.707   5.025   1.00 72.61  ? 57  VAL A CB    1 
ATOM   415  C CG1   . VAL A 1 57  ? -9.597  7.913   6.001   1.00 75.65  ? 57  VAL A CG1   1 
ATOM   416  C CG2   . VAL A 1 57  ? -9.599  9.458   4.045   1.00 78.91  ? 57  VAL A CG2   1 
ATOM   417  N N     . PHE A 1 58  ? -11.987 5.960   5.752   1.00 75.94  ? 58  PHE A N     1 
ATOM   418  C CA    . PHE A 1 58  ? -12.789 5.208   6.714   1.00 73.90  ? 58  PHE A CA    1 
ATOM   419  C C     . PHE A 1 58  ? -11.858 4.711   7.812   1.00 73.24  ? 58  PHE A C     1 
ATOM   420  O O     . PHE A 1 58  ? -10.816 4.128   7.529   1.00 76.03  ? 58  PHE A O     1 
ATOM   421  C CB    . PHE A 1 58  ? -13.476 4.001   6.037   1.00 66.45  ? 58  PHE A CB    1 
ATOM   422  C CG    . PHE A 1 58  ? -14.507 4.374   4.997   1.00 62.95  ? 58  PHE A CG    1 
ATOM   423  C CD1   . PHE A 1 58  ? -14.123 4.844   3.743   1.00 68.43  ? 58  PHE A CD1   1 
ATOM   424  C CD2   . PHE A 1 58  ? -15.862 4.277   5.277   1.00 59.04  ? 58  PHE A CD2   1 
ATOM   425  C CE1   . PHE A 1 58  ? -15.084 5.217   2.778   1.00 69.20  ? 58  PHE A CE1   1 
ATOM   426  C CE2   . PHE A 1 58  ? -16.833 4.645   4.323   1.00 61.84  ? 58  PHE A CE2   1 
ATOM   427  C CZ    . PHE A 1 58  ? -16.441 5.117   3.072   1.00 62.54  ? 58  PHE A CZ    1 
ATOM   428  N N     . THR A 1 59  ? -12.228 4.938   9.067   1.00 78.84  ? 59  THR A N     1 
ATOM   429  C CA    . THR A 1 59  ? -11.385 4.493   10.170  1.00 87.48  ? 59  THR A CA    1 
ATOM   430  C C     . THR A 1 59  ? -11.956 3.234   10.818  1.00 93.00  ? 59  THR A C     1 
ATOM   431  O O     . THR A 1 59  ? -13.020 3.264   11.450  1.00 88.11  ? 59  THR A O     1 
ATOM   432  C CB    . THR A 1 59  ? -11.228 5.598   11.242  1.00 90.63  ? 59  THR A CB    1 
ATOM   433  O OG1   . THR A 1 59  ? -10.814 6.828   10.619  1.00 91.66  ? 59  THR A OG1   1 
ATOM   434  C CG2   . THR A 1 59  ? -10.170 5.179   12.271  1.00 86.04  ? 59  THR A CG2   1 
ATOM   435  N N     . ALA A 1 60  ? -11.251 2.121   10.640  1.00 96.06  ? 60  ALA A N     1 
ATOM   436  C CA    . ALA A 1 60  ? -11.684 0.856   11.206  1.00 96.52  ? 60  ALA A CA    1 
ATOM   437  C C     . ALA A 1 60  ? -11.021 0.702   12.560  1.00 99.23  ? 60  ALA A C     1 
ATOM   438  O O     . ALA A 1 60  ? -9.795  0.742   12.670  1.00 97.06  ? 60  ALA A O     1 
ATOM   439  C CB    . ALA A 1 60  ? -11.290 -0.289  10.296  1.00 94.33  ? 60  ALA A CB    1 
ATOM   440  N N     . ALA A 1 61  ? -11.845 0.523   13.588  1.00 102.40 ? 61  ALA A N     1 
ATOM   441  C CA    . ALA A 1 61  ? -11.364 0.371   14.953  1.00 103.62 ? 61  ALA A CA    1 
ATOM   442  C C     . ALA A 1 61  ? -10.857 -1.039  15.246  1.00 108.95 ? 61  ALA A C     1 
ATOM   443  O O     . ALA A 1 61  ? -9.812  -1.205  15.880  1.00 112.39 ? 61  ALA A O     1 
ATOM   444  C CB    . ALA A 1 61  ? -12.468 0.737   15.928  1.00 94.02  ? 61  ALA A CB    1 
ATOM   445  N N     . SER A 1 62  ? -11.586 -2.057  14.788  1.00 111.50 ? 62  SER A N     1 
ATOM   446  C CA    . SER A 1 62  ? -11.175 -3.437  15.040  1.00 110.16 ? 62  SER A CA    1 
ATOM   447  C C     . SER A 1 62  ? -11.358 -4.384  13.858  1.00 109.71 ? 62  SER A C     1 
ATOM   448  O O     . SER A 1 62  ? -11.982 -4.033  12.854  1.00 108.16 ? 62  SER A O     1 
ATOM   449  C CB    . SER A 1 62  ? -11.928 -3.993  16.256  1.00 110.11 ? 62  SER A CB    1 
ATOM   450  O OG    . SER A 1 62  ? -13.333 -3.942  16.060  1.00 106.44 ? 62  SER A OG    1 
ATOM   451  N N     . GLU A 1 63  ? -10.805 -5.588  14.004  1.00 108.92 ? 63  GLU A N     1 
ATOM   452  C CA    . GLU A 1 63  ? -10.882 -6.623  12.983  1.00 107.63 ? 63  GLU A CA    1 
ATOM   453  C C     . GLU A 1 63  ? -12.308 -6.783  12.467  1.00 104.29 ? 63  GLU A C     1 
ATOM   454  O O     . GLU A 1 63  ? -12.522 -7.189  11.328  1.00 104.92 ? 63  GLU A O     1 
ATOM   455  C CB    . GLU A 1 63  ? -10.374 -7.970  13.542  1.00 111.29 ? 63  GLU A CB    1 
ATOM   456  C CG    . GLU A 1 63  ? -11.182 -8.530  14.733  1.00 119.71 ? 63  GLU A CG    1 
ATOM   457  C CD    . GLU A 1 63  ? -10.748 -9.939  15.188  1.00 124.87 ? 63  GLU A CD    1 
ATOM   458  O OE1   . GLU A 1 63  ? -10.934 -10.920 14.430  1.00 121.80 ? 63  GLU A OE1   1 
ATOM   459  O OE2   . GLU A 1 63  ? -10.225 -10.064 16.318  1.00 128.08 ? 63  GLU A OE2   1 
ATOM   460  N N     . LYS A 1 64  ? -13.282 -6.452  13.301  1.00 101.89 ? 64  LYS A N     1 
ATOM   461  C CA    . LYS A 1 64  ? -14.682 -6.584  12.915  1.00 102.52 ? 64  LYS A CA    1 
ATOM   462  C C     . LYS A 1 64  ? -15.029 -5.681  11.745  1.00 103.28 ? 64  LYS A C     1 
ATOM   463  O O     . LYS A 1 64  ? -16.070 -5.841  11.108  1.00 101.39 ? 64  LYS A O     1 
ATOM   464  C CB    . LYS A 1 64  ? -15.596 -6.258  14.097  1.00 100.80 ? 64  LYS A CB    1 
ATOM   465  C CG    . LYS A 1 64  ? -15.247 -7.014  15.378  1.00 98.37  ? 64  LYS A CG    1 
ATOM   466  C CD    . LYS A 1 64  ? -15.240 -8.520  15.174  1.00 92.76  ? 64  LYS A CD    1 
ATOM   467  C CE    . LYS A 1 64  ? -14.867 -9.242  16.450  1.00 94.31  ? 64  LYS A CE    1 
ATOM   468  N NZ    . LYS A 1 64  ? -14.609 -10.687 16.196  1.00 100.41 ? 64  LYS A NZ    1 
ATOM   469  N N     . ASP A 1 65  ? -14.150 -4.723  11.472  1.00 105.71 ? 65  ASP A N     1 
ATOM   470  C CA    . ASP A 1 65  ? -14.362 -3.800  10.373  1.00 107.30 ? 65  ASP A CA    1 
ATOM   471  C C     . ASP A 1 65  ? -13.686 -4.320  9.114   1.00 108.26 ? 65  ASP A C     1 
ATOM   472  O O     . ASP A 1 65  ? -14.340 -4.489  8.083   1.00 112.01 ? 65  ASP A O     1 
ATOM   473  C CB    . ASP A 1 65  ? -13.805 -2.418  10.714  1.00 108.31 ? 65  ASP A CB    1 
ATOM   474  C CG    . ASP A 1 65  ? -14.699 -1.640  11.653  1.00 109.12 ? 65  ASP A CG    1 
ATOM   475  O OD1   . ASP A 1 65  ? -15.861 -1.367  11.285  1.00 108.26 ? 65  ASP A OD1   1 
ATOM   476  O OD2   . ASP A 1 65  ? -14.236 -1.296  12.763  1.00 108.55 ? 65  ASP A OD2   1 
ATOM   477  N N     . VAL A 1 66  ? -12.382 -4.577  9.196   1.00 101.96 ? 66  VAL A N     1 
ATOM   478  C CA    . VAL A 1 66  ? -11.630 -5.056  8.046   1.00 96.52  ? 66  VAL A CA    1 
ATOM   479  C C     . VAL A 1 66  ? -12.379 -6.170  7.319   1.00 103.97 ? 66  VAL A C     1 
ATOM   480  O O     . VAL A 1 66  ? -12.171 -6.393  6.123   1.00 105.15 ? 66  VAL A O     1 
ATOM   481  C CB    . VAL A 1 66  ? -10.246 -5.570  8.479   1.00 87.77  ? 66  VAL A CB    1 
ATOM   482  C CG1   . VAL A 1 66  ? -9.340  -5.789  7.259   1.00 78.21  ? 66  VAL A CG1   1 
ATOM   483  C CG2   . VAL A 1 66  ? -9.624  -4.577  9.426   1.00 82.96  ? 66  VAL A CG2   1 
ATOM   484  N N     . TYR A 1 67  ? -13.268 -6.852  8.039   1.00 106.73 ? 67  TYR A N     1 
ATOM   485  C CA    . TYR A 1 67  ? -14.037 -7.951  7.472   1.00 110.35 ? 67  TYR A CA    1 
ATOM   486  C C     . TYR A 1 67  ? -15.289 -7.498  6.709   1.00 110.70 ? 67  TYR A C     1 
ATOM   487  O O     . TYR A 1 67  ? -15.790 -8.220  5.849   1.00 116.31 ? 67  TYR A O     1 
ATOM   488  C CB    . TYR A 1 67  ? -14.414 -8.942  8.587   1.00 107.17 ? 67  TYR A CB    1 
ATOM   489  C CG    . TYR A 1 67  ? -13.233 -9.701  9.185   1.00 105.89 ? 67  TYR A CG    1 
ATOM   490  C CD1   . TYR A 1 67  ? -13.332 -10.317 10.439  1.00 106.07 ? 67  TYR A CD1   1 
ATOM   491  C CD2   . TYR A 1 67  ? -12.025 -9.829  8.487   1.00 103.81 ? 67  TYR A CD2   1 
ATOM   492  C CE1   . TYR A 1 67  ? -12.247 -11.036 10.990  1.00 104.41 ? 67  TYR A CE1   1 
ATOM   493  C CE2   . TYR A 1 67  ? -10.941 -10.545 9.027   1.00 101.47 ? 67  TYR A CE2   1 
ATOM   494  C CZ    . TYR A 1 67  ? -11.062 -11.152 10.275  1.00 103.10 ? 67  TYR A CZ    1 
ATOM   495  O OH    . TYR A 1 67  ? -10.014 -11.888 10.793  1.00 96.85  ? 67  TYR A OH    1 
ATOM   496  N N     . GLY A 1 68  ? -15.789 -6.307  7.005   1.00 106.00 ? 68  GLY A N     1 
ATOM   497  C CA    . GLY A 1 68  ? -16.980 -5.846  6.320   1.00 103.56 ? 68  GLY A CA    1 
ATOM   498  C C     . GLY A 1 68  ? -16.674 -5.007  5.101   1.00 106.59 ? 68  GLY A C     1 
ATOM   499  O O     . GLY A 1 68  ? -17.583 -4.523  4.425   1.00 104.21 ? 68  GLY A O     1 
ATOM   500  N N     . ILE A 1 69  ? -15.389 -4.833  4.809   1.00 108.97 ? 69  ILE A N     1 
ATOM   501  C CA    . ILE A 1 69  ? -14.976 -4.029  3.668   1.00 109.08 ? 69  ILE A CA    1 
ATOM   502  C C     . ILE A 1 69  ? -15.724 -4.443  2.420   1.00 112.32 ? 69  ILE A C     1 
ATOM   503  O O     . ILE A 1 69  ? -15.879 -3.651  1.497   1.00 118.79 ? 69  ILE A O     1 
ATOM   504  C CB    . ILE A 1 69  ? -13.472 -4.173  3.373   1.00 108.48 ? 69  ILE A CB    1 
ATOM   505  C CG1   . ILE A 1 69  ? -12.657 -3.863  4.626   1.00 110.15 ? 69  ILE A CG1   1 
ATOM   506  C CG2   . ILE A 1 69  ? -13.072 -3.218  2.250   1.00 102.78 ? 69  ILE A CG2   1 
ATOM   507  C CD1   . ILE A 1 69  ? -12.787 -2.433  5.099   1.00 112.89 ? 69  ILE A CD1   1 
ATOM   508  N N     . ARG A 1 70  ? -16.190 -5.689  2.402   1.00 112.16 ? 70  ARG A N     1 
ATOM   509  C CA    . ARG A 1 70  ? -16.906 -6.229  1.254   1.00 109.63 ? 70  ARG A CA    1 
ATOM   510  C C     . ARG A 1 70  ? -18.346 -5.758  1.199   1.00 108.42 ? 70  ARG A C     1 
ATOM   511  O O     . ARG A 1 70  ? -18.817 -5.254  0.179   1.00 105.35 ? 70  ARG A O     1 
ATOM   512  C CB    . ARG A 1 70  ? -16.890 -7.756  1.302   1.00 109.38 ? 70  ARG A CB    1 
ATOM   513  C CG    . ARG A 1 70  ? -15.514 -8.383  1.515   1.00 109.51 ? 70  ARG A CG    1 
ATOM   514  C CD    . ARG A 1 70  ? -14.543 -8.129  0.356   1.00 106.67 ? 70  ARG A CD    1 
ATOM   515  N NE    . ARG A 1 70  ? -15.035 -8.617  -0.933  1.00 104.35 ? 70  ARG A NE    1 
ATOM   516  C CZ    . ARG A 1 70  ? -14.318 -8.639  -2.054  1.00 104.12 ? 70  ARG A CZ    1 
ATOM   517  N NH1   . ARG A 1 70  ? -13.067 -8.202  -2.058  1.00 101.21 ? 70  ARG A NH1   1 
ATOM   518  N NH2   . ARG A 1 70  ? -14.853 -9.095  -3.178  1.00 105.94 ? 70  ARG A NH2   1 
ATOM   519  N N     . LYS A 1 71  ? -19.043 -5.929  2.309   1.00 108.92 ? 71  LYS A N     1 
ATOM   520  C CA    . LYS A 1 71  ? -20.440 -5.549  2.379   1.00 112.68 ? 71  LYS A CA    1 
ATOM   521  C C     . LYS A 1 71  ? -20.645 -4.049  2.555   1.00 112.76 ? 71  LYS A C     1 
ATOM   522  O O     . LYS A 1 71  ? -21.605 -3.482  2.030   1.00 115.15 ? 71  LYS A O     1 
ATOM   523  C CB    . LYS A 1 71  ? -21.117 -6.321  3.514   1.00 113.16 ? 71  LYS A CB    1 
ATOM   524  C CG    . LYS A 1 71  ? -22.605 -6.063  3.649   1.00 113.17 ? 71  LYS A CG    1 
ATOM   525  C CD    . LYS A 1 71  ? -23.278 -7.125  4.507   1.00 112.97 ? 71  LYS A CD    1 
ATOM   526  C CE    . LYS A 1 71  ? -22.674 -7.210  5.907   1.00 110.83 ? 71  LYS A CE    1 
ATOM   527  N NZ    . LYS A 1 71  ? -22.844 -5.959  6.693   1.00 112.36 ? 71  LYS A NZ    1 
ATOM   528  N N     . ASP A 1 72  ? -19.735 -3.405  3.279   1.00 111.28 ? 72  ASP A N     1 
ATOM   529  C CA    . ASP A 1 72  ? -19.847 -1.974  3.532   1.00 109.70 ? 72  ASP A CA    1 
ATOM   530  C C     . ASP A 1 72  ? -19.413 -1.113  2.355   1.00 104.46 ? 72  ASP A C     1 
ATOM   531  O O     . ASP A 1 72  ? -20.220 -0.387  1.784   1.00 101.55 ? 72  ASP A O     1 
ATOM   532  C CB    . ASP A 1 72  ? -19.017 -1.607  4.760   1.00 117.55 ? 72  ASP A CB    1 
ATOM   533  C CG    . ASP A 1 72  ? -19.436 -2.377  6.001   1.00 119.64 ? 72  ASP A CG    1 
ATOM   534  O OD1   . ASP A 1 72  ? -19.565 -3.621  5.927   1.00 117.35 ? 72  ASP A OD1   1 
ATOM   535  O OD2   . ASP A 1 72  ? -19.624 -1.735  7.054   1.00 120.79 ? 72  ASP A OD2   1 
ATOM   536  N N     . LEU A 1 73  ? -18.136 -1.192  2.003   1.00 100.90 ? 73  LEU A N     1 
ATOM   537  C CA    . LEU A 1 73  ? -17.592 -0.410  0.897   1.00 100.10 ? 73  LEU A CA    1 
ATOM   538  C C     . LEU A 1 73  ? -17.861 -1.103  -0.429  1.00 102.99 ? 73  LEU A C     1 
ATOM   539  O O     . LEU A 1 73  ? -16.941 -1.332  -1.214  1.00 108.18 ? 73  LEU A O     1 
ATOM   540  C CB    . LEU A 1 73  ? -16.083 -0.234  1.066   1.00 89.17  ? 73  LEU A CB    1 
ATOM   541  C CG    . LEU A 1 73  ? -15.644 0.257   2.442   1.00 84.60  ? 73  LEU A CG    1 
ATOM   542  C CD1   . LEU A 1 73  ? -14.127 0.354   2.501   1.00 88.59  ? 73  LEU A CD1   1 
ATOM   543  C CD2   . LEU A 1 73  ? -16.277 1.594   2.717   1.00 82.27  ? 73  LEU A CD2   1 
ATOM   544  N N     . ALA A 1 74  ? -19.118 -1.434  -0.687  1.00 103.93 ? 74  ALA A N     1 
ATOM   545  C CA    . ALA A 1 74  ? -19.455 -2.128  -1.918  1.00 106.39 ? 74  ALA A CA    1 
ATOM   546  C C     . ALA A 1 74  ? -19.667 -1.193  -3.089  1.00 106.13 ? 74  ALA A C     1 
ATOM   547  O O     . ALA A 1 74  ? -19.459 -1.583  -4.239  1.00 105.22 ? 74  ALA A O     1 
ATOM   548  C CB    . ALA A 1 74  ? -20.691 -2.975  -1.706  1.00 108.61 ? 74  ALA A CB    1 
ATOM   549  N N     . ASP A 1 75  ? -20.072 0.035   -2.780  1.00 106.62 ? 75  ASP A N     1 
ATOM   550  C CA    . ASP A 1 75  ? -20.349 1.071   -3.777  1.00 106.14 ? 75  ASP A CA    1 
ATOM   551  C C     . ASP A 1 75  ? -19.075 1.615   -4.437  1.00 100.68 ? 75  ASP A C     1 
ATOM   552  O O     . ASP A 1 75  ? -19.133 2.245   -5.489  1.00 96.76  ? 75  ASP A O     1 
ATOM   553  C CB    . ASP A 1 75  ? -21.107 2.235   -3.118  1.00 117.10 ? 75  ASP A CB    1 
ATOM   554  C CG    . ASP A 1 75  ? -21.984 1.789   -1.947  1.00 124.50 ? 75  ASP A CG    1 
ATOM   555  O OD1   . ASP A 1 75  ? -21.440 1.239   -0.963  1.00 127.99 ? 75  ASP A OD1   1 
ATOM   556  O OD2   . ASP A 1 75  ? -23.217 1.994   -2.005  1.00 126.65 ? 75  ASP A OD2   1 
ATOM   557  N N     . TYR A 1 76  ? -17.927 1.369   -3.815  1.00 94.93  ? 76  TYR A N     1 
ATOM   558  C CA    . TYR A 1 76  ? -16.653 1.845   -4.337  1.00 94.07  ? 76  TYR A CA    1 
ATOM   559  C C     . TYR A 1 76  ? -15.980 0.860   -5.303  1.00 92.30  ? 76  TYR A C     1 
ATOM   560  O O     . TYR A 1 76  ? -16.114 -0.352  -5.160  1.00 98.85  ? 76  TYR A O     1 
ATOM   561  C CB    . TYR A 1 76  ? -15.708 2.145   -3.164  1.00 97.47  ? 76  TYR A CB    1 
ATOM   562  C CG    . TYR A 1 76  ? -16.188 3.258   -2.247  1.00 103.21 ? 76  TYR A CG    1 
ATOM   563  C CD1   . TYR A 1 76  ? -16.091 4.602   -2.626  1.00 102.22 ? 76  TYR A CD1   1 
ATOM   564  C CD2   . TYR A 1 76  ? -16.765 2.965   -1.017  1.00 103.69 ? 76  TYR A CD2   1 
ATOM   565  C CE1   . TYR A 1 76  ? -16.560 5.615   -1.805  1.00 96.37  ? 76  TYR A CE1   1 
ATOM   566  C CE2   . TYR A 1 76  ? -17.239 3.978   -0.186  1.00 102.77 ? 76  TYR A CE2   1 
ATOM   567  C CZ    . TYR A 1 76  ? -17.137 5.295   -0.587  1.00 99.42  ? 76  TYR A CZ    1 
ATOM   568  O OH    . TYR A 1 76  ? -17.635 6.280   0.230   1.00 99.36  ? 76  TYR A OH    1 
ATOM   569  N N     . ASP A 1 77  ? -15.255 1.379   -6.290  1.00 89.86  ? 77  ASP A N     1 
ATOM   570  C CA    . ASP A 1 77  ? -14.550 0.517   -7.235  1.00 88.69  ? 77  ASP A CA    1 
ATOM   571  C C     . ASP A 1 77  ? -13.432 -0.233  -6.517  1.00 88.22  ? 77  ASP A C     1 
ATOM   572  O O     . ASP A 1 77  ? -13.344 -1.453  -6.582  1.00 90.09  ? 77  ASP A O     1 
ATOM   573  C CB    . ASP A 1 77  ? -13.944 1.338   -8.374  1.00 86.50  ? 77  ASP A CB    1 
ATOM   574  C CG    . ASP A 1 77  ? -14.988 2.011   -9.220  1.00 84.61  ? 77  ASP A CG    1 
ATOM   575  O OD1   . ASP A 1 77  ? -14.681 2.317   -10.391 1.00 83.11  ? 77  ASP A OD1   1 
ATOM   576  O OD2   . ASP A 1 77  ? -16.111 2.236   -8.713  1.00 79.70  ? 77  ASP A OD2   1 
ATOM   577  N N     . PHE A 1 78  ? -12.575 0.517   -5.835  1.00 88.25  ? 78  PHE A N     1 
ATOM   578  C CA    . PHE A 1 78  ? -11.468 -0.052  -5.083  1.00 84.27  ? 78  PHE A CA    1 
ATOM   579  C C     . PHE A 1 78  ? -11.599 0.270   -3.594  1.00 83.34  ? 78  PHE A C     1 
ATOM   580  O O     . PHE A 1 78  ? -12.243 1.244   -3.206  1.00 78.28  ? 78  PHE A O     1 
ATOM   581  C CB    . PHE A 1 78  ? -10.140 0.480   -5.618  1.00 85.41  ? 78  PHE A CB    1 
ATOM   582  C CG    . PHE A 1 78  ? -9.779  -0.053  -6.973  1.00 91.30  ? 78  PHE A CG    1 
ATOM   583  C CD1   . PHE A 1 78  ? -9.233  0.783   -7.939  1.00 93.26  ? 78  PHE A CD1   1 
ATOM   584  C CD2   . PHE A 1 78  ? -9.952  -1.397  -7.275  1.00 93.95  ? 78  PHE A CD2   1 
ATOM   585  C CE1   . PHE A 1 78  ? -8.870  0.282   -9.186  1.00 93.41  ? 78  PHE A CE1   1 
ATOM   586  C CE2   . PHE A 1 78  ? -9.592  -1.905  -8.517  1.00 92.84  ? 78  PHE A CE2   1 
ATOM   587  C CZ    . PHE A 1 78  ? -9.050  -1.066  -9.472  1.00 88.42  ? 78  PHE A CZ    1 
ATOM   588  N N     . ALA A 1 79  ? -11.001 -0.575  -2.765  1.00 82.17  ? 79  ALA A N     1 
ATOM   589  C CA    . ALA A 1 79  ? -11.024 -0.399  -1.324  1.00 77.19  ? 79  ALA A CA    1 
ATOM   590  C C     . ALA A 1 79  ? -9.606  -0.674  -0.849  1.00 77.55  ? 79  ALA A C     1 
ATOM   591  O O     . ALA A 1 79  ? -9.237  -1.826  -0.611  1.00 73.97  ? 79  ALA A O     1 
ATOM   592  C CB    . ALA A 1 79  ? -12.007 -1.371  -0.684  1.00 72.52  ? 79  ALA A CB    1 
ATOM   593  N N     . ILE A 1 80  ? -8.811  0.388   -0.748  1.00 78.65  ? 80  ILE A N     1 
ATOM   594  C CA    . ILE A 1 80  ? -7.416  0.294   -0.310  1.00 77.41  ? 80  ILE A CA    1 
ATOM   595  C C     . ILE A 1 80  ? -7.358  0.236   1.227   1.00 81.61  ? 80  ILE A C     1 
ATOM   596  O O     . ILE A 1 80  ? -7.963  1.058   1.912   1.00 81.38  ? 80  ILE A O     1 
ATOM   597  C CB    . ILE A 1 80  ? -6.572  1.521   -0.812  1.00 71.18  ? 80  ILE A CB    1 
ATOM   598  C CG1   . ILE A 1 80  ? -7.143  2.075   -2.132  1.00 67.09  ? 80  ILE A CG1   1 
ATOM   599  C CG2   . ILE A 1 80  ? -5.115  1.116   -1.001  1.00 49.88  ? 80  ILE A CG2   1 
ATOM   600  C CD1   . ILE A 1 80  ? -7.136  1.120   -3.304  1.00 61.38  ? 80  ILE A CD1   1 
ATOM   601  N N     . VAL A 1 81  ? -6.639  -0.746  1.760   1.00 84.31  ? 81  VAL A N     1 
ATOM   602  C CA    . VAL A 1 81  ? -6.502  -0.921  3.201   1.00 81.91  ? 81  VAL A CA    1 
ATOM   603  C C     . VAL A 1 81  ? -5.070  -0.642  3.639   1.00 84.19  ? 81  VAL A C     1 
ATOM   604  O O     . VAL A 1 81  ? -4.146  -1.319  3.187   1.00 87.08  ? 81  VAL A O     1 
ATOM   605  C CB    . VAL A 1 81  ? -6.858  -2.360  3.622   1.00 80.90  ? 81  VAL A CB    1 
ATOM   606  C CG1   . VAL A 1 81  ? -6.559  -2.555  5.089   1.00 85.34  ? 81  VAL A CG1   1 
ATOM   607  C CG2   . VAL A 1 81  ? -8.320  -2.630  3.357   1.00 78.48  ? 81  VAL A CG2   1 
ATOM   608  N N     . ASP A 1 82  ? -4.890  0.347   4.515   1.00 82.69  ? 82  ASP A N     1 
ATOM   609  C CA    . ASP A 1 82  ? -3.563  0.711   5.015   1.00 85.11  ? 82  ASP A CA    1 
ATOM   610  C C     . ASP A 1 82  ? -3.278  -0.142  6.262   1.00 89.02  ? 82  ASP A C     1 
ATOM   611  O O     . ASP A 1 82  ? -3.754  0.151   7.360   1.00 89.41  ? 82  ASP A O     1 
ATOM   612  C CB    . ASP A 1 82  ? -3.525  2.217   5.347   1.00 81.50  ? 82  ASP A CB    1 
ATOM   613  C CG    . ASP A 1 82  ? -2.112  2.748   5.654   1.00 76.62  ? 82  ASP A CG    1 
ATOM   614  O OD1   . ASP A 1 82  ? -1.979  3.972   5.882   1.00 80.94  ? 82  ASP A OD1   1 
ATOM   615  O OD2   . ASP A 1 82  ? -1.140  1.968   5.674   1.00 74.74  ? 82  ASP A OD2   1 
ATOM   616  N N     . GLY A 1 83  ? -2.508  -1.213  6.074   1.00 90.67  ? 83  GLY A N     1 
ATOM   617  C CA    . GLY A 1 83  ? -2.182  -2.098  7.176   1.00 93.27  ? 83  GLY A CA    1 
ATOM   618  C C     . GLY A 1 83  ? -1.536  -1.409  8.360   1.00 97.96  ? 83  GLY A C     1 
ATOM   619  O O     . GLY A 1 83  ? -1.020  -0.295  8.245   1.00 97.97  ? 83  GLY A O     1 
ATOM   620  N N     . ALA A 1 84  ? -1.562  -2.085  9.506   1.00 102.07 ? 84  ALA A N     1 
ATOM   621  C CA    . ALA A 1 84  ? -0.972  -1.560  10.734  1.00 103.27 ? 84  ALA A CA    1 
ATOM   622  C C     . ALA A 1 84  ? 0.487   -2.005  10.863  1.00 102.40 ? 84  ALA A C     1 
ATOM   623  O O     . ALA A 1 84  ? 1.096   -2.459  9.894   1.00 104.07 ? 84  ALA A O     1 
ATOM   624  C CB    . ALA A 1 84  ? -1.778  -2.041  11.930  1.00 100.35 ? 84  ALA A CB    1 
ATOM   625  N N     . GLY A 1 85  ? 1.049   -1.878  12.060  1.00 102.36 ? 85  GLY A N     1 
ATOM   626  C CA    . GLY A 1 85  ? 2.425   -2.289  12.263  1.00 103.90 ? 85  GLY A CA    1 
ATOM   627  C C     . GLY A 1 85  ? 2.571   -3.627  12.973  1.00 110.27 ? 85  GLY A C     1 
ATOM   628  O O     . GLY A 1 85  ? 3.660   -4.194  12.990  1.00 107.72 ? 85  GLY A O     1 
ATOM   629  N N     . SER A 1 86  ? 1.484   -4.150  13.545  1.00 119.61 ? 86  SER A N     1 
ATOM   630  C CA    . SER A 1 86  ? 1.535   -5.420  14.287  1.00 126.99 ? 86  SER A CA    1 
ATOM   631  C C     . SER A 1 86  ? 0.679   -6.565  13.728  1.00 129.62 ? 86  SER A C     1 
ATOM   632  O O     . SER A 1 86  ? -0.555  -6.503  13.740  1.00 127.08 ? 86  SER A O     1 
ATOM   633  C CB    . SER A 1 86  ? 1.145   -5.172  15.740  1.00 129.93 ? 86  SER A CB    1 
ATOM   634  O OG    . SER A 1 86  ? 1.823   -4.039  16.246  1.00 137.03 ? 86  SER A OG    1 
ATOM   635  N N     . LEU A 1 87  ? 1.367   -7.625  13.298  1.00 132.64 ? 87  LEU A N     1 
ATOM   636  C CA    . LEU A 1 87  ? 0.792   -8.833  12.679  1.00 132.20 ? 87  LEU A CA    1 
ATOM   637  C C     . LEU A 1 87  ? -0.421  -9.535  13.312  1.00 130.17 ? 87  LEU A C     1 
ATOM   638  O O     . LEU A 1 87  ? -0.705  -10.686 12.974  1.00 130.28 ? 87  LEU A O     1 
ATOM   639  C CB    . LEU A 1 87  ? 1.915   -9.871  12.494  1.00 130.76 ? 87  LEU A CB    1 
ATOM   640  C CG    . LEU A 1 87  ? 1.868   -10.856 11.318  1.00 130.38 ? 87  LEU A CG    1 
ATOM   641  C CD1   . LEU A 1 87  ? 2.096   -10.134 9.989   1.00 127.73 ? 87  LEU A CD1   1 
ATOM   642  C CD2   . LEU A 1 87  ? 2.947   -11.894 11.518  1.00 130.64 ? 87  LEU A CD2   1 
ATOM   643  N N     . SER A 1 88  ? -1.147  -8.857  14.193  1.00 127.66 ? 88  SER A N     1 
ATOM   644  C CA    . SER A 1 88  ? -2.303  -9.470  14.845  1.00 123.84 ? 88  SER A CA    1 
ATOM   645  C C     . SER A 1 88  ? -3.451  -9.857  13.906  1.00 118.63 ? 88  SER A C     1 
ATOM   646  O O     . SER A 1 88  ? -3.234  -10.242 12.757  1.00 110.83 ? 88  SER A O     1 
ATOM   647  C CB    . SER A 1 88  ? -2.829  -8.540  15.946  1.00 128.13 ? 88  SER A CB    1 
ATOM   648  O OG    . SER A 1 88  ? -3.090  -7.239  15.438  1.00 125.08 ? 88  SER A OG    1 
ATOM   649  N N     . VAL A 1 89  ? -4.676  -9.760  14.416  1.00 116.22 ? 89  VAL A N     1 
ATOM   650  C CA    . VAL A 1 89  ? -5.859  -10.095 13.642  1.00 118.34 ? 89  VAL A CA    1 
ATOM   651  C C     . VAL A 1 89  ? -6.128  -9.025  12.603  1.00 121.64 ? 89  VAL A C     1 
ATOM   652  O O     . VAL A 1 89  ? -7.279  -8.762  12.261  1.00 126.26 ? 89  VAL A O     1 
ATOM   653  C CB    . VAL A 1 89  ? -7.103  -10.165 14.519  1.00 115.96 ? 89  VAL A CB    1 
ATOM   654  C CG1   . VAL A 1 89  ? -7.854  -11.454 14.234  1.00 118.76 ? 89  VAL A CG1   1 
ATOM   655  C CG2   . VAL A 1 89  ? -6.716  -10.019 15.985  1.00 114.33 ? 89  VAL A CG2   1 
ATOM   656  N N     . ILE A 1 90  ? -5.071  -8.395  12.112  1.00 121.10 ? 90  ILE A N     1 
ATOM   657  C CA    . ILE A 1 90  ? -5.222  -7.338  11.125  1.00 118.79 ? 90  ILE A CA    1 
ATOM   658  C C     . ILE A 1 90  ? -4.565  -7.752  9.814   1.00 118.40 ? 90  ILE A C     1 
ATOM   659  O O     . ILE A 1 90  ? -5.158  -7.602  8.750   1.00 119.90 ? 90  ILE A O     1 
ATOM   660  C CB    . ILE A 1 90  ? -4.614  -6.020  11.660  1.00 119.58 ? 90  ILE A CB    1 
ATOM   661  C CG1   . ILE A 1 90  ? -4.829  -4.875  10.664  1.00 122.73 ? 90  ILE A CG1   1 
ATOM   662  C CG2   . ILE A 1 90  ? -3.144  -6.232  11.976  1.00 120.30 ? 90  ILE A CG2   1 
ATOM   663  C CD1   . ILE A 1 90  ? -3.717  -4.700  9.632   1.00 128.94 ? 90  ILE A CD1   1 
ATOM   664  N N     . THR A 1 91  ? -3.347  -8.283  9.890   1.00 115.82 ? 91  THR A N     1 
ATOM   665  C CA    . THR A 1 91  ? -2.636  -8.731  8.701   1.00 112.12 ? 91  THR A CA    1 
ATOM   666  C C     . THR A 1 91  ? -3.397  -9.900  8.079   1.00 110.59 ? 91  THR A C     1 
ATOM   667  O O     . THR A 1 91  ? -3.619  -9.942  6.874   1.00 108.90 ? 91  THR A O     1 
ATOM   668  C CB    . THR A 1 91  ? -1.203  -9.182  9.047   1.00 114.96 ? 91  THR A CB    1 
ATOM   669  O OG1   . THR A 1 91  ? -0.469  -8.068  9.571   1.00 117.19 ? 91  THR A OG1   1 
ATOM   670  C CG2   . THR A 1 91  ? -0.487  -9.715  7.808   1.00 116.08 ? 91  THR A CG2   1 
ATOM   671  N N     . SER A 1 92  ? -3.807  -10.853 8.904   1.00 111.79 ? 92  SER A N     1 
ATOM   672  C CA    . SER A 1 92  ? -4.549  -11.989 8.385   1.00 113.56 ? 92  SER A CA    1 
ATOM   673  C C     . SER A 1 92  ? -5.953  -11.527 8.016   1.00 110.02 ? 92  SER A C     1 
ATOM   674  O O     . SER A 1 92  ? -6.624  -12.161 7.212   1.00 111.61 ? 92  SER A O     1 
ATOM   675  C CB    . SER A 1 92  ? -4.647  -13.113 9.423   1.00 120.07 ? 92  SER A CB    1 
ATOM   676  O OG    . SER A 1 92  ? -5.612  -12.811 10.419  1.00 127.78 ? 92  SER A OG    1 
ATOM   677  N N     . ALA A 1 93  ? -6.395  -10.424 8.605   1.00 106.00 ? 93  ALA A N     1 
ATOM   678  C CA    . ALA A 1 93  ? -7.728  -9.896  8.332   1.00 103.09 ? 93  ALA A CA    1 
ATOM   679  C C     . ALA A 1 93  ? -7.844  -9.415  6.888   1.00 102.72 ? 93  ALA A C     1 
ATOM   680  O O     . ALA A 1 93  ? -8.788  -9.750  6.176   1.00 94.97  ? 93  ALA A O     1 
ATOM   681  C CB    . ALA A 1 93  ? -8.036  -8.756  9.289   1.00 102.48 ? 93  ALA A CB    1 
ATOM   682  N N     . ALA A 1 94  ? -6.864  -8.622  6.469   1.00 105.51 ? 94  ALA A N     1 
ATOM   683  C CA    . ALA A 1 94  ? -6.812  -8.074  5.122   1.00 108.38 ? 94  ALA A CA    1 
ATOM   684  C C     . ALA A 1 94  ? -6.822  -9.179  4.070   1.00 111.59 ? 94  ALA A C     1 
ATOM   685  O O     . ALA A 1 94  ? -7.724  -9.249  3.226   1.00 113.85 ? 94  ALA A O     1 
ATOM   686  C CB    . ALA A 1 94  ? -5.553  -7.223  4.963   1.00 103.26 ? 94  ALA A CB    1 
ATOM   687  N N     . VAL A 1 95  ? -5.810  -10.042 4.130   1.00 109.76 ? 95  VAL A N     1 
ATOM   688  C CA    . VAL A 1 95  ? -5.678  -11.138 3.181   1.00 105.45 ? 95  VAL A CA    1 
ATOM   689  C C     . VAL A 1 95  ? -6.968  -11.936 3.006   1.00 102.26 ? 95  VAL A C     1 
ATOM   690  O O     . VAL A 1 95  ? -7.278  -12.375 1.904   1.00 103.90 ? 95  VAL A O     1 
ATOM   691  C CB    . VAL A 1 95  ? -4.553  -12.092 3.609   1.00 104.16 ? 95  VAL A CB    1 
ATOM   692  C CG1   . VAL A 1 95  ? -4.188  -13.024 2.462   1.00 105.32 ? 95  VAL A CG1   1 
ATOM   693  C CG2   . VAL A 1 95  ? -3.345  -11.292 4.056   1.00 105.41 ? 95  VAL A CG2   1 
ATOM   694  N N     . MET A 1 96  ? -7.722  -12.115 4.083   1.00 97.69  ? 96  MET A N     1 
ATOM   695  C CA    . MET A 1 96  ? -8.967  -12.875 4.025   1.00 95.99  ? 96  MET A CA    1 
ATOM   696  C C     . MET A 1 96  ? -10.086 -12.248 3.178   1.00 92.36  ? 96  MET A C     1 
ATOM   697  O O     . MET A 1 96  ? -10.929 -12.973 2.654   1.00 89.38  ? 96  MET A O     1 
ATOM   698  C CB    . MET A 1 96  ? -9.508  -13.128 5.440   1.00 103.49 ? 96  MET A CB    1 
ATOM   699  C CG    . MET A 1 96  ? -9.498  -14.575 5.937   1.00 100.89 ? 96  MET A CG    1 
ATOM   700  S SD    . MET A 1 96  ? -10.601 -14.759 7.372   1.00 100.72 ? 96  MET A SD    1 
ATOM   701  C CE    . MET A 1 96  ? -9.525  -14.208 8.748   1.00 103.53 ? 96  MET A CE    1 
ATOM   702  N N     . VAL A 1 97  ? -10.123 -10.921 3.065   1.00 90.70  ? 97  VAL A N     1 
ATOM   703  C CA    . VAL A 1 97  ? -11.171 -10.260 2.269   1.00 90.34  ? 97  VAL A CA    1 
ATOM   704  C C     . VAL A 1 97  ? -10.621 -9.513  1.043   1.00 91.39  ? 97  VAL A C     1 
ATOM   705  O O     . VAL A 1 97  ? -11.367 -9.179  0.117   1.00 91.26  ? 97  VAL A O     1 
ATOM   706  C CB    . VAL A 1 97  ? -12.025 -9.251  3.118   1.00 85.03  ? 97  VAL A CB    1 
ATOM   707  C CG1   . VAL A 1 97  ? -13.037 -9.997  3.979   1.00 78.59  ? 97  VAL A CG1   1 
ATOM   708  C CG2   . VAL A 1 97  ? -11.121 -8.409  3.990   1.00 85.71  ? 97  VAL A CG2   1 
ATOM   709  N N     . SER A 1 98  ? -9.318  -9.265  1.033   1.00 89.87  ? 98  SER A N     1 
ATOM   710  C CA    . SER A 1 98  ? -8.700  -8.557  -0.082  1.00 92.30  ? 98  SER A CA    1 
ATOM   711  C C     . SER A 1 98  ? -8.674  -9.356  -1.400  1.00 88.95  ? 98  SER A C     1 
ATOM   712  O O     . SER A 1 98  ? -8.820  -10.577 -1.402  1.00 89.28  ? 98  SER A O     1 
ATOM   713  C CB    . SER A 1 98  ? -7.285  -8.111  0.320   1.00 90.51  ? 98  SER A CB    1 
ATOM   714  O OG    . SER A 1 98  ? -6.586  -9.143  0.982   1.00 89.48  ? 98  SER A OG    1 
ATOM   715  N N     . ASP A 1 99  ? -8.511  -8.652  -2.517  1.00 84.03  ? 99  ASP A N     1 
ATOM   716  C CA    . ASP A 1 99  ? -8.459  -9.278  -3.833  1.00 76.99  ? 99  ASP A CA    1 
ATOM   717  C C     . ASP A 1 99  ? -7.051  -9.140  -4.395  1.00 75.86  ? 99  ASP A C     1 
ATOM   718  O O     . ASP A 1 99  ? -6.697  -9.778  -5.388  1.00 75.69  ? 99  ASP A O     1 
ATOM   719  C CB    . ASP A 1 99  ? -9.452  -8.619  -4.789  1.00 79.27  ? 99  ASP A CB    1 
ATOM   720  C CG    . ASP A 1 99  ? -10.889 -8.805  -4.355  1.00 87.59  ? 99  ASP A CG    1 
ATOM   721  O OD1   . ASP A 1 99  ? -11.342 -9.966  -4.252  1.00 92.83  ? 99  ASP A OD1   1 
ATOM   722  O OD2   . ASP A 1 99  ? -11.570 -7.786  -4.122  1.00 90.03  ? 99  ASP A OD2   1 
ATOM   723  N N     . LEU A 1 100 ? -6.252  -8.301  -3.745  1.00 73.13  ? 100 LEU A N     1 
ATOM   724  C CA    . LEU A 1 100 ? -4.874  -8.062  -4.149  1.00 71.56  ? 100 LEU A CA    1 
ATOM   725  C C     . LEU A 1 100 ? -4.080  -7.548  -2.942  1.00 73.72  ? 100 LEU A C     1 
ATOM   726  O O     . LEU A 1 100 ? -4.562  -6.701  -2.189  1.00 76.20  ? 100 LEU A O     1 
ATOM   727  C CB    . LEU A 1 100 ? -4.837  -7.054  -5.298  1.00 67.55  ? 100 LEU A CB    1 
ATOM   728  C CG    . LEU A 1 100 ? -3.504  -6.534  -5.852  1.00 72.29  ? 100 LEU A CG    1 
ATOM   729  C CD1   . LEU A 1 100 ? -3.058  -5.328  -5.071  1.00 72.50  ? 100 LEU A CD1   1 
ATOM   730  C CD2   . LEU A 1 100 ? -2.449  -7.617  -5.816  1.00 76.44  ? 100 LEU A CD2   1 
ATOM   731  N N     . VAL A 1 101 ? -2.873  -8.078  -2.742  1.00 68.85  ? 101 VAL A N     1 
ATOM   732  C CA    . VAL A 1 101 ? -2.041  -7.657  -1.620  1.00 64.21  ? 101 VAL A CA    1 
ATOM   733  C C     . VAL A 1 101 ? -0.653  -7.144  -1.976  1.00 64.58  ? 101 VAL A C     1 
ATOM   734  O O     . VAL A 1 101 ? 0.197   -7.887  -2.468  1.00 52.67  ? 101 VAL A O     1 
ATOM   735  C CB    . VAL A 1 101 ? -1.866  -8.776  -0.580  1.00 63.90  ? 101 VAL A CB    1 
ATOM   736  C CG1   . VAL A 1 101 ? -0.792  -8.381  0.414   1.00 66.67  ? 101 VAL A CG1   1 
ATOM   737  C CG2   . VAL A 1 101 ? -3.165  -9.006  0.162   1.00 61.68  ? 101 VAL A CG2   1 
ATOM   738  N N     . ILE A 1 102 ? -0.439  -5.861  -1.683  1.00 70.40  ? 102 ILE A N     1 
ATOM   739  C CA    . ILE A 1 102 ? 0.836   -5.184  -1.926  1.00 71.45  ? 102 ILE A CA    1 
ATOM   740  C C     . ILE A 1 102 ? 1.709   -5.212  -0.654  1.00 72.20  ? 102 ILE A C     1 
ATOM   741  O O     . ILE A 1 102 ? 1.251   -4.881  0.438   1.00 70.52  ? 102 ILE A O     1 
ATOM   742  C CB    . ILE A 1 102 ? 0.640   -3.695  -2.323  1.00 71.63  ? 102 ILE A CB    1 
ATOM   743  C CG1   . ILE A 1 102 ? -0.482  -3.535  -3.363  1.00 71.99  ? 102 ILE A CG1   1 
ATOM   744  C CG2   . ILE A 1 102 ? 1.959   -3.152  -2.873  1.00 64.00  ? 102 ILE A CG2   1 
ATOM   745  C CD1   . ILE A 1 102 ? -0.127  -4.000  -4.760  1.00 72.45  ? 102 ILE A CD1   1 
ATOM   746  N N     . ILE A 1 103 ? 2.961   -5.609  -0.809  1.00 68.40  ? 103 ILE A N     1 
ATOM   747  C CA    . ILE A 1 103 ? 3.873   -5.674  0.311   1.00 67.56  ? 103 ILE A CA    1 
ATOM   748  C C     . ILE A 1 103 ? 4.966   -4.631  0.095   1.00 70.42  ? 103 ILE A C     1 
ATOM   749  O O     . ILE A 1 103 ? 5.871   -4.825  -0.713  1.00 67.82  ? 103 ILE A O     1 
ATOM   750  C CB    . ILE A 1 103 ? 4.530   -7.129  0.479   1.00 71.69  ? 103 ILE A CB    1 
ATOM   751  C CG1   . ILE A 1 103 ? 3.521   -8.154  1.035   1.00 66.18  ? 103 ILE A CG1   1 
ATOM   752  C CG2   . ILE A 1 103 ? 5.692   -7.090  1.475   1.00 70.42  ? 103 ILE A CG2   1 
ATOM   753  C CD1   . ILE A 1 103 ? 2.574   -8.736  0.024   1.00 70.40  ? 103 ILE A CD1   1 
ATOM   754  N N     . PRO A 1 104 ? 4.853   -3.478  0.774   1.00 75.94  ? 104 PRO A N     1 
ATOM   755  C CA    . PRO A 1 104 ? 5.863   -2.419  0.644   1.00 78.29  ? 104 PRO A CA    1 
ATOM   756  C C     . PRO A 1 104 ? 7.134   -2.856  1.380   1.00 82.09  ? 104 PRO A C     1 
ATOM   757  O O     . PRO A 1 104 ? 7.088   -3.375  2.492   1.00 81.51  ? 104 PRO A O     1 
ATOM   758  C CB    . PRO A 1 104 ? 5.205   -1.211  1.310   1.00 77.18  ? 104 PRO A CB    1 
ATOM   759  C CG    . PRO A 1 104 ? 3.749   -1.450  1.092   1.00 83.95  ? 104 PRO A CG    1 
ATOM   760  C CD    . PRO A 1 104 ? 3.600   -2.944  1.333   1.00 81.10  ? 104 PRO A CD    1 
ATOM   761  N N     . VAL A 1 105 ? 8.277   -2.655  0.752   1.00 87.26  ? 105 VAL A N     1 
ATOM   762  C CA    . VAL A 1 105 ? 9.531   -3.033  1.366   1.00 91.95  ? 105 VAL A CA    1 
ATOM   763  C C     . VAL A 1 105 ? 10.627  -2.018  1.047   1.00 93.16  ? 105 VAL A C     1 
ATOM   764  O O     . VAL A 1 105 ? 10.647  -1.415  -0.032  1.00 92.44  ? 105 VAL A O     1 
ATOM   765  C CB    . VAL A 1 105 ? 9.961   -4.427  0.895   1.00 95.42  ? 105 VAL A CB    1 
ATOM   766  C CG1   . VAL A 1 105 ? 10.101  -4.457  -0.619  1.00 100.18 ? 105 VAL A CG1   1 
ATOM   767  C CG2   . VAL A 1 105 ? 11.263  -4.801  1.558   1.00 103.75 ? 105 VAL A CG2   1 
ATOM   768  N N     . THR A 1 106 ? 11.535  -1.835  2.000   1.00 92.71  ? 106 THR A N     1 
ATOM   769  C CA    . THR A 1 106 ? 12.631  -0.891  1.853   1.00 89.08  ? 106 THR A CA    1 
ATOM   770  C C     . THR A 1 106 ? 13.935  -1.641  1.576   1.00 90.30  ? 106 THR A C     1 
ATOM   771  O O     . THR A 1 106 ? 14.105  -2.788  1.989   1.00 92.35  ? 106 THR A O     1 
ATOM   772  C CB    . THR A 1 106 ? 12.748  -0.031  3.142   1.00 90.62  ? 106 THR A CB    1 
ATOM   773  O OG1   . THR A 1 106 ? 13.217  -0.835  4.235   1.00 94.44  ? 106 THR A OG1   1 
ATOM   774  C CG2   . THR A 1 106 ? 11.382  0.508   3.529   1.00 87.24  ? 106 THR A CG2   1 
ATOM   775  N N     . PRO A 1 107 ? 14.865  -1.009  0.855   1.00 94.65  ? 107 PRO A N     1 
ATOM   776  C CA    . PRO A 1 107 ? 16.154  -1.635  0.534   1.00 100.73 ? 107 PRO A CA    1 
ATOM   777  C C     . PRO A 1 107 ? 17.089  -1.689  1.748   1.00 108.53 ? 107 PRO A C     1 
ATOM   778  O O     . PRO A 1 107 ? 18.210  -1.161  1.715   1.00 105.55 ? 107 PRO A O     1 
ATOM   779  C CB    . PRO A 1 107 ? 16.696  -0.751  -0.586  1.00 93.76  ? 107 PRO A CB    1 
ATOM   780  C CG    . PRO A 1 107 ? 16.199  0.593   -0.187  1.00 97.16  ? 107 PRO A CG    1 
ATOM   781  C CD    . PRO A 1 107 ? 14.763  0.316   0.229   1.00 97.12  ? 107 PRO A CD    1 
ATOM   782  N N     . SER A 1 108 ? 16.608  -2.319  2.820   1.00 114.03 ? 108 SER A N     1 
ATOM   783  C CA    . SER A 1 108 ? 17.375  -2.472  4.050   1.00 119.18 ? 108 SER A CA    1 
ATOM   784  C C     . SER A 1 108 ? 17.686  -3.936  4.283   1.00 125.38 ? 108 SER A C     1 
ATOM   785  O O     . SER A 1 108 ? 16.929  -4.811  3.872   1.00 126.25 ? 108 SER A O     1 
ATOM   786  C CB    . SER A 1 108 ? 16.592  -1.959  5.246   1.00 119.22 ? 108 SER A CB    1 
ATOM   787  O OG    . SER A 1 108 ? 16.965  -2.666  6.421   1.00 119.23 ? 108 SER A OG    1 
ATOM   788  N N     . PRO A 1 109 ? 18.794  -4.218  4.979   1.00 130.94 ? 109 PRO A N     1 
ATOM   789  C CA    . PRO A 1 109 ? 19.209  -5.593  5.270   1.00 137.02 ? 109 PRO A CA    1 
ATOM   790  C C     . PRO A 1 109 ? 18.221  -6.432  6.101   1.00 142.34 ? 109 PRO A C     1 
ATOM   791  O O     . PRO A 1 109 ? 18.104  -7.647  5.896   1.00 144.14 ? 109 PRO A O     1 
ATOM   792  C CB    . PRO A 1 109 ? 20.558  -5.400  5.966   1.00 137.83 ? 109 PRO A CB    1 
ATOM   793  C CG    . PRO A 1 109 ? 20.402  -4.061  6.648   1.00 134.56 ? 109 PRO A CG    1 
ATOM   794  C CD    . PRO A 1 109 ? 19.722  -3.244  5.587   1.00 131.08 ? 109 PRO A CD    1 
ATOM   795  N N     . LEU A 1 110 ? 17.505  -5.791  7.024   1.00 146.07 ? 110 LEU A N     1 
ATOM   796  C CA    . LEU A 1 110 ? 16.559  -6.505  7.878   1.00 149.02 ? 110 LEU A CA    1 
ATOM   797  C C     . LEU A 1 110 ? 15.149  -5.908  7.881   1.00 152.47 ? 110 LEU A C     1 
ATOM   798  O O     . LEU A 1 110 ? 14.239  -6.463  8.512   1.00 153.20 ? 110 LEU A O     1 
ATOM   799  C CB    . LEU A 1 110 ? 17.103  -6.564  9.310   1.00 148.75 ? 110 LEU A CB    1 
ATOM   800  C CG    . LEU A 1 110 ? 18.289  -7.498  9.588   1.00 145.23 ? 110 LEU A CG    1 
ATOM   801  C CD1   . LEU A 1 110 ? 18.988  -7.080  10.871  1.00 143.56 ? 110 LEU A CD1   1 
ATOM   802  C CD2   . LEU A 1 110 ? 17.797  -8.933  9.678   1.00 142.17 ? 110 LEU A CD2   1 
ATOM   803  N N     . ASP A 1 111 ? 14.968  -4.790  7.180   1.00 153.96 ? 111 ASP A N     1 
ATOM   804  C CA    . ASP A 1 111 ? 13.661  -4.133  7.105   1.00 154.90 ? 111 ASP A CA    1 
ATOM   805  C C     . ASP A 1 111 ? 12.718  -4.902  6.169   1.00 154.77 ? 111 ASP A C     1 
ATOM   806  O O     . ASP A 1 111 ? 11.537  -4.570  6.040   1.00 152.98 ? 111 ASP A O     1 
ATOM   807  C CB    . ASP A 1 111 ? 13.830  -2.690  6.621   1.00 154.42 ? 111 ASP A CB    1 
ATOM   808  C CG    . ASP A 1 111 ? 12.652  -1.811  6.978   1.00 154.66 ? 111 ASP A CG    1 
ATOM   809  O OD1   . ASP A 1 111 ? 11.559  -2.037  6.422   1.00 158.51 ? 111 ASP A OD1   1 
ATOM   810  O OD2   . ASP A 1 111 ? 12.816  -0.900  7.821   1.00 151.72 ? 111 ASP A OD2   1 
ATOM   811  N N     . PHE A 1 112 ? 13.258  -5.935  5.522   1.00 154.69 ? 112 PHE A N     1 
ATOM   812  C CA    . PHE A 1 112 ? 12.505  -6.787  4.606   1.00 154.06 ? 112 PHE A CA    1 
ATOM   813  C C     . PHE A 1 112 ? 12.258  -8.167  5.214   1.00 153.14 ? 112 PHE A C     1 
ATOM   814  O O     . PHE A 1 112 ? 11.340  -8.883  4.808   1.00 154.58 ? 112 PHE A O     1 
ATOM   815  C CB    . PHE A 1 112 ? 13.262  -6.959  3.285   1.00 158.51 ? 112 PHE A CB    1 
ATOM   816  C CG    . PHE A 1 112 ? 12.822  -8.161  2.487   1.00 164.73 ? 112 PHE A CG    1 
ATOM   817  C CD1   . PHE A 1 112 ? 11.522  -8.254  1.992   1.00 167.11 ? 112 PHE A CD1   1 
ATOM   818  C CD2   . PHE A 1 112 ? 13.693  -9.223  2.269   1.00 167.52 ? 112 PHE A CD2   1 
ATOM   819  C CE1   . PHE A 1 112 ? 11.097  -9.383  1.295   1.00 167.75 ? 112 PHE A CE1   1 
ATOM   820  C CE2   . PHE A 1 112 ? 13.277  -10.360 1.571   1.00 169.45 ? 112 PHE A CE2   1 
ATOM   821  C CZ    . PHE A 1 112 ? 11.977  -10.439 1.086   1.00 169.15 ? 112 PHE A CZ    1 
ATOM   822  N N     . SER A 1 113 ? 13.080  -8.546  6.188   1.00 151.77 ? 113 SER A N     1 
ATOM   823  C CA    . SER A 1 113 ? 12.941  -9.848  6.834   1.00 148.80 ? 113 SER A CA    1 
ATOM   824  C C     . SER A 1 113 ? 11.671  -9.894  7.689   1.00 142.32 ? 113 SER A C     1 
ATOM   825  O O     . SER A 1 113 ? 11.476  -10.812 8.483   1.00 141.78 ? 113 SER A O     1 
ATOM   826  C CB    . SER A 1 113 ? 14.180  -10.143 7.693   1.00 153.38 ? 113 SER A CB    1 
ATOM   827  O OG    . SER A 1 113 ? 14.274  -11.522 8.012   1.00 156.33 ? 113 SER A OG    1 
ATOM   828  N N     . ALA A 1 114 ? 10.810  -8.896  7.507   1.00 134.99 ? 114 ALA A N     1 
ATOM   829  C CA    . ALA A 1 114 ? 9.553   -8.808  8.241   1.00 127.06 ? 114 ALA A CA    1 
ATOM   830  C C     . ALA A 1 114 ? 8.345   -9.051  7.321   1.00 119.85 ? 114 ALA A C     1 
ATOM   831  O O     . ALA A 1 114 ? 7.239   -9.328  7.791   1.00 113.71 ? 114 ALA A O     1 
ATOM   832  C CB    . ALA A 1 114 ? 9.449   -7.438  8.920   1.00 128.63 ? 114 ALA A CB    1 
ATOM   833  N N     . ALA A 1 115 ? 8.579   -8.953  6.012   1.00 114.38 ? 115 ALA A N     1 
ATOM   834  C CA    . ALA A 1 115 ? 7.553   -9.167  4.989   1.00 109.22 ? 115 ALA A CA    1 
ATOM   835  C C     . ALA A 1 115 ? 7.197   -10.652 4.870   1.00 106.88 ? 115 ALA A C     1 
ATOM   836  O O     . ALA A 1 115 ? 6.030   -11.017 4.698   1.00 104.87 ? 115 ALA A O     1 
ATOM   837  C CB    . ALA A 1 115 ? 8.045   -8.634  3.635   1.00 103.36 ? 115 ALA A CB    1 
ATOM   838  N N     . GLY A 1 116 ? 8.214   -11.503 4.965   1.00 105.79 ? 116 GLY A N     1 
ATOM   839  C CA    . GLY A 1 116 ? 8.003   -12.938 4.879   1.00 100.61 ? 116 GLY A CA    1 
ATOM   840  C C     . GLY A 1 116 ? 6.807   -13.432 5.670   1.00 94.68  ? 116 GLY A C     1 
ATOM   841  O O     . GLY A 1 116 ? 6.076   -14.302 5.214   1.00 94.33  ? 116 GLY A O     1 
ATOM   842  N N     . SER A 1 117 ? 6.596   -12.891 6.860   1.00 91.24  ? 117 SER A N     1 
ATOM   843  C CA    . SER A 1 117 ? 5.458   -13.321 7.657   1.00 96.19  ? 117 SER A CA    1 
ATOM   844  C C     . SER A 1 117 ? 4.173   -13.167 6.851   1.00 95.45  ? 117 SER A C     1 
ATOM   845  O O     . SER A 1 117 ? 3.266   -13.995 6.950   1.00 91.15  ? 117 SER A O     1 
ATOM   846  C CB    . SER A 1 117 ? 5.350   -12.495 8.942   1.00 101.53 ? 117 SER A CB    1 
ATOM   847  O OG    . SER A 1 117 ? 5.171   -11.121 8.649   1.00 108.82 ? 117 SER A OG    1 
ATOM   848  N N     . VAL A 1 118 ? 4.108   -12.104 6.051   1.00 97.26  ? 118 VAL A N     1 
ATOM   849  C CA    . VAL A 1 118 ? 2.928   -11.813 5.234   1.00 100.33 ? 118 VAL A CA    1 
ATOM   850  C C     . VAL A 1 118 ? 2.758   -12.900 4.166   1.00 95.89  ? 118 VAL A C     1 
ATOM   851  O O     . VAL A 1 118 ? 1.697   -13.537 4.066   1.00 86.30  ? 118 VAL A O     1 
ATOM   852  C CB    . VAL A 1 118 ? 3.048   -10.388 4.551   1.00 103.22 ? 118 VAL A CB    1 
ATOM   853  C CG1   . VAL A 1 118 ? 1.712   -9.969  3.924   1.00 102.47 ? 118 VAL A CG1   1 
ATOM   854  C CG2   . VAL A 1 118 ? 3.478   -9.343  5.581   1.00 103.68 ? 118 VAL A CG2   1 
ATOM   855  N N     . VAL A 1 119 ? 3.821   -13.118 3.398   1.00 90.15  ? 119 VAL A N     1 
ATOM   856  C CA    . VAL A 1 119 ? 3.823   -14.102 2.332   1.00 90.50  ? 119 VAL A CA    1 
ATOM   857  C C     . VAL A 1 119 ? 3.297   -15.458 2.806   1.00 94.15  ? 119 VAL A C     1 
ATOM   858  O O     . VAL A 1 119 ? 2.652   -16.188 2.052   1.00 96.47  ? 119 VAL A O     1 
ATOM   859  C CB    . VAL A 1 119 ? 5.232   -14.251 1.762   1.00 87.47  ? 119 VAL A CB    1 
ATOM   860  C CG1   . VAL A 1 119 ? 5.195   -15.119 0.531   1.00 90.32  ? 119 VAL A CG1   1 
ATOM   861  C CG2   . VAL A 1 119 ? 5.807   -12.874 1.426   1.00 81.79  ? 119 VAL A CG2   1 
ATOM   862  N N     . THR A 1 120 ? 3.560   -15.787 4.061   1.00 94.75  ? 120 THR A N     1 
ATOM   863  C CA    . THR A 1 120 ? 3.089   -17.040 4.622   1.00 92.74  ? 120 THR A CA    1 
ATOM   864  C C     . THR A 1 120 ? 1.574   -16.990 4.850   1.00 94.82  ? 120 THR A C     1 
ATOM   865  O O     . THR A 1 120 ? 0.883   -17.997 4.700   1.00 96.92  ? 120 THR A O     1 
ATOM   866  C CB    . THR A 1 120 ? 3.796   -17.340 5.965   1.00 91.89  ? 120 THR A CB    1 
ATOM   867  O OG1   . THR A 1 120 ? 5.198   -17.539 5.735   1.00 89.66  ? 120 THR A OG1   1 
ATOM   868  C CG2   . THR A 1 120 ? 3.202   -18.578 6.625   1.00 90.49  ? 120 THR A CG2   1 
ATOM   869  N N     . VAL A 1 121 ? 1.052   -15.817 5.199   1.00 95.65  ? 121 VAL A N     1 
ATOM   870  C CA    . VAL A 1 121 ? -0.381  -15.688 5.464   1.00 93.38  ? 121 VAL A CA    1 
ATOM   871  C C     . VAL A 1 121 ? -1.213  -15.883 4.206   1.00 96.55  ? 121 VAL A C     1 
ATOM   872  O O     . VAL A 1 121 ? -2.348  -16.368 4.265   1.00 93.52  ? 121 VAL A O     1 
ATOM   873  C CB    . VAL A 1 121 ? -0.725  -14.315 6.050   1.00 89.36  ? 121 VAL A CB    1 
ATOM   874  C CG1   . VAL A 1 121 ? -2.118  -14.362 6.665   1.00 78.20  ? 121 VAL A CG1   1 
ATOM   875  C CG2   . VAL A 1 121 ? 0.326   -13.898 7.071   1.00 88.31  ? 121 VAL A CG2   1 
ATOM   876  N N     . LEU A 1 122 ? -0.636  -15.485 3.076   1.00 97.33  ? 122 LEU A N     1 
ATOM   877  C CA    . LEU A 1 122 ? -1.280  -15.593 1.771   1.00 94.00  ? 122 LEU A CA    1 
ATOM   878  C C     . LEU A 1 122 ? -1.509  -17.070 1.449   1.00 96.10  ? 122 LEU A C     1 
ATOM   879  O O     . LEU A 1 122 ? -2.584  -17.456 0.964   1.00 94.41  ? 122 LEU A O     1 
ATOM   880  C CB    . LEU A 1 122 ? -0.394  -14.934 0.697   1.00 87.30  ? 122 LEU A CB    1 
ATOM   881  C CG    . LEU A 1 122 ? -0.271  -13.398 0.698   1.00 83.80  ? 122 LEU A CG    1 
ATOM   882  C CD1   . LEU A 1 122 ? 0.829   -12.924 -0.281  1.00 75.26  ? 122 LEU A CD1   1 
ATOM   883  C CD2   . LEU A 1 122 ? -1.623  -12.805 0.328   1.00 71.12  ? 122 LEU A CD2   1 
ATOM   884  N N     . GLU A 1 123 ? -0.495  -17.886 1.733   1.00 95.77  ? 123 GLU A N     1 
ATOM   885  C CA    . GLU A 1 123 ? -0.564  -19.323 1.504   1.00 96.30  ? 123 GLU A CA    1 
ATOM   886  C C     . GLU A 1 123 ? -1.876  -19.857 2.053   1.00 98.49  ? 123 GLU A C     1 
ATOM   887  O O     . GLU A 1 123 ? -2.615  -20.541 1.354   1.00 101.33 ? 123 GLU A O     1 
ATOM   888  C CB    . GLU A 1 123 ? 0.581   -20.029 2.219   1.00 96.44  ? 123 GLU A CB    1 
ATOM   889  C CG    . GLU A 1 123 ? 1.898   -19.297 2.160   1.00 103.02 ? 123 GLU A CG    1 
ATOM   890  C CD    . GLU A 1 123 ? 2.432   -19.199 0.755   1.00 103.55 ? 123 GLU A CD    1 
ATOM   891  O OE1   . GLU A 1 123 ? 1.695   -18.696 -0.116  1.00 108.90 ? 123 GLU A OE1   1 
ATOM   892  O OE2   . GLU A 1 123 ? 3.584   -19.626 0.524   1.00 100.61 ? 123 GLU A OE2   1 
ATOM   893  N N     . ALA A 1 124 ? -2.163  -19.540 3.309   1.00 100.18 ? 124 ALA A N     1 
ATOM   894  C CA    . ALA A 1 124 ? -3.387  -20.003 3.954   1.00 106.22 ? 124 ALA A CA    1 
ATOM   895  C C     . ALA A 1 124 ? -4.662  -19.738 3.142   1.00 108.37 ? 124 ALA A C     1 
ATOM   896  O O     . ALA A 1 124 ? -5.673  -20.420 3.323   1.00 109.19 ? 124 ALA A O     1 
ATOM   897  C CB    . ALA A 1 124 ? -3.512  -19.376 5.348   1.00 107.45 ? 124 ALA A CB    1 
ATOM   898  N N     . GLN A 1 125 ? -4.624  -18.756 2.247   1.00 107.62 ? 125 GLN A N     1 
ATOM   899  C CA    . GLN A 1 125 ? -5.801  -18.458 1.443   1.00 106.90 ? 125 GLN A CA    1 
ATOM   900  C C     . GLN A 1 125 ? -6.058  -19.475 0.333   1.00 107.90 ? 125 GLN A C     1 
ATOM   901  O O     . GLN A 1 125 ? -7.185  -19.961 0.160   1.00 107.83 ? 125 GLN A O     1 
ATOM   902  C CB    . GLN A 1 125 ? -5.687  -17.062 0.845   1.00 103.63 ? 125 GLN A CB    1 
ATOM   903  C CG    . GLN A 1 125 ? -6.367  -16.017 1.689   1.00 101.42 ? 125 GLN A CG    1 
ATOM   904  C CD    . GLN A 1 125 ? -7.679  -16.516 2.271   1.00 98.20  ? 125 GLN A CD    1 
ATOM   905  O OE1   . GLN A 1 125 ? -7.690  -17.261 3.247   1.00 101.72 ? 125 GLN A OE1   1 
ATOM   906  N NE2   . GLN A 1 125 ? -8.790  -16.119 1.663   1.00 92.12  ? 125 GLN A NE2   1 
ATOM   907  N N     . ALA A 1 126 ? -5.011  -19.786 -0.424  1.00 104.41 ? 126 ALA A N     1 
ATOM   908  C CA    . ALA A 1 126 ? -5.117  -20.739 -1.513  1.00 99.76  ? 126 ALA A CA    1 
ATOM   909  C C     . ALA A 1 126 ? -5.659  -22.076 -1.002  1.00 98.88  ? 126 ALA A C     1 
ATOM   910  O O     . ALA A 1 126 ? -6.856  -22.221 -0.725  1.00 95.44  ? 126 ALA A O     1 
ATOM   911  C CB    . ALA A 1 126 ? -3.752  -20.924 -2.162  1.00 94.61  ? 126 ALA A CB    1 
ATOM   912  N N     . ARG A 1 129 ? -9.778  -18.949 -1.517  1.00 109.08 ? 129 ARG A N     1 
ATOM   913  C CA    . ARG A 1 129 ? -9.114  -19.027 -2.812  1.00 111.56 ? 129 ARG A CA    1 
ATOM   914  C C     . ARG A 1 129 ? -7.919  -18.101 -2.850  1.00 107.93 ? 129 ARG A C     1 
ATOM   915  O O     . ARG A 1 129 ? -7.909  -17.066 -2.196  1.00 107.77 ? 129 ARG A O     1 
ATOM   916  C CB    . ARG A 1 129 ? -10.087 -18.647 -3.932  1.00 116.47 ? 129 ARG A CB    1 
ATOM   917  C CG    . ARG A 1 129 ? -9.512  -18.726 -5.350  1.00 117.17 ? 129 ARG A CG    1 
ATOM   918  C CD    . ARG A 1 129 ? -10.418 -19.555 -6.247  1.00 112.74 ? 129 ARG A CD    1 
ATOM   919  N NE    . ARG A 1 129 ? -11.825 -19.316 -5.939  1.00 116.35 ? 129 ARG A NE    1 
ATOM   920  C CZ    . ARG A 1 129 ? -12.428 -18.132 -6.039  1.00 122.10 ? 129 ARG A CZ    1 
ATOM   921  N NH1   . ARG A 1 129 ? -11.745 -17.063 -6.445  1.00 123.55 ? 129 ARG A NH1   1 
ATOM   922  N NH2   . ARG A 1 129 ? -13.714 -18.010 -5.724  1.00 120.60 ? 129 ARG A NH2   1 
ATOM   923  N N     . LYS A 1 130 ? -6.911  -18.477 -3.625  1.00 105.47 ? 130 LYS A N     1 
ATOM   924  C CA    . LYS A 1 130 ? -5.711  -17.671 -3.748  1.00 104.00 ? 130 LYS A CA    1 
ATOM   925  C C     . LYS A 1 130 ? -6.064  -16.223 -4.001  1.00 102.95 ? 130 LYS A C     1 
ATOM   926  O O     . LYS A 1 130 ? -7.038  -15.920 -4.686  1.00 105.73 ? 130 LYS A O     1 
ATOM   927  C CB    . LYS A 1 130 ? -4.840  -18.170 -4.897  1.00 105.38 ? 130 LYS A CB    1 
ATOM   928  C CG    . LYS A 1 130 ? -3.741  -17.205 -5.321  1.00 105.62 ? 130 LYS A CG    1 
ATOM   929  C CD    . LYS A 1 130 ? -2.995  -17.763 -6.524  1.00 113.88 ? 130 LYS A CD    1 
ATOM   930  C CE    . LYS A 1 130 ? -1.868  -16.855 -7.001  1.00 116.05 ? 130 LYS A CE    1 
ATOM   931  N NZ    . LYS A 1 130 ? -1.133  -17.427 -8.181  1.00 114.75 ? 130 LYS A NZ    1 
ATOM   932  N N     . VAL A 1 131 ? -5.263  -15.331 -3.439  1.00 101.51 ? 131 VAL A N     1 
ATOM   933  C CA    . VAL A 1 131 ? -5.469  -13.906 -3.615  1.00 99.75  ? 131 VAL A CA    1 
ATOM   934  C C     . VAL A 1 131 ? -4.169  -13.305 -4.162  1.00 99.92  ? 131 VAL A C     1 
ATOM   935  O O     . VAL A 1 131 ? -3.084  -13.532 -3.627  1.00 97.85  ? 131 VAL A O     1 
ATOM   936  C CB    . VAL A 1 131 ? -5.875  -13.243 -2.273  1.00 97.29  ? 131 VAL A CB    1 
ATOM   937  C CG1   . VAL A 1 131 ? -4.829  -13.505 -1.220  1.00 103.68 ? 131 VAL A CG1   1 
ATOM   938  C CG2   . VAL A 1 131 ? -6.064  -11.768 -2.462  1.00 98.97  ? 131 VAL A CG2   1 
ATOM   939  N N     . GLU A 1 132 ? -4.288  -12.558 -5.252  1.00 100.53 ? 132 GLU A N     1 
ATOM   940  C CA    . GLU A 1 132 ? -3.140  -11.929 -5.903  1.00 98.53  ? 132 GLU A CA    1 
ATOM   941  C C     . GLU A 1 132 ? -2.216  -11.202 -4.921  1.00 96.35  ? 132 GLU A C     1 
ATOM   942  O O     . GLU A 1 132 ? -2.644  -10.807 -3.844  1.00 99.03  ? 132 GLU A O     1 
ATOM   943  C CB    . GLU A 1 132 ? -3.650  -10.946 -6.950  1.00 99.43  ? 132 GLU A CB    1 
ATOM   944  C CG    . GLU A 1 132 ? -2.698  -10.712 -8.079  1.00 94.42  ? 132 GLU A CG    1 
ATOM   945  C CD    . GLU A 1 132 ? -2.304  -12.000 -8.744  1.00 91.88  ? 132 GLU A CD    1 
ATOM   946  O OE1   . GLU A 1 132 ? -3.196  -12.847 -8.971  1.00 82.95  ? 132 GLU A OE1   1 
ATOM   947  O OE2   . GLU A 1 132 ? -1.102  -12.156 -9.044  1.00 92.14  ? 132 GLU A OE2   1 
ATOM   948  N N     . ALA A 1 133 ? -0.954  -11.016 -5.291  1.00 92.79  ? 133 ALA A N     1 
ATOM   949  C CA    . ALA A 1 133 ? -0.013  -10.332 -4.409  1.00 92.69  ? 133 ALA A CA    1 
ATOM   950  C C     . ALA A 1 133 ? 1.275   -9.954  -5.116  1.00 92.48  ? 133 ALA A C     1 
ATOM   951  O O     . ALA A 1 133 ? 1.821   -10.735 -5.878  1.00 98.13  ? 133 ALA A O     1 
ATOM   952  C CB    . ALA A 1 133 ? 0.309   -11.208 -3.221  1.00 95.06  ? 133 ALA A CB    1 
ATOM   953  N N     . ARG A 1 134 ? 1.768   -8.756  -4.847  1.00 89.40  ? 134 ARG A N     1 
ATOM   954  C CA    . ARG A 1 134 ? 2.997   -8.291  -5.459  1.00 85.79  ? 134 ARG A CA    1 
ATOM   955  C C     . ARG A 1 134 ? 3.817   -7.587  -4.396  1.00 86.63  ? 134 ARG A C     1 
ATOM   956  O O     . ARG A 1 134 ? 3.352   -7.400  -3.280  1.00 84.71  ? 134 ARG A O     1 
ATOM   957  C CB    . ARG A 1 134 ? 2.679   -7.317  -6.583  1.00 86.05  ? 134 ARG A CB    1 
ATOM   958  C CG    . ARG A 1 134 ? 1.860   -7.917  -7.702  1.00 85.73  ? 134 ARG A CG    1 
ATOM   959  C CD    . ARG A 1 134 ? 2.772   -8.405  -8.813  1.00 86.90  ? 134 ARG A CD    1 
ATOM   960  N NE    . ARG A 1 134 ? 2.043   -8.859  -9.992  1.00 74.81  ? 134 ARG A NE    1 
ATOM   961  C CZ    . ARG A 1 134 ? 1.164   -9.855  -9.975  1.00 69.45  ? 134 ARG A CZ    1 
ATOM   962  N NH1   . ARG A 1 134 ? 0.911   -10.492 -8.846  1.00 62.17  ? 134 ARG A NH1   1 
ATOM   963  N NH2   . ARG A 1 134 ? 0.548   -10.225 -11.085 1.00 72.70  ? 134 ARG A NH2   1 
ATOM   964  N N     . PHE A 1 135 ? 5.035   -7.204  -4.752  1.00 86.73  ? 135 PHE A N     1 
ATOM   965  C CA    . PHE A 1 135 ? 5.946   -6.510  -3.848  1.00 86.06  ? 135 PHE A CA    1 
ATOM   966  C C     . PHE A 1 135 ? 6.147   -5.076  -4.334  1.00 86.17  ? 135 PHE A C     1 
ATOM   967  O O     . PHE A 1 135 ? 6.202   -4.801  -5.531  1.00 86.34  ? 135 PHE A O     1 
ATOM   968  C CB    . PHE A 1 135 ? 7.302   -7.241  -3.785  1.00 87.23  ? 135 PHE A CB    1 
ATOM   969  C CG    . PHE A 1 135 ? 7.459   -8.145  -2.583  1.00 95.36  ? 135 PHE A CG    1 
ATOM   970  C CD1   . PHE A 1 135 ? 7.935   -7.640  -1.371  1.00 96.83  ? 135 PHE A CD1   1 
ATOM   971  C CD2   . PHE A 1 135 ? 7.112   -9.495  -2.650  1.00 95.04  ? 135 PHE A CD2   1 
ATOM   972  C CE1   . PHE A 1 135 ? 8.059   -8.466  -0.247  1.00 96.36  ? 135 PHE A CE1   1 
ATOM   973  C CE2   . PHE A 1 135 ? 7.231   -10.325 -1.528  1.00 94.28  ? 135 PHE A CE2   1 
ATOM   974  C CZ    . PHE A 1 135 ? 7.704   -9.811  -0.329  1.00 96.90  ? 135 PHE A CZ    1 
ATOM   975  N N     . LEU A 1 136 ? 6.254   -4.151  -3.398  1.00 83.95  ? 136 LEU A N     1 
ATOM   976  C CA    . LEU A 1 136 ? 6.428   -2.765  -3.766  1.00 78.14  ? 136 LEU A CA    1 
ATOM   977  C C     . LEU A 1 136 ? 7.729   -2.249  -3.177  1.00 78.11  ? 136 LEU A C     1 
ATOM   978  O O     . LEU A 1 136 ? 7.910   -2.249  -1.969  1.00 81.70  ? 136 LEU A O     1 
ATOM   979  C CB    . LEU A 1 136 ? 5.237   -1.957  -3.249  1.00 71.13  ? 136 LEU A CB    1 
ATOM   980  C CG    . LEU A 1 136 ? 5.254   -0.465  -3.533  1.00 70.32  ? 136 LEU A CG    1 
ATOM   981  C CD1   . LEU A 1 136 ? 5.328   -0.198  -5.030  1.00 65.31  ? 136 LEU A CD1   1 
ATOM   982  C CD2   . LEU A 1 136 ? 4.006   0.133   -2.924  1.00 76.17  ? 136 LEU A CD2   1 
ATOM   983  N N     . ILE A 1 137 ? 8.643   -1.826  -4.036  1.00 79.27  ? 137 ILE A N     1 
ATOM   984  C CA    . ILE A 1 137 ? 9.917   -1.299  -3.577  1.00 82.19  ? 137 ILE A CA    1 
ATOM   985  C C     . ILE A 1 137 ? 9.724   0.174   -3.270  1.00 88.06  ? 137 ILE A C     1 
ATOM   986  O O     . ILE A 1 137 ? 9.580   0.978   -4.192  1.00 96.15  ? 137 ILE A O     1 
ATOM   987  C CB    . ILE A 1 137 ? 11.003  -1.428  -4.671  1.00 81.23  ? 137 ILE A CB    1 
ATOM   988  C CG1   . ILE A 1 137 ? 11.218  -2.901  -5.013  1.00 79.20  ? 137 ILE A CG1   1 
ATOM   989  C CG2   . ILE A 1 137 ? 12.315  -0.803  -4.195  1.00 86.17  ? 137 ILE A CG2   1 
ATOM   990  C CD1   . ILE A 1 137 ? 11.521  -3.779  -3.804  1.00 76.24  ? 137 ILE A CD1   1 
ATOM   991  N N     . THR A 1 138 ? 9.728   0.539   -1.990  1.00 85.77  ? 138 THR A N     1 
ATOM   992  C CA    . THR A 1 138 ? 9.533   1.938   -1.622  1.00 86.26  ? 138 THR A CA    1 
ATOM   993  C C     . THR A 1 138 ? 10.814  2.568   -1.110  1.00 86.57  ? 138 THR A C     1 
ATOM   994  O O     . THR A 1 138 ? 11.782  1.874   -0.834  1.00 91.17  ? 138 THR A O     1 
ATOM   995  C CB    . THR A 1 138 ? 8.491   2.048   -0.528  1.00 87.23  ? 138 THR A CB    1 
ATOM   996  O OG1   . THR A 1 138 ? 7.562   0.970   -0.664  1.00 85.35  ? 138 THR A OG1   1 
ATOM   997  C CG2   . THR A 1 138 ? 7.749   3.382   -0.622  1.00 89.82  ? 138 THR A CG2   1 
ATOM   998  N N     . ARG A 1 139 ? 10.802  3.891   -0.977  1.00 87.82  ? 139 ARG A N     1 
ATOM   999  C CA    . ARG A 1 139 ? 11.937  4.667   -0.471  1.00 80.13  ? 139 ARG A CA    1 
ATOM   1000 C C     . ARG A 1 139 ? 13.198  4.304   -1.201  1.00 81.45  ? 139 ARG A C     1 
ATOM   1001 O O     . ARG A 1 139 ? 14.291  4.573   -0.727  1.00 82.94  ? 139 ARG A O     1 
ATOM   1002 C CB    . ARG A 1 139 ? 12.140  4.404   1.018   1.00 78.90  ? 139 ARG A CB    1 
ATOM   1003 C CG    . ARG A 1 139 ? 10.872  4.500   1.844   1.00 78.07  ? 139 ARG A CG    1 
ATOM   1004 C CD    . ARG A 1 139 ? 11.080  3.886   3.218   1.00 84.54  ? 139 ARG A CD    1 
ATOM   1005 N NE    . ARG A 1 139 ? 11.219  4.854   4.310   1.00 84.92  ? 139 ARG A NE    1 
ATOM   1006 C CZ    . ARG A 1 139 ? 12.134  5.819   4.377   1.00 81.83  ? 139 ARG A CZ    1 
ATOM   1007 N NH1   . ARG A 1 139 ? 13.021  5.986   3.408   1.00 77.37  ? 139 ARG A NH1   1 
ATOM   1008 N NH2   . ARG A 1 139 ? 12.172  6.603   5.439   1.00 76.43  ? 139 ARG A NH2   1 
ATOM   1009 N N     . LYS A 1 140 ? 13.053  3.682   -2.357  1.00 89.10  ? 140 LYS A N     1 
ATOM   1010 C CA    . LYS A 1 140 ? 14.228  3.276   -3.102  1.00 93.05  ? 140 LYS A CA    1 
ATOM   1011 C C     . LYS A 1 140 ? 15.298  4.380   -3.086  1.00 93.56  ? 140 LYS A C     1 
ATOM   1012 O O     . LYS A 1 140 ? 15.072  5.502   -3.571  1.00 87.73  ? 140 LYS A O     1 
ATOM   1013 C CB    . LYS A 1 140 ? 13.861  2.922   -4.548  1.00 96.74  ? 140 LYS A CB    1 
ATOM   1014 C CG    . LYS A 1 140 ? 14.464  1.613   -5.021  1.00 101.25 ? 140 LYS A CG    1 
ATOM   1015 C CD    . LYS A 1 140 ? 14.484  1.504   -6.549  1.00 105.73 ? 140 LYS A CD    1 
ATOM   1016 C CE    . LYS A 1 140 ? 15.467  2.479   -7.195  1.00 105.78 ? 140 LYS A CE    1 
ATOM   1017 N NZ    . LYS A 1 140 ? 15.611  2.180   -8.658  1.00 107.18 ? 140 LYS A NZ    1 
ATOM   1018 N N     . ILE A 1 141 ? 16.439  4.057   -2.467  1.00 97.20  ? 141 ILE A N     1 
ATOM   1019 C CA    . ILE A 1 141 ? 17.609  4.946   -2.395  1.00 97.79  ? 141 ILE A CA    1 
ATOM   1020 C C     . ILE A 1 141 ? 18.535  4.300   -3.445  1.00 99.02  ? 141 ILE A C     1 
ATOM   1021 O O     . ILE A 1 141 ? 18.392  3.092   -3.703  1.00 100.86 ? 141 ILE A O     1 
ATOM   1022 C CB    . ILE A 1 141 ? 18.260  4.930   -0.943  1.00 92.77  ? 141 ILE A CB    1 
ATOM   1023 C CG1   . ILE A 1 141 ? 19.475  5.871   -0.884  1.00 88.65  ? 141 ILE A CG1   1 
ATOM   1024 C CG2   . ILE A 1 141 ? 18.662  3.509   -0.535  1.00 86.87  ? 141 ILE A CG2   1 
ATOM   1025 C CD1   . ILE A 1 141 ? 20.763  5.294   -1.433  1.00 84.77  ? 141 ILE A CD1   1 
ATOM   1026 N N     . GLU A 1 142 ? 19.446  5.049   -4.076  1.00 97.21  ? 142 GLU A N     1 
ATOM   1027 C CA    . GLU A 1 142 ? 20.298  4.401   -5.079  1.00 101.53 ? 142 GLU A CA    1 
ATOM   1028 C C     . GLU A 1 142 ? 21.611  3.790   -4.567  1.00 102.61 ? 142 GLU A C     1 
ATOM   1029 O O     . GLU A 1 142 ? 22.709  4.230   -4.931  1.00 104.18 ? 142 GLU A O     1 
ATOM   1030 C CB    . GLU A 1 142 ? 20.582  5.334   -6.272  1.00 103.07 ? 142 GLU A CB    1 
ATOM   1031 C CG    . GLU A 1 142 ? 21.012  4.544   -7.519  1.00 103.05 ? 142 GLU A CG    1 
ATOM   1032 C CD    . GLU A 1 142 ? 20.164  3.281   -7.717  1.00 105.50 ? 142 GLU A CD    1 
ATOM   1033 O OE1   . GLU A 1 142 ? 18.968  3.407   -8.071  1.00 105.26 ? 142 GLU A OE1   1 
ATOM   1034 O OE2   . GLU A 1 142 ? 20.693  2.165   -7.494  1.00 99.45  ? 142 GLU A OE2   1 
ATOM   1035 N N     . MET A 1 143 ? 21.470  2.763   -3.723  1.00 100.91 ? 143 MET A N     1 
ATOM   1036 C CA    . MET A 1 143 ? 22.591  2.021   -3.143  1.00 100.67 ? 143 MET A CA    1 
ATOM   1037 C C     . MET A 1 143 ? 22.569  0.680   -3.899  1.00 101.82 ? 143 MET A C     1 
ATOM   1038 O O     . MET A 1 143 ? 21.973  -0.310  -3.427  1.00 100.78 ? 143 MET A O     1 
ATOM   1039 C CB    . MET A 1 143 ? 22.364  1.802   -1.631  1.00 100.89 ? 143 MET A CB    1 
ATOM   1040 C CG    . MET A 1 143 ? 23.565  1.266   -0.840  1.00 107.03 ? 143 MET A CG    1 
ATOM   1041 S SD    . MET A 1 143 ? 23.164  -0.168  0.223   1.00 106.61 ? 143 MET A SD    1 
ATOM   1042 C CE    . MET A 1 143 ? 21.779  0.520   1.205   1.00 110.40 ? 143 MET A CE    1 
ATOM   1043 N N     . ALA A 1 144 ? 23.212  0.675   -5.075  1.00 100.27 ? 144 ALA A N     1 
ATOM   1044 C CA    . ALA A 1 144 ? 23.290  -0.485  -5.972  1.00 100.01 ? 144 ALA A CA    1 
ATOM   1045 C C     . ALA A 1 144 ? 23.380  -1.859  -5.294  1.00 98.55  ? 144 ALA A C     1 
ATOM   1046 O O     . ALA A 1 144 ? 22.428  -2.658  -5.334  1.00 96.62  ? 144 ALA A O     1 
ATOM   1047 C CB    . ALA A 1 144 ? 24.468  -0.303  -6.954  1.00 100.16 ? 144 ALA A CB    1 
ATOM   1048 N N     . THR A 1 145 ? 24.530  -2.116  -4.682  1.00 98.22  ? 145 THR A N     1 
ATOM   1049 C CA    . THR A 1 145 ? 24.807  -3.366  -3.990  1.00 97.54  ? 145 THR A CA    1 
ATOM   1050 C C     . THR A 1 145 ? 23.632  -3.981  -3.210  1.00 103.75 ? 145 THR A C     1 
ATOM   1051 O O     . THR A 1 145 ? 23.347  -5.170  -3.376  1.00 102.69 ? 145 THR A O     1 
ATOM   1052 C CB    . THR A 1 145 ? 26.016  -3.194  -3.035  1.00 96.34  ? 145 THR A CB    1 
ATOM   1053 O OG1   . THR A 1 145 ? 25.779  -2.085  -2.154  1.00 92.14  ? 145 THR A OG1   1 
ATOM   1054 C CG2   . THR A 1 145 ? 27.313  -2.946  -3.836  1.00 87.69  ? 145 THR A CG2   1 
ATOM   1055 N N     . MET A 1 146 ? 22.941  -3.198  -2.373  1.00 110.37 ? 146 MET A N     1 
ATOM   1056 C CA    . MET A 1 146 ? 21.824  -3.747  -1.581  1.00 113.34 ? 146 MET A CA    1 
ATOM   1057 C C     . MET A 1 146 ? 20.497  -3.925  -2.295  1.00 113.65 ? 146 MET A C     1 
ATOM   1058 O O     . MET A 1 146 ? 19.741  -4.848  -1.962  1.00 108.32 ? 146 MET A O     1 
ATOM   1059 C CB    . MET A 1 146 ? 21.554  -2.914  -0.317  1.00 116.14 ? 146 MET A CB    1 
ATOM   1060 C CG    . MET A 1 146 ? 20.184  -3.212  0.351   1.00 122.85 ? 146 MET A CG    1 
ATOM   1061 S SD    . MET A 1 146 ? 20.222  -3.721  2.104   1.00 130.74 ? 146 MET A SD    1 
ATOM   1062 C CE    . MET A 1 146 ? 21.168  -2.264  2.909   1.00 130.44 ? 146 MET A CE    1 
ATOM   1063 N N     . LEU A 1 147 ? 20.192  -3.048  -3.247  1.00 112.61 ? 147 LEU A N     1 
ATOM   1064 C CA    . LEU A 1 147 ? 18.921  -3.165  -3.940  1.00 120.14 ? 147 LEU A CA    1 
ATOM   1065 C C     . LEU A 1 147 ? 18.859  -4.557  -4.553  1.00 122.01 ? 147 LEU A C     1 
ATOM   1066 O O     . LEU A 1 147 ? 17.801  -5.206  -4.578  1.00 115.94 ? 147 LEU A O     1 
ATOM   1067 C CB    . LEU A 1 147 ? 18.783  -2.075  -5.007  1.00 120.07 ? 147 LEU A CB    1 
ATOM   1068 C CG    . LEU A 1 147 ? 17.345  -1.855  -5.497  1.00 120.59 ? 147 LEU A CG    1 
ATOM   1069 C CD1   . LEU A 1 147 ? 16.390  -1.699  -4.306  1.00 120.13 ? 147 LEU A CD1   1 
ATOM   1070 C CD2   . LEU A 1 147 ? 17.291  -0.630  -6.398  1.00 121.93 ? 147 LEU A CD2   1 
ATOM   1071 N N     . ASN A 1 148 ? 20.020  -5.017  -5.010  1.00 124.87 ? 148 ASN A N     1 
ATOM   1072 C CA    . ASN A 1 148 ? 20.148  -6.333  -5.610  1.00 124.47 ? 148 ASN A CA    1 
ATOM   1073 C C     . ASN A 1 148 ? 19.859  -7.375  -4.532  1.00 119.42 ? 148 ASN A C     1 
ATOM   1074 O O     . ASN A 1 148 ? 19.159  -8.353  -4.773  1.00 118.70 ? 148 ASN A O     1 
ATOM   1075 C CB    . ASN A 1 148 ? 21.559  -6.516  -6.165  1.00 128.64 ? 148 ASN A CB    1 
ATOM   1076 C CG    . ASN A 1 148 ? 21.600  -7.475  -7.335  1.00 136.99 ? 148 ASN A CG    1 
ATOM   1077 O OD1   . ASN A 1 148 ? 22.669  -7.783  -7.868  1.00 138.76 ? 148 ASN A OD1   1 
ATOM   1078 N ND2   . ASN A 1 148 ? 20.425  -7.951  -7.749  1.00 141.23 ? 148 ASN A ND2   1 
ATOM   1079 N N     . VAL A 1 149 ? 20.402  -7.151  -3.342  1.00 114.48 ? 149 VAL A N     1 
ATOM   1080 C CA    . VAL A 1 149 ? 20.184  -8.045  -2.217  1.00 111.46 ? 149 VAL A CA    1 
ATOM   1081 C C     . VAL A 1 149 ? 18.686  -8.161  -1.951  1.00 112.87 ? 149 VAL A C     1 
ATOM   1082 O O     . VAL A 1 149 ? 18.171  -9.243  -1.647  1.00 107.49 ? 149 VAL A O     1 
ATOM   1083 C CB    . VAL A 1 149 ? 20.834  -7.490  -0.954  1.00 110.07 ? 149 VAL A CB    1 
ATOM   1084 C CG1   . VAL A 1 149 ? 20.760  -8.517  0.160   1.00 106.06 ? 149 VAL A CG1   1 
ATOM   1085 C CG2   . VAL A 1 149 ? 22.254  -7.065  -1.252  1.00 106.06 ? 149 VAL A CG2   1 
ATOM   1086 N N     . LEU A 1 150 ? 17.995  -7.027  -2.047  1.00 113.67 ? 150 LEU A N     1 
ATOM   1087 C CA    . LEU A 1 150 ? 16.559  -7.004  -1.819  1.00 114.35 ? 150 LEU A CA    1 
ATOM   1088 C C     . LEU A 1 150 ? 15.868  -7.720  -2.957  1.00 116.45 ? 150 LEU A C     1 
ATOM   1089 O O     . LEU A 1 150 ? 15.062  -8.628  -2.736  1.00 116.39 ? 150 LEU A O     1 
ATOM   1090 C CB    . LEU A 1 150 ? 16.037  -5.566  -1.743  1.00 109.24 ? 150 LEU A CB    1 
ATOM   1091 C CG    . LEU A 1 150 ? 14.525  -5.375  -1.534  1.00 101.32 ? 150 LEU A CG    1 
ATOM   1092 C CD1   . LEU A 1 150 ? 14.036  -5.982  -0.213  1.00 89.66  ? 150 LEU A CD1   1 
ATOM   1093 C CD2   . LEU A 1 150 ? 14.247  -3.891  -1.564  1.00 102.83 ? 150 LEU A CD2   1 
ATOM   1094 N N     . LYS A 1 151 ? 16.204  -7.310  -4.177  1.00 116.52 ? 151 LYS A N     1 
ATOM   1095 C CA    . LYS A 1 151 ? 15.600  -7.882  -5.375  1.00 117.22 ? 151 LYS A CA    1 
ATOM   1096 C C     . LYS A 1 151 ? 15.630  -9.406  -5.362  1.00 116.77 ? 151 LYS A C     1 
ATOM   1097 O O     . LYS A 1 151 ? 14.607  -10.064 -5.571  1.00 115.98 ? 151 LYS A O     1 
ATOM   1098 C CB    . LYS A 1 151 ? 16.311  -7.352  -6.620  1.00 116.15 ? 151 LYS A CB    1 
ATOM   1099 C CG    . LYS A 1 151 ? 15.491  -7.508  -7.887  1.00 115.93 ? 151 LYS A CG    1 
ATOM   1100 C CD    . LYS A 1 151 ? 14.237  -6.646  -7.845  1.00 115.36 ? 151 LYS A CD    1 
ATOM   1101 C CE    . LYS A 1 151 ? 13.249  -7.065  -8.914  1.00 118.34 ? 151 LYS A CE    1 
ATOM   1102 N NZ    . LYS A 1 151 ? 12.810  -8.471  -8.695  1.00 122.78 ? 151 LYS A NZ    1 
ATOM   1103 N N     . GLU A 1 152 ? 16.814  -9.957  -5.112  1.00 116.50 ? 152 GLU A N     1 
ATOM   1104 C CA    . GLU A 1 152 ? 17.011  -11.393 -5.057  1.00 114.59 ? 152 GLU A CA    1 
ATOM   1105 C C     . GLU A 1 152 ? 16.127  -12.054 -4.006  1.00 114.91 ? 152 GLU A C     1 
ATOM   1106 O O     . GLU A 1 152 ? 15.333  -12.936 -4.318  1.00 116.57 ? 152 GLU A O     1 
ATOM   1107 C CB    . GLU A 1 152 ? 18.470  -11.690 -4.737  1.00 117.74 ? 152 GLU A CB    1 
ATOM   1108 C CG    . GLU A 1 152 ? 18.757  -13.146 -4.428  1.00 120.98 ? 152 GLU A CG    1 
ATOM   1109 C CD    . GLU A 1 152 ? 20.110  -13.333 -3.771  1.00 122.92 ? 152 GLU A CD    1 
ATOM   1110 O OE1   . GLU A 1 152 ? 21.125  -12.893 -4.353  1.00 117.11 ? 152 GLU A OE1   1 
ATOM   1111 O OE2   . GLU A 1 152 ? 20.157  -13.920 -2.666  1.00 124.46 ? 152 GLU A OE2   1 
ATOM   1112 N N     . SER A 1 153 ? 16.268  -11.619 -2.758  1.00 114.04 ? 153 SER A N     1 
ATOM   1113 C CA    . SER A 1 153 ? 15.500  -12.184 -1.651  1.00 113.58 ? 153 SER A CA    1 
ATOM   1114 C C     . SER A 1 153 ? 13.985  -12.026 -1.791  1.00 112.87 ? 153 SER A C     1 
ATOM   1115 O O     . SER A 1 153 ? 13.206  -12.593 -1.012  1.00 104.69 ? 153 SER A O     1 
ATOM   1116 C CB    . SER A 1 153 ? 15.985  -11.568 -0.336  1.00 112.20 ? 153 SER A CB    1 
ATOM   1117 O OG    . SER A 1 153 ? 16.140  -10.167 -0.466  1.00 107.60 ? 153 SER A OG    1 
ATOM   1118 N N     . ILE A 1 154 ? 13.575  -11.261 -2.798  1.00 115.74 ? 154 ILE A N     1 
ATOM   1119 C CA    . ILE A 1 154 ? 12.160  -11.038 -3.047  1.00 121.14 ? 154 ILE A CA    1 
ATOM   1120 C C     . ILE A 1 154 ? 11.564  -12.192 -3.853  1.00 122.17 ? 154 ILE A C     1 
ATOM   1121 O O     . ILE A 1 154 ? 10.418  -12.577 -3.634  1.00 121.95 ? 154 ILE A O     1 
ATOM   1122 C CB    . ILE A 1 154 ? 11.930  -9.712  -3.813  1.00 123.43 ? 154 ILE A CB    1 
ATOM   1123 C CG1   . ILE A 1 154 ? 10.776  -8.942  -3.167  1.00 124.83 ? 154 ILE A CG1   1 
ATOM   1124 C CG2   . ILE A 1 154 ? 11.644  -9.982  -5.287  1.00 122.67 ? 154 ILE A CG2   1 
ATOM   1125 C CD1   . ILE A 1 154 ? 11.154  -8.283  -1.852  1.00 125.93 ? 154 ILE A CD1   1 
ATOM   1126 N N     . LYS A 1 155 ? 12.345  -12.740 -4.783  1.00 122.73 ? 155 LYS A N     1 
ATOM   1127 C CA    . LYS A 1 155 ? 11.878  -13.846 -5.619  1.00 121.38 ? 155 LYS A CA    1 
ATOM   1128 C C     . LYS A 1 155 ? 11.862  -15.158 -4.866  1.00 119.26 ? 155 LYS A C     1 
ATOM   1129 O O     . LYS A 1 155 ? 11.041  -16.028 -5.139  1.00 116.61 ? 155 LYS A O     1 
ATOM   1130 C CB    . LYS A 1 155 ? 12.751  -13.978 -6.867  1.00 120.09 ? 155 LYS A CB    1 
ATOM   1131 C CG    . LYS A 1 155 ? 12.710  -12.740 -7.738  1.00 122.32 ? 155 LYS A CG    1 
ATOM   1132 C CD    . LYS A 1 155 ? 11.271  -12.383 -8.097  1.00 118.35 ? 155 LYS A CD    1 
ATOM   1133 C CE    . LYS A 1 155 ? 11.196  -11.036 -8.784  1.00 117.51 ? 155 LYS A CE    1 
ATOM   1134 N NZ    . LYS A 1 155 ? 9.816   -10.718 -9.244  1.00 121.29 ? 155 LYS A NZ    1 
ATOM   1135 N N     . ASP A 1 156 ? 12.763  -15.296 -3.907  1.00 119.93 ? 156 ASP A N     1 
ATOM   1136 C CA    . ASP A 1 156 ? 12.826  -16.515 -3.117  1.00 124.61 ? 156 ASP A CA    1 
ATOM   1137 C C     . ASP A 1 156 ? 11.550  -16.676 -2.306  1.00 125.28 ? 156 ASP A C     1 
ATOM   1138 O O     . ASP A 1 156 ? 11.350  -17.684 -1.624  1.00 122.28 ? 156 ASP A O     1 
ATOM   1139 C CB    . ASP A 1 156 ? 14.030  -16.471 -2.179  1.00 131.66 ? 156 ASP A CB    1 
ATOM   1140 C CG    . ASP A 1 156 ? 15.339  -16.276 -2.925  1.00 139.01 ? 156 ASP A CG    1 
ATOM   1141 O OD1   . ASP A 1 156 ? 15.564  -15.166 -3.455  1.00 138.99 ? 156 ASP A OD1   1 
ATOM   1142 O OD2   . ASP A 1 156 ? 16.140  -17.235 -2.991  1.00 142.08 ? 156 ASP A OD2   1 
ATOM   1143 N N     . THR A 1 157 ? 10.686  -15.668 -2.393  1.00 127.77 ? 157 THR A N     1 
ATOM   1144 C CA    . THR A 1 157 ? 9.418   -15.659 -1.670  1.00 125.75 ? 157 THR A CA    1 
ATOM   1145 C C     . THR A 1 157 ? 8.319   -16.184 -2.591  1.00 121.74 ? 157 THR A C     1 
ATOM   1146 O O     . THR A 1 157 ? 7.221   -16.529 -2.143  1.00 117.75 ? 157 THR A O     1 
ATOM   1147 C CB    . THR A 1 157 ? 9.057   -14.230 -1.233  1.00 125.08 ? 157 THR A CB    1 
ATOM   1148 O OG1   . THR A 1 157 ? 8.452   -13.537 -2.332  1.00 129.85 ? 157 THR A OG1   1 
ATOM   1149 C CG2   . THR A 1 157 ? 10.319  -13.469 -0.820  1.00 120.28 ? 157 THR A CG2   1 
ATOM   1150 N N     . GLY A 1 158 ? 8.631   -16.239 -3.883  1.00 117.08 ? 158 GLY A N     1 
ATOM   1151 C CA    . GLY A 1 158 ? 7.671   -16.715 -4.857  1.00 114.63 ? 158 GLY A CA    1 
ATOM   1152 C C     . GLY A 1 158 ? 6.885   -15.580 -5.485  1.00 112.87 ? 158 GLY A C     1 
ATOM   1153 O O     . GLY A 1 158 ? 6.445   -15.690 -6.630  1.00 114.77 ? 158 GLY A O     1 
ATOM   1154 N N     . VAL A 1 159 ? 6.716   -14.490 -4.737  1.00 106.26 ? 159 VAL A N     1 
ATOM   1155 C CA    . VAL A 1 159 ? 5.972   -13.331 -5.216  1.00 99.48  ? 159 VAL A CA    1 
ATOM   1156 C C     . VAL A 1 159 ? 6.864   -12.361 -5.989  1.00 98.83  ? 159 VAL A C     1 
ATOM   1157 O O     . VAL A 1 159 ? 8.044   -12.190 -5.677  1.00 95.44  ? 159 VAL A O     1 
ATOM   1158 C CB    . VAL A 1 159 ? 5.287   -12.606 -4.040  1.00 96.19  ? 159 VAL A CB    1 
ATOM   1159 C CG1   . VAL A 1 159 ? 4.471   -11.415 -4.537  1.00 92.57  ? 159 VAL A CG1   1 
ATOM   1160 C CG2   . VAL A 1 159 ? 4.388   -13.585 -3.303  1.00 94.18  ? 159 VAL A CG2   1 
ATOM   1161 N N     . LYS A 1 160 ? 6.287   -11.743 -7.017  1.00 99.16  ? 160 LYS A N     1 
ATOM   1162 C CA    . LYS A 1 160 ? 7.010   -10.801 -7.867  1.00 97.52  ? 160 LYS A CA    1 
ATOM   1163 C C     . LYS A 1 160 ? 6.715   -9.380  -7.443  1.00 94.70  ? 160 LYS A C     1 
ATOM   1164 O O     . LYS A 1 160 ? 5.793   -9.139  -6.672  1.00 98.59  ? 160 LYS A O     1 
ATOM   1165 C CB    . LYS A 1 160 ? 6.613   -10.998 -9.331  1.00 96.15  ? 160 LYS A CB    1 
ATOM   1166 C CG    . LYS A 1 160 ? 5.127   -11.176 -9.525  1.00 95.28  ? 160 LYS A CG    1 
ATOM   1167 C CD    . LYS A 1 160 ? 4.770   -11.216 -10.999 1.00 100.25 ? 160 LYS A CD    1 
ATOM   1168 C CE    . LYS A 1 160 ? 5.108   -12.540 -11.647 1.00 98.53  ? 160 LYS A CE    1 
ATOM   1169 N NZ    . LYS A 1 160 ? 4.653   -12.548 -13.064 1.00 97.47  ? 160 LYS A NZ    1 
ATOM   1170 N N     . ALA A 1 161 ? 7.487   -8.436  -7.959  1.00 90.08  ? 161 ALA A N     1 
ATOM   1171 C CA    . ALA A 1 161 ? 7.296   -7.048  -7.586  1.00 92.00  ? 161 ALA A CA    1 
ATOM   1172 C C     . ALA A 1 161 ? 7.107   -6.140  -8.794  1.00 91.60  ? 161 ALA A C     1 
ATOM   1173 O O     . ALA A 1 161 ? 7.696   -6.371  -9.839  1.00 99.08  ? 161 ALA A O     1 
ATOM   1174 C CB    . ALA A 1 161 ? 8.489   -6.588  -6.759  1.00 94.41  ? 161 ALA A CB    1 
ATOM   1175 N N     . PHE A 1 162 ? 6.291   -5.105  -8.653  1.00 87.41  ? 162 PHE A N     1 
ATOM   1176 C CA    . PHE A 1 162 ? 6.056   -4.183  -9.756  1.00 82.78  ? 162 PHE A CA    1 
ATOM   1177 C C     . PHE A 1 162 ? 7.364   -3.701  -10.370 1.00 84.65  ? 162 PHE A C     1 
ATOM   1178 O O     . PHE A 1 162 ? 8.363   -3.516  -9.687  1.00 85.67  ? 162 PHE A O     1 
ATOM   1179 C CB    . PHE A 1 162 ? 5.231   -2.981  -9.280  1.00 77.80  ? 162 PHE A CB    1 
ATOM   1180 C CG    . PHE A 1 162 ? 3.874   -3.353  -8.756  1.00 74.88  ? 162 PHE A CG    1 
ATOM   1181 C CD1   . PHE A 1 162 ? 2.874   -3.780  -9.621  1.00 78.77  ? 162 PHE A CD1   1 
ATOM   1182 C CD2   . PHE A 1 162 ? 3.614   -3.350  -7.394  1.00 77.72  ? 162 PHE A CD2   1 
ATOM   1183 C CE1   . PHE A 1 162 ? 1.640   -4.208  -9.137  1.00 73.61  ? 162 PHE A CE1   1 
ATOM   1184 C CE2   . PHE A 1 162 ? 2.387   -3.774  -6.900  1.00 76.25  ? 162 PHE A CE2   1 
ATOM   1185 C CZ    . PHE A 1 162 ? 1.397   -4.207  -7.777  1.00 74.69  ? 162 PHE A CZ    1 
ATOM   1186 N N     . ARG A 1 163 ? 7.353   -3.508  -11.676 1.00 90.26  ? 163 ARG A N     1 
ATOM   1187 C CA    . ARG A 1 163 ? 8.528   -3.036  -12.383 1.00 94.41  ? 163 ARG A CA    1 
ATOM   1188 C C     . ARG A 1 163 ? 9.016   -1.723  -11.755 1.00 96.75  ? 163 ARG A C     1 
ATOM   1189 O O     . ARG A 1 163 ? 10.218  -1.525  -11.543 1.00 96.27  ? 163 ARG A O     1 
ATOM   1190 C CB    . ARG A 1 163 ? 8.173   -2.817  -13.859 1.00 95.83  ? 163 ARG A CB    1 
ATOM   1191 C CG    . ARG A 1 163 ? 7.435   -3.988  -14.484 1.00 100.42 ? 163 ARG A CG    1 
ATOM   1192 C CD    . ARG A 1 163 ? 6.756   -3.592  -15.783 1.00 108.37 ? 163 ARG A CD    1 
ATOM   1193 N NE    . ARG A 1 163 ? 7.724   -3.173  -16.791 1.00 120.45 ? 163 ARG A NE    1 
ATOM   1194 C CZ    . ARG A 1 163 ? 8.162   -1.927  -16.951 1.00 124.15 ? 163 ARG A CZ    1 
ATOM   1195 N NH1   . ARG A 1 163 ? 7.713   -0.955  -16.164 1.00 127.88 ? 163 ARG A NH1   1 
ATOM   1196 N NH2   . ARG A 1 163 ? 9.055   -1.657  -17.894 1.00 123.04 ? 163 ARG A NH2   1 
ATOM   1197 N N     . THR A 1 164 ? 8.070   -0.838  -11.436 1.00 95.03  ? 164 THR A N     1 
ATOM   1198 C CA    . THR A 1 164 ? 8.391   0.469   -10.860 1.00 90.25  ? 164 THR A CA    1 
ATOM   1199 C C     . THR A 1 164 ? 8.526   0.494   -9.335  1.00 88.44  ? 164 THR A C     1 
ATOM   1200 O O     . THR A 1 164 ? 7.817   -0.213  -8.605  1.00 83.80  ? 164 THR A O     1 
ATOM   1201 C CB    . THR A 1 164 ? 7.348   1.508   -11.314 1.00 87.76  ? 164 THR A CB    1 
ATOM   1202 O OG1   . THR A 1 164 ? 6.078   0.858   -11.462 1.00 84.88  ? 164 THR A OG1   1 
ATOM   1203 C CG2   . THR A 1 164 ? 7.747   2.127   -12.655 1.00 87.21  ? 164 THR A CG2   1 
ATOM   1204 N N     . ALA A 1 165 ? 9.454   1.313   -8.859  1.00 83.41  ? 165 ALA A N     1 
ATOM   1205 C CA    . ALA A 1 165 ? 9.685   1.415   -7.429  1.00 79.68  ? 165 ALA A CA    1 
ATOM   1206 C C     . ALA A 1 165 ? 9.668   2.870   -6.996  1.00 78.22  ? 165 ALA A C     1 
ATOM   1207 O O     . ALA A 1 165 ? 10.277  3.744   -7.628  1.00 77.71  ? 165 ALA A O     1 
ATOM   1208 C CB    . ALA A 1 165 ? 11.014  0.778   -7.074  1.00 78.41  ? 165 ALA A CB    1 
ATOM   1209 N N     . ILE A 1 166 ? 8.949   3.133   -5.916  1.00 70.94  ? 166 ILE A N     1 
ATOM   1210 C CA    . ILE A 1 166 ? 8.848   4.482   -5.395  1.00 66.16  ? 166 ILE A CA    1 
ATOM   1211 C C     . ILE A 1 166 ? 10.186  4.891   -4.813  1.00 70.91  ? 166 ILE A C     1 
ATOM   1212 O O     . ILE A 1 166 ? 10.654  4.277   -3.855  1.00 69.43  ? 166 ILE A O     1 
ATOM   1213 C CB    . ILE A 1 166 ? 7.805   4.550   -4.292  1.00 62.90  ? 166 ILE A CB    1 
ATOM   1214 C CG1   . ILE A 1 166 ? 6.462   4.068   -4.829  1.00 43.74  ? 166 ILE A CG1   1 
ATOM   1215 C CG2   . ILE A 1 166 ? 7.705   5.977   -3.763  1.00 68.68  ? 166 ILE A CG2   1 
ATOM   1216 C CD1   . ILE A 1 166 ? 5.428   3.932   -3.764  1.00 41.93  ? 166 ILE A CD1   1 
ATOM   1217 N N     . THR A 1 167 ? 10.782  5.928   -5.389  1.00 73.72  ? 167 THR A N     1 
ATOM   1218 C CA    . THR A 1 167 ? 12.068  6.447   -4.933  1.00 83.45  ? 167 THR A CA    1 
ATOM   1219 C C     . THR A 1 167 ? 11.936  7.257   -3.651  1.00 87.77  ? 167 THR A C     1 
ATOM   1220 O O     . THR A 1 167 ? 10.909  7.890   -3.411  1.00 96.40  ? 167 THR A O     1 
ATOM   1221 C CB    . THR A 1 167 ? 12.680  7.369   -5.975  1.00 87.24  ? 167 THR A CB    1 
ATOM   1222 O OG1   . THR A 1 167 ? 12.759  6.676   -7.224  1.00 100.32 ? 167 THR A OG1   1 
ATOM   1223 C CG2   . THR A 1 167 ? 14.061  7.816   -5.545  1.00 90.40  ? 167 THR A CG2   1 
ATOM   1224 N N     . GLN A 1 168 ? 12.980  7.258   -2.831  1.00 88.01  ? 168 GLN A N     1 
ATOM   1225 C CA    . GLN A 1 168 ? 12.927  8.009   -1.587  1.00 88.47  ? 168 GLN A CA    1 
ATOM   1226 C C     . GLN A 1 168 ? 13.129  9.473   -1.878  1.00 87.87  ? 168 GLN A C     1 
ATOM   1227 O O     . GLN A 1 168 ? 14.229  9.981   -1.737  1.00 88.27  ? 168 GLN A O     1 
ATOM   1228 C CB    . GLN A 1 168 ? 14.011  7.537   -0.618  1.00 91.29  ? 168 GLN A CB    1 
ATOM   1229 C CG    . GLN A 1 168 ? 13.939  8.173   0.764   1.00 88.43  ? 168 GLN A CG    1 
ATOM   1230 C CD    . GLN A 1 168 ? 15.292  8.681   1.247   1.00 97.80  ? 168 GLN A CD    1 
ATOM   1231 O OE1   . GLN A 1 168 ? 16.213  7.903   1.503   1.00 95.73  ? 168 GLN A OE1   1 
ATOM   1232 N NE2   . GLN A 1 168 ? 15.416  10.000  1.363   1.00 98.90  ? 168 GLN A NE2   1 
ATOM   1233 N N     . ARG A 1 169 ? 12.063  10.151  -2.282  1.00 91.57  ? 169 ARG A N     1 
ATOM   1234 C CA    . ARG A 1 169 ? 12.124  11.581  -2.603  1.00 89.73  ? 169 ARG A CA    1 
ATOM   1235 C C     . ARG A 1 169 ? 11.667  12.446  -1.419  1.00 86.98  ? 169 ARG A C     1 
ATOM   1236 O O     . ARG A 1 169 ? 11.031  11.949  -0.490  1.00 87.06  ? 169 ARG A O     1 
ATOM   1237 C CB    . ARG A 1 169 ? 11.253  11.880  -3.841  1.00 87.61  ? 169 ARG A CB    1 
ATOM   1238 C CG    . ARG A 1 169 ? 11.754  11.227  -5.127  1.00 87.66  ? 169 ARG A CG    1 
ATOM   1239 C CD    . ARG A 1 169 ? 10.645  11.015  -6.158  1.00 91.32  ? 169 ARG A CD    1 
ATOM   1240 N NE    . ARG A 1 169 ? 11.122  10.279  -7.335  1.00 88.56  ? 169 ARG A NE    1 
ATOM   1241 C CZ    . ARG A 1 169 ? 12.045  10.743  -8.171  1.00 87.76  ? 169 ARG A CZ    1 
ATOM   1242 N NH1   . ARG A 1 169 ? 12.580  11.941  -7.962  1.00 81.85  ? 169 ARG A NH1   1 
ATOM   1243 N NH2   . ARG A 1 169 ? 12.444  10.014  -9.208  1.00 86.52  ? 169 ARG A NH2   1 
ATOM   1244 N N     . GLN A 1 170 ? 11.992  13.737  -1.471  1.00 85.01  ? 170 GLN A N     1 
ATOM   1245 C CA    . GLN A 1 170 ? 11.622  14.708  -0.438  1.00 82.48  ? 170 GLN A CA    1 
ATOM   1246 C C     . GLN A 1 170 ? 10.135  15.063  -0.549  1.00 81.31  ? 170 GLN A C     1 
ATOM   1247 O O     . GLN A 1 170 ? 9.427   15.178  0.451   1.00 84.05  ? 170 GLN A O     1 
ATOM   1248 C CB    . GLN A 1 170 ? 12.447  15.989  -0.617  1.00 86.47  ? 170 GLN A CB    1 
ATOM   1249 C CG    . GLN A 1 170 ? 12.258  17.049  0.459   1.00 88.82  ? 170 GLN A CG    1 
ATOM   1250 C CD    . GLN A 1 170 ? 13.209  16.861  1.615   1.00 92.74  ? 170 GLN A CD    1 
ATOM   1251 O OE1   . GLN A 1 170 ? 13.358  15.751  2.121   1.00 94.49  ? 170 GLN A OE1   1 
ATOM   1252 N NE2   . GLN A 1 170 ? 13.862  17.945  2.044   1.00 95.40  ? 170 GLN A NE2   1 
ATOM   1253 N N     . VAL A 1 171 ? 9.656   15.245  -1.774  1.00 72.80  ? 171 VAL A N     1 
ATOM   1254 C CA    . VAL A 1 171 ? 8.258   15.595  -1.978  1.00 67.46  ? 171 VAL A CA    1 
ATOM   1255 C C     . VAL A 1 171 ? 7.282   14.684  -1.239  1.00 72.32  ? 171 VAL A C     1 
ATOM   1256 O O     . VAL A 1 171 ? 6.192   15.114  -0.881  1.00 73.49  ? 171 VAL A O     1 
ATOM   1257 C CB    . VAL A 1 171 ? 7.889   15.525  -3.438  1.00 67.34  ? 171 VAL A CB    1 
ATOM   1258 C CG1   . VAL A 1 171 ? 8.045   14.108  -3.928  1.00 66.44  ? 171 VAL A CG1   1 
ATOM   1259 C CG2   . VAL A 1 171 ? 6.470   15.974  -3.629  1.00 68.64  ? 171 VAL A CG2   1 
ATOM   1260 N N     . TYR A 1 172 ? 7.660   13.420  -1.026  1.00 75.92  ? 172 TYR A N     1 
ATOM   1261 C CA    . TYR A 1 172 ? 6.780   12.469  -0.342  1.00 74.08  ? 172 TYR A CA    1 
ATOM   1262 C C     . TYR A 1 172 ? 6.579   12.761  1.134   1.00 77.07  ? 172 TYR A C     1 
ATOM   1263 O O     . TYR A 1 172 ? 5.501   12.530  1.672   1.00 80.48  ? 172 TYR A O     1 
ATOM   1264 C CB    . TYR A 1 172 ? 7.296   11.047  -0.480  1.00 62.73  ? 172 TYR A CB    1 
ATOM   1265 C CG    . TYR A 1 172 ? 7.180   10.472  -1.864  1.00 64.29  ? 172 TYR A CG    1 
ATOM   1266 C CD1   . TYR A 1 172 ? 8.323   10.226  -2.624  1.00 67.19  ? 172 TYR A CD1   1 
ATOM   1267 C CD2   . TYR A 1 172 ? 5.940   10.145  -2.412  1.00 61.20  ? 172 TYR A CD2   1 
ATOM   1268 C CE1   . TYR A 1 172 ? 8.239   9.663   -3.890  1.00 65.85  ? 172 TYR A CE1   1 
ATOM   1269 C CE2   . TYR A 1 172 ? 5.845   9.578   -3.690  1.00 61.57  ? 172 TYR A CE2   1 
ATOM   1270 C CZ    . TYR A 1 172 ? 7.005   9.342   -4.416  1.00 61.99  ? 172 TYR A CZ    1 
ATOM   1271 O OH    . TYR A 1 172 ? 6.959   8.789   -5.664  1.00 54.28  ? 172 TYR A OH    1 
ATOM   1272 N N     . VAL A 1 173 ? 7.623   13.263  1.782   1.00 77.93  ? 173 VAL A N     1 
ATOM   1273 C CA    . VAL A 1 173 ? 7.567   13.608  3.197   1.00 77.96  ? 173 VAL A CA    1 
ATOM   1274 C C     . VAL A 1 173 ? 6.847   14.966  3.387   1.00 77.89  ? 173 VAL A C     1 
ATOM   1275 O O     . VAL A 1 173 ? 5.926   15.076  4.225   1.00 75.46  ? 173 VAL A O     1 
ATOM   1276 C CB    . VAL A 1 173 ? 9.004   13.683  3.787   1.00 76.35  ? 173 VAL A CB    1 
ATOM   1277 C CG1   . VAL A 1 173 ? 8.968   13.843  5.276   1.00 74.75  ? 173 VAL A CG1   1 
ATOM   1278 C CG2   . VAL A 1 173 ? 9.769   12.427  3.445   1.00 83.20  ? 173 VAL A CG2   1 
ATOM   1279 N N     . LYS A 1 174 ? 7.255   15.975  2.599   1.00 73.96  ? 174 LYS A N     1 
ATOM   1280 C CA    . LYS A 1 174 ? 6.679   17.327  2.666   1.00 73.93  ? 174 LYS A CA    1 
ATOM   1281 C C     . LYS A 1 174 ? 5.196   17.351  2.314   1.00 71.04  ? 174 LYS A C     1 
ATOM   1282 O O     . LYS A 1 174 ? 4.375   17.919  3.047   1.00 70.64  ? 174 LYS A O     1 
ATOM   1283 C CB    . LYS A 1 174 ? 7.440   18.273  1.743   1.00 75.70  ? 174 LYS A CB    1 
ATOM   1284 C CG    . LYS A 1 174 ? 8.030   19.484  2.449   1.00 79.29  ? 174 LYS A CG    1 
ATOM   1285 C CD    . LYS A 1 174 ? 6.952   20.458  2.875   1.00 83.41  ? 174 LYS A CD    1 
ATOM   1286 C CE    . LYS A 1 174 ? 7.573   21.693  3.489   1.00 83.58  ? 174 LYS A CE    1 
ATOM   1287 N NZ    . LYS A 1 174 ? 6.544   22.689  3.861   1.00 92.11  ? 174 LYS A NZ    1 
ATOM   1288 N N     . SER A 1 175 ? 4.874   16.709  1.193   1.00 67.99  ? 175 SER A N     1 
ATOM   1289 C CA    . SER A 1 175 ? 3.507   16.563  0.685   1.00 58.65  ? 175 SER A CA    1 
ATOM   1290 C C     . SER A 1 175 ? 2.572   16.064  1.793   1.00 56.10  ? 175 SER A C     1 
ATOM   1291 O O     . SER A 1 175 ? 1.542   16.656  2.047   1.00 46.46  ? 175 SER A O     1 
ATOM   1292 C CB    . SER A 1 175 ? 3.481   15.615  -0.516  1.00 47.41  ? 175 SER A CB    1 
ATOM   1293 O OG    . SER A 1 175 ? 3.894   14.311  -0.144  1.00 20.00  ? 175 SER A OG    1 
ATOM   1294 N N     . ILE A 1 176 ? 2.935   14.969  2.447   1.00 65.66  ? 176 ILE A N     1 
ATOM   1295 C CA    . ILE A 1 176 ? 2.113   14.407  3.528   1.00 71.32  ? 176 ILE A CA    1 
ATOM   1296 C C     . ILE A 1 176 ? 1.984   15.388  4.689   1.00 78.34  ? 176 ILE A C     1 
ATOM   1297 O O     . ILE A 1 176 ? 0.914   15.480  5.311   1.00 79.15  ? 176 ILE A O     1 
ATOM   1298 C CB    . ILE A 1 176 ? 2.722   13.086  4.104   1.00 72.11  ? 176 ILE A CB    1 
ATOM   1299 C CG1   . ILE A 1 176 ? 2.808   12.002  3.001   1.00 82.82  ? 176 ILE A CG1   1 
ATOM   1300 C CG2   . ILE A 1 176 ? 1.934   12.646  5.340   1.00 64.86  ? 176 ILE A CG2   1 
ATOM   1301 C CD1   . ILE A 1 176 ? 1.522   11.725  2.161   1.00 80.77  ? 176 ILE A CD1   1 
ATOM   1302 N N     . LEU A 1 177 ? 3.082   16.103  4.979   1.00 76.36  ? 177 LEU A N     1 
ATOM   1303 C CA    . LEU A 1 177 ? 3.104   17.064  6.073   1.00 67.68  ? 177 LEU A CA    1 
ATOM   1304 C C     . LEU A 1 177 ? 2.000   18.052  5.858   1.00 69.24  ? 177 LEU A C     1 
ATOM   1305 O O     . LEU A 1 177 ? 1.198   18.285  6.753   1.00 75.67  ? 177 LEU A O     1 
ATOM   1306 C CB    . LEU A 1 177 ? 4.432   17.822  6.154   1.00 67.09  ? 177 LEU A CB    1 
ATOM   1307 C CG    . LEU A 1 177 ? 4.826   18.411  7.531   1.00 62.57  ? 177 LEU A CG    1 
ATOM   1308 C CD1   . LEU A 1 177 ? 6.154   19.096  7.368   1.00 61.46  ? 177 LEU A CD1   1 
ATOM   1309 C CD2   . LEU A 1 177 ? 3.808   19.398  8.094   1.00 48.52  ? 177 LEU A CD2   1 
ATOM   1310 N N     . ASP A 1 178 ? 1.948   18.634  4.669   1.00 67.95  ? 178 ASP A N     1 
ATOM   1311 C CA    . ASP A 1 178 ? 0.912   19.622  4.368   1.00 69.12  ? 178 ASP A CA    1 
ATOM   1312 C C     . ASP A 1 178 ? -0.503  19.069  4.516   1.00 69.72  ? 178 ASP A C     1 
ATOM   1313 O O     . ASP A 1 178 ? -1.331  19.642  5.216   1.00 73.69  ? 178 ASP A O     1 
ATOM   1314 C CB    . ASP A 1 178 ? 1.097   20.168  2.957   1.00 66.88  ? 178 ASP A CB    1 
ATOM   1315 C CG    . ASP A 1 178 ? 2.518   20.614  2.690   1.00 71.49  ? 178 ASP A CG    1 
ATOM   1316 O OD1   . ASP A 1 178 ? 3.092   21.344  3.532   1.00 80.35  ? 178 ASP A OD1   1 
ATOM   1317 O OD2   . ASP A 1 178 ? 3.067   20.237  1.632   1.00 74.04  ? 178 ASP A OD2   1 
ATOM   1318 N N     . GLY A 1 179 ? -0.790  17.956  3.862   1.00 69.93  ? 179 GLY A N     1 
ATOM   1319 C CA    . GLY A 1 179 ? -2.124  17.403  3.960   1.00 73.57  ? 179 GLY A CA    1 
ATOM   1320 C C     . GLY A 1 179 ? -2.604  17.032  2.577   1.00 74.53  ? 179 GLY A C     1 
ATOM   1321 O O     . GLY A 1 179 ? -3.797  17.055  2.291   1.00 78.29  ? 179 GLY A O     1 
ATOM   1322 N N     . ASP A 1 180 ? -1.651  16.691  1.720   1.00 71.86  ? 180 ASP A N     1 
ATOM   1323 C CA    . ASP A 1 180 ? -1.938  16.292  0.358   1.00 67.59  ? 180 ASP A CA    1 
ATOM   1324 C C     . ASP A 1 180 ? -0.825  15.410  -0.233  1.00 62.81  ? 180 ASP A C     1 
ATOM   1325 O O     . ASP A 1 180 ? 0.248   15.300  0.313   1.00 58.51  ? 180 ASP A O     1 
ATOM   1326 C CB    . ASP A 1 180 ? -2.143  17.533  -0.498  1.00 71.49  ? 180 ASP A CB    1 
ATOM   1327 C CG    . ASP A 1 180 ? -1.023  18.526  -0.344  1.00 74.36  ? 180 ASP A CG    1 
ATOM   1328 O OD1   . ASP A 1 180 ? -1.043  19.549  -1.054  1.00 75.08  ? 180 ASP A OD1   1 
ATOM   1329 O OD2   . ASP A 1 180 ? -0.124  18.286  0.486   1.00 71.65  ? 180 ASP A OD2   1 
ATOM   1330 N N     . SER A 1 181 ? -1.098  14.784  -1.363  1.00 68.12  ? 181 SER A N     1 
ATOM   1331 C CA    . SER A 1 181 ? -0.146  13.898  -2.014  1.00 69.78  ? 181 SER A CA    1 
ATOM   1332 C C     . SER A 1 181 ? 0.933   14.647  -2.793  1.00 77.10  ? 181 SER A C     1 
ATOM   1333 O O     . SER A 1 181 ? 1.168   15.824  -2.559  1.00 84.57  ? 181 SER A O     1 
ATOM   1334 C CB    . SER A 1 181 ? -0.905  12.997  -2.957  1.00 58.14  ? 181 SER A CB    1 
ATOM   1335 O OG    . SER A 1 181 ? -1.702  13.823  -3.773  1.00 50.31  ? 181 SER A OG    1 
ATOM   1336 N N     . VAL A 1 182 ? 1.599   13.961  -3.716  1.00 80.17  ? 182 VAL A N     1 
ATOM   1337 C CA    . VAL A 1 182 ? 2.638   14.600  -4.514  1.00 79.18  ? 182 VAL A CA    1 
ATOM   1338 C C     . VAL A 1 182 ? 1.976   15.234  -5.732  1.00 81.39  ? 182 VAL A C     1 
ATOM   1339 O O     . VAL A 1 182 ? 2.495   16.191  -6.316  1.00 79.60  ? 182 VAL A O     1 
ATOM   1340 C CB    . VAL A 1 182 ? 3.701   13.580  -4.965  1.00 78.87  ? 182 VAL A CB    1 
ATOM   1341 C CG1   . VAL A 1 182 ? 4.564   13.168  -3.765  1.00 69.50  ? 182 VAL A CG1   1 
ATOM   1342 C CG2   . VAL A 1 182 ? 3.012   12.358  -5.601  1.00 70.71  ? 182 VAL A CG2   1 
ATOM   1343 N N     . PHE A 1 183 ? 0.811   14.699  -6.095  1.00 77.59  ? 183 PHE A N     1 
ATOM   1344 C CA    . PHE A 1 183 ? 0.047   15.198  -7.225  1.00 77.03  ? 183 PHE A CA    1 
ATOM   1345 C C     . PHE A 1 183 ? -0.429  16.608  -6.947  1.00 77.84  ? 183 PHE A C     1 
ATOM   1346 O O     . PHE A 1 183 ? -1.164  17.197  -7.750  1.00 77.72  ? 183 PHE A O     1 
ATOM   1347 C CB    . PHE A 1 183 ? -1.159  14.299  -7.482  1.00 77.00  ? 183 PHE A CB    1 
ATOM   1348 C CG    . PHE A 1 183 ? -0.802  12.917  -7.943  1.00 77.90  ? 183 PHE A CG    1 
ATOM   1349 C CD1   . PHE A 1 183 ? -0.306  12.703  -9.222  1.00 77.32  ? 183 PHE A CD1   1 
ATOM   1350 C CD2   . PHE A 1 183 ? -0.960  11.830  -7.096  1.00 76.06  ? 183 PHE A CD2   1 
ATOM   1351 C CE1   . PHE A 1 183 ? 0.022   11.423  -9.651  1.00 80.88  ? 183 PHE A CE1   1 
ATOM   1352 C CE2   . PHE A 1 183 ? -0.635  10.547  -7.513  1.00 78.95  ? 183 PHE A CE2   1 
ATOM   1353 C CZ    . PHE A 1 183 ? -0.141  10.340  -8.791  1.00 78.51  ? 183 PHE A CZ    1 
ATOM   1354 N N     . GLU A 1 184 ? -0.015  17.137  -5.795  1.00 77.35  ? 184 GLU A N     1 
ATOM   1355 C CA    . GLU A 1 184 ? -0.377  18.488  -5.371  1.00 76.86  ? 184 GLU A CA    1 
ATOM   1356 C C     . GLU A 1 184 ? 0.895   19.345  -5.328  1.00 80.71  ? 184 GLU A C     1 
ATOM   1357 O O     . GLU A 1 184 ? 0.931   20.407  -4.688  1.00 81.75  ? 184 GLU A O     1 
ATOM   1358 C CB    . GLU A 1 184 ? -1.073  18.464  -3.993  1.00 64.63  ? 184 GLU A CB    1 
ATOM   1359 C CG    . GLU A 1 184 ? -2.127  17.357  -3.817  1.00 72.82  ? 184 GLU A CG    1 
ATOM   1360 C CD    . GLU A 1 184 ? -3.098  17.220  -5.002  1.00 87.57  ? 184 GLU A CD    1 
ATOM   1361 O OE1   . GLU A 1 184 ? -3.789  16.200  -5.145  1.00 84.83  ? 184 GLU A OE1   1 
ATOM   1362 O OE2   . GLU A 1 184 ? -3.161  18.250  -5.845  1.00 91.32  ? 184 GLU A OE2   1 
ATOM   1363 N N     . SER A 1 185 ? 1.940   18.870  -6.018  1.00 84.76  ? 185 SER A N     1 
ATOM   1364 C CA    . SER A 1 185 ? 3.218   19.581  -6.102  1.00 86.10  ? 185 SER A CA    1 
ATOM   1365 C C     . SER A 1 185 ? 3.586   19.839  -7.563  1.00 88.47  ? 185 SER A C     1 
ATOM   1366 O O     . SER A 1 185 ? 2.758   19.706  -8.465  1.00 93.45  ? 185 SER A O     1 
ATOM   1367 C CB    . SER A 1 185 ? 4.342   18.780  -5.437  1.00 86.25  ? 185 SER A CB    1 
ATOM   1368 O OG    . SER A 1 185 ? 4.675   17.635  -6.197  1.00 73.43  ? 185 SER A OG    1 
ATOM   1369 N N     . SER A 1 186 ? 4.835   20.211  -7.795  1.00 90.51  ? 186 SER A N     1 
ATOM   1370 C CA    . SER A 1 186 ? 5.289   20.489  -9.143  1.00 89.43  ? 186 SER A CA    1 
ATOM   1371 C C     . SER A 1 186 ? 6.397   19.510  -9.521  1.00 90.04  ? 186 SER A C     1 
ATOM   1372 O O     . SER A 1 186 ? 7.094   19.707  -10.517 1.00 91.07  ? 186 SER A O     1 
ATOM   1373 C CB    . SER A 1 186 ? 5.742   21.946  -9.266  1.00 85.58  ? 186 SER A CB    1 
ATOM   1374 O OG    . SER A 1 186 ? 6.852   22.207  -8.424  1.00 20.00  ? 186 SER A OG    1 
ATOM   1375 N N     . ASP A 1 187 ? 6.552   18.448  -8.728  1.00 91.43  ? 187 ASP A N     1 
ATOM   1376 C CA    . ASP A 1 187 ? 7.585   17.433  -8.978  1.00 92.07  ? 187 ASP A CA    1 
ATOM   1377 C C     . ASP A 1 187 ? 7.066   16.376  -9.946  1.00 92.82  ? 187 ASP A C     1 
ATOM   1378 O O     . ASP A 1 187 ? 6.320   15.485  -9.547  1.00 96.06  ? 187 ASP A O     1 
ATOM   1379 C CB    . ASP A 1 187 ? 8.005   16.766  -7.659  1.00 90.94  ? 187 ASP A CB    1 
ATOM   1380 C CG    . ASP A 1 187 ? 9.255   15.901  -7.801  1.00 97.71  ? 187 ASP A CG    1 
ATOM   1381 O OD1   . ASP A 1 187 ? 9.195   14.849  -8.470  1.00 98.26  ? 187 ASP A OD1   1 
ATOM   1382 O OD2   . ASP A 1 187 ? 10.309  16.278  -7.242  1.00 101.27 ? 187 ASP A OD2   1 
ATOM   1383 N N     . GLY A 1 188 ? 7.470   16.471  -11.212 1.00 91.81  ? 188 GLY A N     1 
ATOM   1384 C CA    . GLY A 1 188 ? 7.012   15.518  -12.211 1.00 88.71  ? 188 GLY A CA    1 
ATOM   1385 C C     . GLY A 1 188 ? 7.551   14.113  -12.012 1.00 89.13  ? 188 GLY A C     1 
ATOM   1386 O O     . GLY A 1 188 ? 6.899   13.119  -12.346 1.00 84.11  ? 188 GLY A O     1 
ATOM   1387 N N     . ALA A 1 189 ? 8.753   14.036  -11.463 1.00 89.97  ? 189 ALA A N     1 
ATOM   1388 C CA    . ALA A 1 189 ? 9.396   12.759  -11.210 1.00 91.06  ? 189 ALA A CA    1 
ATOM   1389 C C     . ALA A 1 189 ? 8.548   11.881  -10.282 1.00 94.29  ? 189 ALA A C     1 
ATOM   1390 O O     . ALA A 1 189 ? 8.150   10.774  -10.656 1.00 99.22  ? 189 ALA A O     1 
ATOM   1391 C CB    . ALA A 1 189 ? 10.758  12.997  -10.602 1.00 88.93  ? 189 ALA A CB    1 
ATOM   1392 N N     . ALA A 1 190 ? 8.275   12.389  -9.076  1.00 90.12  ? 190 ALA A N     1 
ATOM   1393 C CA    . ALA A 1 190 ? 7.488   11.674  -8.067  1.00 81.25  ? 190 ALA A CA    1 
ATOM   1394 C C     . ALA A 1 190 ? 6.156   11.223  -8.608  1.00 78.42  ? 190 ALA A C     1 
ATOM   1395 O O     . ALA A 1 190 ? 5.766   10.072  -8.443  1.00 78.34  ? 190 ALA A O     1 
ATOM   1396 C CB    . ALA A 1 190 ? 7.266   12.557  -6.852  1.00 82.02  ? 190 ALA A CB    1 
ATOM   1397 N N     . LYS A 1 191 ? 5.446   12.148  -9.238  1.00 76.59  ? 191 LYS A N     1 
ATOM   1398 C CA    . LYS A 1 191 ? 4.144   11.833  -9.795  1.00 75.90  ? 191 LYS A CA    1 
ATOM   1399 C C     . LYS A 1 191 ? 4.296   10.701  -10.793 1.00 76.46  ? 191 LYS A C     1 
ATOM   1400 O O     . LYS A 1 191 ? 3.560   9.706   -10.746 1.00 71.61  ? 191 LYS A O     1 
ATOM   1401 C CB    . LYS A 1 191 ? 3.560   13.055  -10.485 1.00 72.44  ? 191 LYS A CB    1 
ATOM   1402 C CG    . LYS A 1 191 ? 3.544   14.324  -9.628  1.00 74.30  ? 191 LYS A CG    1 
ATOM   1403 C CD    . LYS A 1 191 ? 2.902   15.489  -10.408 1.00 78.84  ? 191 LYS A CD    1 
ATOM   1404 C CE    . LYS A 1 191 ? 3.196   16.864  -9.802  1.00 75.55  ? 191 LYS A CE    1 
ATOM   1405 N NZ    . LYS A 1 191 ? 2.657   18.002  -10.624 1.00 75.20  ? 191 LYS A NZ    1 
ATOM   1406 N N     . GLY A 1 192 ? 5.281   10.861  -11.673 1.00 74.70  ? 192 GLY A N     1 
ATOM   1407 C CA    . GLY A 1 192 ? 5.553   9.875   -12.700 1.00 78.44  ? 192 GLY A CA    1 
ATOM   1408 C C     . GLY A 1 192 ? 5.425   8.431   -12.269 1.00 83.48  ? 192 GLY A C     1 
ATOM   1409 O O     . GLY A 1 192 ? 4.491   7.736   -12.675 1.00 82.67  ? 192 GLY A O     1 
ATOM   1410 N N     . GLU A 1 193 ? 6.374   7.987   -11.446 1.00 89.60  ? 193 GLU A N     1 
ATOM   1411 C CA    . GLU A 1 193 ? 6.405   6.619   -10.941 1.00 88.77  ? 193 GLU A CA    1 
ATOM   1412 C C     . GLU A 1 193 ? 5.077   6.221   -10.317 1.00 88.50  ? 193 GLU A C     1 
ATOM   1413 O O     . GLU A 1 193 ? 4.555   5.130   -10.573 1.00 84.65  ? 193 GLU A O     1 
ATOM   1414 C CB    . GLU A 1 193 ? 7.551   6.454   -9.927  1.00 86.69  ? 193 GLU A CB    1 
ATOM   1415 C CG    . GLU A 1 193 ? 7.683   7.571   -8.900  1.00 91.83  ? 193 GLU A CG    1 
ATOM   1416 C CD    . GLU A 1 193 ? 8.961   7.463   -8.069  1.00 97.86  ? 193 GLU A CD    1 
ATOM   1417 O OE1   . GLU A 1 193 ? 9.160   8.299   -7.156  1.00 92.01  ? 193 GLU A OE1   1 
ATOM   1418 O OE2   . GLU A 1 193 ? 9.766   6.542   -8.329  1.00 102.38 ? 193 GLU A OE2   1 
ATOM   1419 N N     . ILE A 1 194 ? 4.516   7.110   -9.506  1.00 86.09  ? 194 ILE A N     1 
ATOM   1420 C CA    . ILE A 1 194 ? 3.254   6.799   -8.883  1.00 79.08  ? 194 ILE A CA    1 
ATOM   1421 C C     . ILE A 1 194 ? 2.219   6.429   -9.923  1.00 78.36  ? 194 ILE A C     1 
ATOM   1422 O O     . ILE A 1 194 ? 1.511   5.438   -9.748  1.00 71.80  ? 194 ILE A O     1 
ATOM   1423 C CB    . ILE A 1 194 ? 2.745   7.953   -8.074  1.00 77.50  ? 194 ILE A CB    1 
ATOM   1424 C CG1   . ILE A 1 194 ? 3.819   8.358   -7.078  1.00 76.64  ? 194 ILE A CG1   1 
ATOM   1425 C CG2   . ILE A 1 194 ? 1.483   7.534   -7.317  1.00 78.30  ? 194 ILE A CG2   1 
ATOM   1426 C CD1   . ILE A 1 194 ? 4.105   7.281   -6.081  1.00 66.71  ? 194 ILE A CD1   1 
ATOM   1427 N N     . GLU A 1 195 ? 2.136   7.214   -11.003 1.00 80.01  ? 195 GLU A N     1 
ATOM   1428 C CA    . GLU A 1 195 ? 1.171   6.959   -12.087 1.00 79.30  ? 195 GLU A CA    1 
ATOM   1429 C C     . GLU A 1 195 ? 1.464   5.653   -12.822 1.00 78.64  ? 195 GLU A C     1 
ATOM   1430 O O     . GLU A 1 195 ? 0.560   4.857   -13.052 1.00 76.46  ? 195 GLU A O     1 
ATOM   1431 C CB    . GLU A 1 195 ? 1.153   8.110   -13.107 1.00 78.30  ? 195 GLU A CB    1 
ATOM   1432 C CG    . GLU A 1 195 ? 0.652   9.457   -12.559 1.00 83.48  ? 195 GLU A CG    1 
ATOM   1433 C CD    . GLU A 1 195 ? 0.510   10.557  -13.623 1.00 85.24  ? 195 GLU A CD    1 
ATOM   1434 O OE1   . GLU A 1 195 ? 1.512   10.913  -14.282 1.00 84.66  ? 195 GLU A OE1   1 
ATOM   1435 O OE2   . GLU A 1 195 ? -0.616  11.076  -13.790 1.00 85.97  ? 195 GLU A OE2   1 
ATOM   1436 N N     . ILE A 1 196 ? 2.723   5.434   -13.193 1.00 77.26  ? 196 ILE A N     1 
ATOM   1437 C CA    . ILE A 1 196 ? 3.104   4.202   -13.882 1.00 74.68  ? 196 ILE A CA    1 
ATOM   1438 C C     . ILE A 1 196 ? 2.868   2.999   -12.974 1.00 79.00  ? 196 ILE A C     1 
ATOM   1439 O O     . ILE A 1 196 ? 2.529   1.909   -13.445 1.00 81.50  ? 196 ILE A O     1 
ATOM   1440 C CB    . ILE A 1 196 ? 4.582   4.207   -14.268 1.00 72.29  ? 196 ILE A CB    1 
ATOM   1441 C CG1   . ILE A 1 196 ? 4.848   5.301   -15.300 1.00 64.94  ? 196 ILE A CG1   1 
ATOM   1442 C CG2   . ILE A 1 196 ? 4.993   2.820   -14.756 1.00 66.78  ? 196 ILE A CG2   1 
ATOM   1443 C CD1   . ILE A 1 196 ? 6.313   5.477   -15.635 1.00 66.92  ? 196 ILE A CD1   1 
ATOM   1444 N N     . LEU A 1 197 ? 3.068   3.191   -11.672 1.00 79.68  ? 197 LEU A N     1 
ATOM   1445 C CA    . LEU A 1 197 ? 2.857   2.114   -10.714 1.00 80.02  ? 197 LEU A CA    1 
ATOM   1446 C C     . LEU A 1 197 ? 1.359   1.858   -10.599 1.00 81.89  ? 197 LEU A C     1 
ATOM   1447 O O     . LEU A 1 197 ? 0.919   0.700   -10.533 1.00 76.77  ? 197 LEU A O     1 
ATOM   1448 C CB    . LEU A 1 197 ? 3.435   2.490   -9.343  1.00 79.25  ? 197 LEU A CB    1 
ATOM   1449 C CG    . LEU A 1 197 ? 3.460   1.474   -8.185  1.00 83.42  ? 197 LEU A CG    1 
ATOM   1450 C CD1   . LEU A 1 197 ? 2.125   1.380   -7.486  1.00 84.36  ? 197 LEU A CD1   1 
ATOM   1451 C CD2   . LEU A 1 197 ? 3.843   0.121   -8.715  1.00 89.33  ? 197 LEU A CD2   1 
ATOM   1452 N N     . THR A 1 198 ? 0.577   2.941   -10.576 1.00 84.39  ? 198 THR A N     1 
ATOM   1453 C CA    . THR A 1 198 ? -0.874  2.819   -10.462 1.00 86.52  ? 198 THR A CA    1 
ATOM   1454 C C     . THR A 1 198 ? -1.433  2.154   -11.711 1.00 89.15  ? 198 THR A C     1 
ATOM   1455 O O     . THR A 1 198 ? -2.481  1.511   -11.665 1.00 94.20  ? 198 THR A O     1 
ATOM   1456 C CB    . THR A 1 198 ? -1.572  4.181   -10.282 1.00 82.87  ? 198 THR A CB    1 
ATOM   1457 O OG1   . THR A 1 198 ? -1.125  4.805   -9.076  1.00 84.12  ? 198 THR A OG1   1 
ATOM   1458 C CG2   . THR A 1 198 ? -3.073  3.987   -10.202 1.00 73.87  ? 198 THR A CG2   1 
ATOM   1459 N N     . LYS A 1 199 ? -0.729  2.317   -12.827 1.00 86.85  ? 199 LYS A N     1 
ATOM   1460 C CA    . LYS A 1 199 ? -1.144  1.711   -14.082 1.00 84.26  ? 199 LYS A CA    1 
ATOM   1461 C C     . LYS A 1 199 ? -0.969  0.196   -13.971 1.00 86.42  ? 199 LYS A C     1 
ATOM   1462 O O     . LYS A 1 199 ? -1.822  -0.579  -14.417 1.00 84.08  ? 199 LYS A O     1 
ATOM   1463 C CB    . LYS A 1 199 ? -0.290  2.260   -15.218 1.00 85.41  ? 199 LYS A CB    1 
ATOM   1464 C CG    . LYS A 1 199 ? -0.552  3.722   -15.543 1.00 85.15  ? 199 LYS A CG    1 
ATOM   1465 C CD    . LYS A 1 199 ? 0.442   4.234   -16.580 1.00 89.40  ? 199 LYS A CD    1 
ATOM   1466 C CE    . LYS A 1 199 ? 0.285   5.734   -16.835 1.00 94.88  ? 199 LYS A CE    1 
ATOM   1467 N NZ    . LYS A 1 199 ? 1.395   6.331   -17.651 1.00 91.93  ? 199 LYS A NZ    1 
ATOM   1468 N N     . GLU A 1 200 ? 0.144   -0.216  -13.366 1.00 85.86  ? 200 GLU A N     1 
ATOM   1469 C CA    . GLU A 1 200 ? 0.444   -1.630  -13.160 1.00 81.40  ? 200 GLU A CA    1 
ATOM   1470 C C     . GLU A 1 200 ? -0.585  -2.247  -12.242 1.00 77.92  ? 200 GLU A C     1 
ATOM   1471 O O     . GLU A 1 200 ? -1.055  -3.351  -12.487 1.00 78.65  ? 200 GLU A O     1 
ATOM   1472 C CB    . GLU A 1 200 ? 1.821   -1.800  -12.532 1.00 81.31  ? 200 GLU A CB    1 
ATOM   1473 C CG    . GLU A 1 200 ? 2.916   -1.172  -13.349 1.00 89.09  ? 200 GLU A CG    1 
ATOM   1474 C CD    . GLU A 1 200 ? 4.287   -1.710  -13.002 1.00 94.86  ? 200 GLU A CD    1 
ATOM   1475 O OE1   . GLU A 1 200 ? 4.387   -2.906  -12.639 1.00 88.14  ? 200 GLU A OE1   1 
ATOM   1476 O OE2   . GLU A 1 200 ? 5.267   -0.938  -13.116 1.00 101.22 ? 200 GLU A OE2   1 
ATOM   1477 N N     . ILE A 1 201 ? -0.922  -1.526  -11.178 1.00 75.34  ? 201 ILE A N     1 
ATOM   1478 C CA    . ILE A 1 201 ? -1.905  -1.995  -10.204 1.00 71.45  ? 201 ILE A CA    1 
ATOM   1479 C C     . ILE A 1 201 ? -3.247  -2.318  -10.848 1.00 70.07  ? 201 ILE A C     1 
ATOM   1480 O O     . ILE A 1 201 ? -3.878  -3.322  -10.508 1.00 65.76  ? 201 ILE A O     1 
ATOM   1481 C CB    . ILE A 1 201 ? -2.152  -0.951  -9.091  1.00 65.27  ? 201 ILE A CB    1 
ATOM   1482 C CG1   . ILE A 1 201 ? -0.880  -0.736  -8.275  1.00 60.83  ? 201 ILE A CG1   1 
ATOM   1483 C CG2   . ILE A 1 201 ? -3.287  -1.410  -8.199  1.00 54.33  ? 201 ILE A CG2   1 
ATOM   1484 C CD1   . ILE A 1 201 ? -1.056  0.279   -7.168  1.00 52.70  ? 201 ILE A CD1   1 
ATOM   1485 N N     . VAL A 1 202 ? -3.682  -1.459  -11.768 1.00 70.06  ? 202 VAL A N     1 
ATOM   1486 C CA    . VAL A 1 202 ? -4.956  -1.655  -12.451 1.00 71.34  ? 202 VAL A CA    1 
ATOM   1487 C C     . VAL A 1 202 ? -4.851  -2.811  -13.448 1.00 75.41  ? 202 VAL A C     1 
ATOM   1488 O O     . VAL A 1 202 ? -5.811  -3.556  -13.667 1.00 70.95  ? 202 VAL A O     1 
ATOM   1489 C CB    . VAL A 1 202 ? -5.401  -0.370  -13.187 1.00 66.33  ? 202 VAL A CB    1 
ATOM   1490 C CG1   . VAL A 1 202 ? -6.778  -0.579  -13.807 1.00 63.16  ? 202 VAL A CG1   1 
ATOM   1491 C CG2   . VAL A 1 202 ? -5.430  0.824   -12.214 1.00 64.01  ? 202 VAL A CG2   1 
ATOM   1492 N N     . ARG A 1 203 ? -3.673  -2.966  -14.042 1.00 78.66  ? 203 ARG A N     1 
ATOM   1493 C CA    . ARG A 1 203 ? -3.438  -4.035  -15.007 1.00 80.56  ? 203 ARG A CA    1 
ATOM   1494 C C     . ARG A 1 203 ? -3.683  -5.378  -14.325 1.00 78.01  ? 203 ARG A C     1 
ATOM   1495 O O     . ARG A 1 203 ? -4.321  -6.270  -14.878 1.00 78.89  ? 203 ARG A O     1 
ATOM   1496 C CB    . ARG A 1 203 ? -2.002  -3.942  -15.525 1.00 86.44  ? 203 ARG A CB    1 
ATOM   1497 C CG    . ARG A 1 203 ? -1.703  -4.814  -16.727 1.00 99.61  ? 203 ARG A CG    1 
ATOM   1498 C CD    . ARG A 1 203 ? -2.594  -4.462  -17.907 1.00 112.15 ? 203 ARG A CD    1 
ATOM   1499 N NE    . ARG A 1 203 ? -2.130  -5.098  -19.138 1.00 122.95 ? 203 ARG A NE    1 
ATOM   1500 C CZ    . ARG A 1 203 ? -2.772  -5.042  -20.301 1.00 128.03 ? 203 ARG A CZ    1 
ATOM   1501 N NH1   . ARG A 1 203 ? -3.919  -4.379  -20.405 1.00 128.16 ? 203 ARG A NH1   1 
ATOM   1502 N NH2   . ARG A 1 203 ? -2.252  -5.638  -21.370 1.00 128.88 ? 203 ARG A NH2   1 
ATOM   1503 N N     . ILE A 1 204 ? -3.178  -5.504  -13.104 1.00 80.00  ? 204 ILE A N     1 
ATOM   1504 C CA    . ILE A 1 204 ? -3.330  -6.718  -12.309 1.00 78.67  ? 204 ILE A CA    1 
ATOM   1505 C C     . ILE A 1 204 ? -4.791  -7.193  -12.325 1.00 85.59  ? 204 ILE A C     1 
ATOM   1506 O O     . ILE A 1 204 ? -5.063  -8.368  -12.099 1.00 87.64  ? 204 ILE A O     1 
ATOM   1507 C CB    . ILE A 1 204 ? -2.909  -6.483  -10.821 1.00 71.72  ? 204 ILE A CB    1 
ATOM   1508 C CG1   . ILE A 1 204 ? -1.527  -5.819  -10.733 1.00 68.17  ? 204 ILE A CG1   1 
ATOM   1509 C CG2   . ILE A 1 204 ? -2.935  -7.786  -10.066 1.00 60.57  ? 204 ILE A CG2   1 
ATOM   1510 C CD1   . ILE A 1 204 ? -0.373  -6.606  -11.327 1.00 70.27  ? 204 ILE A CD1   1 
ATOM   1511 N N     . PHE A 1 205 ? -5.730  -6.281  -12.591 1.00 91.88  ? 205 PHE A N     1 
ATOM   1512 C CA    . PHE A 1 205 ? -7.156  -6.629  -12.620 1.00 96.31  ? 205 PHE A CA    1 
ATOM   1513 C C     . PHE A 1 205 ? -7.714  -6.885  -14.024 1.00 100.15 ? 205 PHE A C     1 
ATOM   1514 O O     . PHE A 1 205 ? -8.898  -6.638  -14.287 1.00 96.26  ? 205 PHE A O     1 
ATOM   1515 C CB    . PHE A 1 205 ? -7.997  -5.546  -11.927 1.00 92.85  ? 205 PHE A CB    1 
ATOM   1516 C CG    . PHE A 1 205 ? -7.754  -5.442  -10.444 1.00 88.97  ? 205 PHE A CG    1 
ATOM   1517 C CD1   . PHE A 1 205 ? -6.658  -4.743  -9.957  1.00 87.75  ? 205 PHE A CD1   1 
ATOM   1518 C CD2   . PHE A 1 205 ? -8.602  -6.074  -9.534  1.00 84.88  ? 205 PHE A CD2   1 
ATOM   1519 C CE1   . PHE A 1 205 ? -6.405  -4.675  -8.586  1.00 89.10  ? 205 PHE A CE1   1 
ATOM   1520 C CE2   . PHE A 1 205 ? -8.357  -6.011  -8.161  1.00 78.84  ? 205 PHE A CE2   1 
ATOM   1521 C CZ    . PHE A 1 205 ? -7.259  -5.313  -7.687  1.00 82.89  ? 205 PHE A CZ    1 
ATOM   1522 N N     . GLU A 1 206 ? -6.853  -7.393  -14.909 1.00 104.33 ? 206 GLU A N     1 
ATOM   1523 C CA    . GLU A 1 206 ? -7.223  -7.709  -16.287 1.00 108.36 ? 206 GLU A CA    1 
ATOM   1524 C C     . GLU A 1 206 ? -7.280  -9.221  -16.514 1.00 111.66 ? 206 GLU A C     1 
ATOM   1525 O O     . GLU A 1 206 ? -6.208  -9.868  -16.504 1.00 110.61 ? 206 GLU A O     1 
ATOM   1526 C CB    . GLU A 1 206 ? -6.221  -7.080  -17.255 1.00 109.82 ? 206 GLU A CB    1 
ATOM   1527 C CG    . GLU A 1 206 ? -6.060  -5.587  -17.062 1.00 116.24 ? 206 GLU A CG    1 
ATOM   1528 C CD    . GLU A 1 206 ? -7.375  -4.910  -16.729 1.00 121.17 ? 206 GLU A CD    1 
ATOM   1529 O OE1   . GLU A 1 206 ? -8.374  -5.186  -17.422 1.00 124.82 ? 206 GLU A OE1   1 
ATOM   1530 O OE2   . GLU A 1 206 ? -7.408  -4.106  -15.774 1.00 125.23 ? 206 GLU A OE2   1 
ATOM   1531 O OXT   . GLU A 1 206 ? -8.403  -9.745  -16.691 1.00 115.30 ? 206 GLU A OXT   1 
HETATM 1532 P PG    . ACP B 2 .   ? 1.639   3.439   8.781   1.00 119.39 ? 301 ACP A PG    1 
HETATM 1533 O O1G   . ACP B 2 .   ? 0.892   2.594   7.808   1.00 110.64 ? 301 ACP A O1G   1 
HETATM 1534 O O2G   . ACP B 2 .   ? 0.846   4.578   9.330   1.00 104.45 ? 301 ACP A O2G   1 
HETATM 1535 O O3G   . ACP B 2 .   ? 2.195   2.546   9.885   1.00 109.73 ? 301 ACP A O3G   1 
HETATM 1536 P PB    . ACP B 2 .   ? 4.135   2.943   7.481   1.00 103.56 ? 301 ACP A PB    1 
HETATM 1537 O O1B   . ACP B 2 .   ? 5.175   2.564   8.456   1.00 107.05 ? 301 ACP A O1B   1 
HETATM 1538 O O2B   . ACP B 2 .   ? 3.867   2.610   6.088   1.00 98.19  ? 301 ACP A O2B   1 
HETATM 1539 C C3B   . ACP B 2 .   ? 3.021   4.049   8.071   1.00 102.54 ? 301 ACP A C3B   1 
HETATM 1540 P PA    . ACP B 2 .   ? 5.105   5.487   6.333   1.00 92.26  ? 301 ACP A PA    1 
HETATM 1541 O O1A   . ACP B 2 .   ? 4.662   5.355   4.927   1.00 102.66 ? 301 ACP A O1A   1 
HETATM 1542 O O2A   . ACP B 2 .   ? 4.283   6.292   7.251   1.00 99.39  ? 301 ACP A O2A   1 
HETATM 1543 O O3A   . ACP B 2 .   ? 5.201   4.045   7.037   1.00 93.58  ? 301 ACP A O3A   1 
HETATM 1544 O "O5'" . ACP B 2 .   ? 6.585   6.048   6.234   1.00 76.44  ? 301 ACP A "O5'" 1 
HETATM 1545 C "C5'" . ACP B 2 .   ? 7.413   6.177   7.419   1.00 86.48  ? 301 ACP A "C5'" 1 
HETATM 1546 C "C4'" . ACP B 2 .   ? 8.535   7.180   7.262   1.00 87.37  ? 301 ACP A "C4'" 1 
HETATM 1547 O "O4'" . ACP B 2 .   ? 9.096   6.982   5.949   1.00 81.57  ? 301 ACP A "O4'" 1 
HETATM 1548 C "C3'" . ACP B 2 .   ? 8.107   8.651   7.320   1.00 89.04  ? 301 ACP A "C3'" 1 
HETATM 1549 O "O3'" . ACP B 2 .   ? 9.159   9.347   8.066   1.00 89.37  ? 301 ACP A "O3'" 1 
HETATM 1550 C "C2'" . ACP B 2 .   ? 7.997   9.023   5.862   1.00 87.12  ? 301 ACP A "C2'" 1 
HETATM 1551 O "O2'" . ACP B 2 .   ? 8.189   10.424  5.609   1.00 91.65  ? 301 ACP A "O2'" 1 
HETATM 1552 C "C1'" . ACP B 2 .   ? 9.052   8.167   5.148   1.00 76.17  ? 301 ACP A "C1'" 1 
HETATM 1553 N N9    . ACP B 2 .   ? 8.689   7.707   3.780   1.00 72.09  ? 301 ACP A N9    1 
HETATM 1554 C C8    . ACP B 2 .   ? 7.765   6.747   3.373   1.00 68.09  ? 301 ACP A C8    1 
HETATM 1555 N N7    . ACP B 2 .   ? 7.700   6.569   2.077   1.00 57.74  ? 301 ACP A N7    1 
HETATM 1556 C C5    . ACP B 2 .   ? 8.615   7.464   1.604   1.00 50.02  ? 301 ACP A C5    1 
HETATM 1557 C C6    . ACP B 2 .   ? 9.050   7.776   0.286   1.00 58.85  ? 301 ACP A C6    1 
HETATM 1558 N N6    . ACP B 2 .   ? 8.507   7.150   -0.763  1.00 60.55  ? 301 ACP A N6    1 
HETATM 1559 N N1    . ACP B 2 .   ? 10.033  8.756   0.105   1.00 61.22  ? 301 ACP A N1    1 
HETATM 1560 C C2    . ACP B 2 .   ? 10.572  9.386   1.201   1.00 59.24  ? 301 ACP A C2    1 
HETATM 1561 N N3    . ACP B 2 .   ? 10.243  9.159   2.512   1.00 53.30  ? 301 ACP A N3    1 
HETATM 1562 C C4    . ACP B 2 .   ? 9.248   8.166   2.632   1.00 59.92  ? 301 ACP A C4    1 
HETATM 1563 S S     . SO4 C 3 .   ? -16.115 18.629  -4.773  1.00 196.26 ? 302 SO4 A S     1 
HETATM 1564 O O1    . SO4 C 3 .   ? -15.662 19.515  -5.862  1.00 194.78 ? 302 SO4 A O1    1 
HETATM 1565 O O2    . SO4 C 3 .   ? -17.572 18.470  -4.845  1.00 194.40 ? 302 SO4 A O2    1 
HETATM 1566 O O3    . SO4 C 3 .   ? -15.746 19.225  -3.476  1.00 195.03 ? 302 SO4 A O3    1 
HETATM 1567 O O4    . SO4 C 3 .   ? -15.467 17.309  -4.907  1.00 194.59 ? 302 SO4 A O4    1 
# 
